data_7X4B
# 
_entry.id   7X4B 
# 
_audit_conform.dict_name       mmcif_pdbx.dic 
_audit_conform.dict_version    5.397 
_audit_conform.dict_location   http://mmcif.pdb.org/dictionaries/ascii/mmcif_pdbx.dic 
# 
loop_
_database_2.database_id 
_database_2.database_code 
_database_2.pdbx_database_accession 
_database_2.pdbx_DOI 
PDB   7X4B         pdb_00007x4b 10.2210/pdb7x4b/pdb 
WWPDB D_1300027942 ?            ?                   
# 
loop_
_pdbx_audit_revision_history.ordinal 
_pdbx_audit_revision_history.data_content_type 
_pdbx_audit_revision_history.major_revision 
_pdbx_audit_revision_history.minor_revision 
_pdbx_audit_revision_history.revision_date 
1 'Structure model' 1 0 2022-10-26 
2 'Structure model' 1 1 2023-02-22 
3 'Structure model' 1 2 2023-11-29 
4 'Structure model' 1 3 2024-10-23 
# 
_pdbx_audit_revision_details.ordinal             1 
_pdbx_audit_revision_details.revision_ordinal    1 
_pdbx_audit_revision_details.data_content_type   'Structure model' 
_pdbx_audit_revision_details.provider            repository 
_pdbx_audit_revision_details.type                'Initial release' 
_pdbx_audit_revision_details.description         ? 
_pdbx_audit_revision_details.details             ? 
# 
loop_
_pdbx_audit_revision_group.ordinal 
_pdbx_audit_revision_group.revision_ordinal 
_pdbx_audit_revision_group.data_content_type 
_pdbx_audit_revision_group.group 
1 2 'Structure model' 'Database references'    
2 3 'Structure model' 'Data collection'        
3 3 'Structure model' 'Refinement description' 
4 4 'Structure model' 'Structure summary'      
# 
loop_
_pdbx_audit_revision_category.ordinal 
_pdbx_audit_revision_category.revision_ordinal 
_pdbx_audit_revision_category.data_content_type 
_pdbx_audit_revision_category.category 
1 2 'Structure model' citation                      
2 2 'Structure model' citation_author               
3 3 'Structure model' chem_comp_atom                
4 3 'Structure model' chem_comp_bond                
5 3 'Structure model' pdbx_initial_refinement_model 
6 4 'Structure model' pdbx_entry_details            
7 4 'Structure model' pdbx_modification_feature     
# 
loop_
_pdbx_audit_revision_item.ordinal 
_pdbx_audit_revision_item.revision_ordinal 
_pdbx_audit_revision_item.data_content_type 
_pdbx_audit_revision_item.item 
1  2 'Structure model' '_citation.country'                            
2  2 'Structure model' '_citation.journal_abbrev'                     
3  2 'Structure model' '_citation.journal_id_CSD'                     
4  2 'Structure model' '_citation.journal_id_ISSN'                    
5  2 'Structure model' '_citation.journal_volume'                     
6  2 'Structure model' '_citation.page_first'                         
7  2 'Structure model' '_citation.page_last'                          
8  2 'Structure model' '_citation.pdbx_database_id_DOI'               
9  2 'Structure model' '_citation.pdbx_database_id_PubMed'            
10 2 'Structure model' '_citation.title'                              
11 2 'Structure model' '_citation.year'                               
12 4 'Structure model' '_pdbx_entry_details.has_protein_modification' 
# 
_pdbx_database_status.status_code                     REL 
_pdbx_database_status.status_code_sf                  REL 
_pdbx_database_status.status_code_mr                  ? 
_pdbx_database_status.entry_id                        7X4B 
_pdbx_database_status.recvd_initial_deposition_date   2022-03-02 
_pdbx_database_status.SG_entry                        N 
_pdbx_database_status.deposit_site                    PDBJ 
_pdbx_database_status.process_site                    PDBJ 
_pdbx_database_status.status_code_cs                  ? 
_pdbx_database_status.status_code_nmr_data            ? 
_pdbx_database_status.methods_development_category    ? 
_pdbx_database_status.pdb_format_compatible           Y 
# 
_pdbx_contact_author.id                 2 
_pdbx_contact_author.email              fanyang115@hit.edu.cn 
_pdbx_contact_author.name_first         Fan 
_pdbx_contact_author.name_last          Yang 
_pdbx_contact_author.name_mi            ? 
_pdbx_contact_author.role               'principal investigator/group leader' 
_pdbx_contact_author.identifier_ORCID   0000-0002-0841-8933 
# 
loop_
_audit_author.name 
_audit_author.pdbx_ordinal 
_audit_author.identifier_ORCID 
'Hu, J.'    1 0000-0003-3875-2868 
'Zhang, S.' 2 0000-0003-1051-7196 
'Gao, J.Y.' 3 0000-0002-3100-6080 
'Liu, X.'   4 0000-0001-8258-6372 
'Liu, J.'   5 0000-0001-7090-2112 
# 
_citation.abstract                  ? 
_citation.abstract_id_CAS           ? 
_citation.book_id_ISBN              ? 
_citation.book_publisher            ? 
_citation.book_publisher_city       ? 
_citation.book_title                ? 
_citation.coordinate_linkage        ? 
_citation.country                   UK 
_citation.database_id_Medline       ? 
_citation.details                   ? 
_citation.id                        primary 
_citation.journal_abbrev            'Nat Commun' 
_citation.journal_id_ASTM           ? 
_citation.journal_id_CSD            ? 
_citation.journal_id_ISSN           2041-1723 
_citation.journal_full              ? 
_citation.journal_issue             ? 
_citation.journal_volume            13 
_citation.language                  ? 
_citation.page_first                7071 
_citation.page_last                 7071 
_citation.title                     'A redox switch regulates the assembly and anti-CRISPR activity of AcrIIC1.' 
_citation.year                      2022 
_citation.database_id_CSD           ? 
_citation.pdbx_database_id_DOI      10.1038/s41467-022-34551-8 
_citation.pdbx_database_id_PubMed   36400778 
_citation.pdbx_database_id_patent   ? 
_citation.unpublished_flag          ? 
# 
loop_
_citation_author.citation_id 
_citation_author.name 
_citation_author.ordinal 
_citation_author.identifier_ORCID 
primary 'Zhao, Y.'   1  ?                   
primary 'Hu, J.'     2  ?                   
primary 'Yang, S.S.' 3  ?                   
primary 'Zhong, J.'  4  ?                   
primary 'Liu, J.'    5  0000-0001-7090-2112 
primary 'Wang, S.'   6  0000-0003-3119-6950 
primary 'Jiao, Y.'   7  ?                   
primary 'Jiang, F.'  8  ?                   
primary 'Zhai, R.'   9  ?                   
primary 'Ren, B.'    10 ?                   
primary 'Cong, H.'   11 ?                   
primary 'Zhu, Y.'    12 ?                   
primary 'Han, F.'    13 ?                   
primary 'Zhang, J.'  14 ?                   
primary 'Xu, Y.'     15 ?                   
primary 'Huang, Z.'  16 0000-0002-8201-9391 
primary 'Zhang, S.'  17 ?                   
primary 'Yang, F.'   18 0000-0002-0841-8933 
# 
loop_
_entity.id 
_entity.type 
_entity.src_method 
_entity.pdbx_description 
_entity.formula_weight 
_entity.pdbx_number_of_molecules 
_entity.pdbx_ec 
_entity.pdbx_mutation 
_entity.pdbx_fragment 
_entity.details 
1 polymer     man 'Anti-CRISPR protein (AcrIIC1)' 9637.853 2   ? ? ? ? 
2 non-polymer nat 'SULFATE ION'                   96.063   1   ? ? ? ? 
3 water       nat water                           18.015   178 ? ? ? ? 
# 
_entity_poly.entity_id                      1 
_entity_poly.type                           'polypeptide(L)' 
_entity_poly.nstd_linkage                   no 
_entity_poly.nstd_monomer                   no 
_entity_poly.pdbx_seq_one_letter_code       
;MANKTYKIGKNAGYDGCGLCLAAISENEAIKVKYLRDICPDYDGDDKAEDWLRWGTDSRVKAAALEMEQYAYTSVGMASC
WEFVEL
;
_entity_poly.pdbx_seq_one_letter_code_can   
;MANKTYKIGKNAGYDGCGLCLAAISENEAIKVKYLRDICPDYDGDDKAEDWLRWGTDSRVKAAALEMEQYAYTSVGMASC
WEFVEL
;
_entity_poly.pdbx_strand_id                 A,B 
_entity_poly.pdbx_target_identifier         ? 
# 
loop_
_pdbx_entity_nonpoly.entity_id 
_pdbx_entity_nonpoly.name 
_pdbx_entity_nonpoly.comp_id 
2 'SULFATE ION' SO4 
3 water         HOH 
# 
loop_
_entity_poly_seq.entity_id 
_entity_poly_seq.num 
_entity_poly_seq.mon_id 
_entity_poly_seq.hetero 
1 1  MET n 
1 2  ALA n 
1 3  ASN n 
1 4  LYS n 
1 5  THR n 
1 6  TYR n 
1 7  LYS n 
1 8  ILE n 
1 9  GLY n 
1 10 LYS n 
1 11 ASN n 
1 12 ALA n 
1 13 GLY n 
1 14 TYR n 
1 15 ASP n 
1 16 GLY n 
1 17 CYS n 
1 18 GLY n 
1 19 LEU n 
1 20 CYS n 
1 21 LEU n 
1 22 ALA n 
1 23 ALA n 
1 24 ILE n 
1 25 SER n 
1 26 GLU n 
1 27 ASN n 
1 28 GLU n 
1 29 ALA n 
1 30 ILE n 
1 31 LYS n 
1 32 VAL n 
1 33 LYS n 
1 34 TYR n 
1 35 LEU n 
1 36 ARG n 
1 37 ASP n 
1 38 ILE n 
1 39 CYS n 
1 40 PRO n 
1 41 ASP n 
1 42 TYR n 
1 43 ASP n 
1 44 GLY n 
1 45 ASP n 
1 46 ASP n 
1 47 LYS n 
1 48 ALA n 
1 49 GLU n 
1 50 ASP n 
1 51 TRP n 
1 52 LEU n 
1 53 ARG n 
1 54 TRP n 
1 55 GLY n 
1 56 THR n 
1 57 ASP n 
1 58 SER n 
1 59 ARG n 
1 60 VAL n 
1 61 LYS n 
1 62 ALA n 
1 63 ALA n 
1 64 ALA n 
1 65 LEU n 
1 66 GLU n 
1 67 MET n 
1 68 GLU n 
1 69 GLN n 
1 70 TYR n 
1 71 ALA n 
1 72 TYR n 
1 73 THR n 
1 74 SER n 
1 75 VAL n 
1 76 GLY n 
1 77 MET n 
1 78 ALA n 
1 79 SER n 
1 80 CYS n 
1 81 TRP n 
1 82 GLU n 
1 83 PHE n 
1 84 VAL n 
1 85 GLU n 
1 86 LEU n 
# 
_entity_src_gen.entity_id                          1 
_entity_src_gen.pdbx_src_id                        1 
_entity_src_gen.pdbx_alt_source_flag               sample 
_entity_src_gen.pdbx_seq_type                      'Biological sequence' 
_entity_src_gen.pdbx_beg_seq_num                   1 
_entity_src_gen.pdbx_end_seq_num                   86 
_entity_src_gen.gene_src_common_name               ? 
_entity_src_gen.gene_src_genus                     ? 
_entity_src_gen.pdbx_gene_src_gene                 ? 
_entity_src_gen.gene_src_species                   ? 
_entity_src_gen.gene_src_strain                    ? 
_entity_src_gen.gene_src_tissue                    ? 
_entity_src_gen.gene_src_tissue_fraction           ? 
_entity_src_gen.gene_src_details                   ? 
_entity_src_gen.pdbx_gene_src_fragment             ? 
_entity_src_gen.pdbx_gene_src_scientific_name      'Neisseria meningitidis' 
_entity_src_gen.pdbx_gene_src_ncbi_taxonomy_id     487 
_entity_src_gen.pdbx_gene_src_variant              ? 
_entity_src_gen.pdbx_gene_src_cell_line            ? 
_entity_src_gen.pdbx_gene_src_atcc                 ? 
_entity_src_gen.pdbx_gene_src_organ                ? 
_entity_src_gen.pdbx_gene_src_organelle            ? 
_entity_src_gen.pdbx_gene_src_cell                 ? 
_entity_src_gen.pdbx_gene_src_cellular_location    ? 
_entity_src_gen.host_org_common_name               ? 
_entity_src_gen.pdbx_host_org_scientific_name      'Escherichia coli BL21(DE3)' 
_entity_src_gen.pdbx_host_org_ncbi_taxonomy_id     469008 
_entity_src_gen.host_org_genus                     ? 
_entity_src_gen.pdbx_host_org_gene                 ? 
_entity_src_gen.pdbx_host_org_organ                ? 
_entity_src_gen.host_org_species                   ? 
_entity_src_gen.pdbx_host_org_tissue               ? 
_entity_src_gen.pdbx_host_org_tissue_fraction      ? 
_entity_src_gen.pdbx_host_org_strain               ? 
_entity_src_gen.pdbx_host_org_variant              ? 
_entity_src_gen.pdbx_host_org_cell_line            ? 
_entity_src_gen.pdbx_host_org_atcc                 ? 
_entity_src_gen.pdbx_host_org_culture_collection   ? 
_entity_src_gen.pdbx_host_org_cell                 ? 
_entity_src_gen.pdbx_host_org_organelle            ? 
_entity_src_gen.pdbx_host_org_cellular_location    ? 
_entity_src_gen.pdbx_host_org_vector_type          ? 
_entity_src_gen.pdbx_host_org_vector               ? 
_entity_src_gen.host_org_details                   ? 
_entity_src_gen.expression_system_id               ? 
_entity_src_gen.plasmid_name                       ? 
_entity_src_gen.plasmid_details                    ? 
_entity_src_gen.pdbx_description                   ? 
# 
loop_
_chem_comp.id 
_chem_comp.type 
_chem_comp.mon_nstd_flag 
_chem_comp.name 
_chem_comp.pdbx_synonyms 
_chem_comp.formula 
_chem_comp.formula_weight 
ALA 'L-peptide linking' y ALANINE         ? 'C3 H7 N O2'     89.093  
ARG 'L-peptide linking' y ARGININE        ? 'C6 H15 N4 O2 1' 175.209 
ASN 'L-peptide linking' y ASPARAGINE      ? 'C4 H8 N2 O3'    132.118 
ASP 'L-peptide linking' y 'ASPARTIC ACID' ? 'C4 H7 N O4'     133.103 
CYS 'L-peptide linking' y CYSTEINE        ? 'C3 H7 N O2 S'   121.158 
GLN 'L-peptide linking' y GLUTAMINE       ? 'C5 H10 N2 O3'   146.144 
GLU 'L-peptide linking' y 'GLUTAMIC ACID' ? 'C5 H9 N O4'     147.129 
GLY 'peptide linking'   y GLYCINE         ? 'C2 H5 N O2'     75.067  
HOH non-polymer         . WATER           ? 'H2 O'           18.015  
ILE 'L-peptide linking' y ISOLEUCINE      ? 'C6 H13 N O2'    131.173 
LEU 'L-peptide linking' y LEUCINE         ? 'C6 H13 N O2'    131.173 
LYS 'L-peptide linking' y LYSINE          ? 'C6 H15 N2 O2 1' 147.195 
MET 'L-peptide linking' y METHIONINE      ? 'C5 H11 N O2 S'  149.211 
PHE 'L-peptide linking' y PHENYLALANINE   ? 'C9 H11 N O2'    165.189 
PRO 'L-peptide linking' y PROLINE         ? 'C5 H9 N O2'     115.130 
SER 'L-peptide linking' y SERINE          ? 'C3 H7 N O3'     105.093 
SO4 non-polymer         . 'SULFATE ION'   ? 'O4 S -2'        96.063  
THR 'L-peptide linking' y THREONINE       ? 'C4 H9 N O3'     119.119 
TRP 'L-peptide linking' y TRYPTOPHAN      ? 'C11 H12 N2 O2'  204.225 
TYR 'L-peptide linking' y TYROSINE        ? 'C9 H11 N O3'    181.189 
VAL 'L-peptide linking' y VALINE          ? 'C5 H11 N O2'    117.146 
# 
loop_
_pdbx_poly_seq_scheme.asym_id 
_pdbx_poly_seq_scheme.entity_id 
_pdbx_poly_seq_scheme.seq_id 
_pdbx_poly_seq_scheme.mon_id 
_pdbx_poly_seq_scheme.ndb_seq_num 
_pdbx_poly_seq_scheme.pdb_seq_num 
_pdbx_poly_seq_scheme.auth_seq_num 
_pdbx_poly_seq_scheme.pdb_mon_id 
_pdbx_poly_seq_scheme.auth_mon_id 
_pdbx_poly_seq_scheme.pdb_strand_id 
_pdbx_poly_seq_scheme.pdb_ins_code 
_pdbx_poly_seq_scheme.hetero 
A 1 1  MET 1  0  ?  ?   ?   A . n 
A 1 2  ALA 2  1  ?  ?   ?   A . n 
A 1 3  ASN 3  2  ?  ?   ?   A . n 
A 1 4  LYS 4  3  3  LYS LYS A . n 
A 1 5  THR 5  4  4  THR THR A . n 
A 1 6  TYR 6  5  5  TYR TYR A . n 
A 1 7  LYS 7  6  6  LYS LYS A . n 
A 1 8  ILE 8  7  7  ILE ILE A . n 
A 1 9  GLY 9  8  8  GLY GLY A . n 
A 1 10 LYS 10 9  9  LYS LYS A . n 
A 1 11 ASN 11 10 10 ASN ASN A . n 
A 1 12 ALA 12 11 11 ALA ALA A . n 
A 1 13 GLY 13 12 12 GLY GLY A . n 
A 1 14 TYR 14 13 13 TYR TYR A . n 
A 1 15 ASP 15 14 14 ASP ASP A . n 
A 1 16 GLY 16 15 15 GLY GLY A . n 
A 1 17 CYS 17 16 16 CYS CYS A . n 
A 1 18 GLY 18 17 17 GLY GLY A . n 
A 1 19 LEU 19 18 18 LEU LEU A . n 
A 1 20 CYS 20 19 19 CYS CYS A . n 
A 1 21 LEU 21 20 20 LEU LEU A . n 
A 1 22 ALA 22 21 21 ALA ALA A . n 
A 1 23 ALA 23 22 22 ALA ALA A . n 
A 1 24 ILE 24 23 23 ILE ILE A . n 
A 1 25 SER 25 24 24 SER SER A . n 
A 1 26 GLU 26 25 25 GLU GLU A . n 
A 1 27 ASN 27 26 26 ASN ASN A . n 
A 1 28 GLU 28 27 27 GLU GLU A . n 
A 1 29 ALA 29 28 28 ALA ALA A . n 
A 1 30 ILE 30 29 29 ILE ILE A . n 
A 1 31 LYS 31 30 30 LYS LYS A . n 
A 1 32 VAL 32 31 31 VAL VAL A . n 
A 1 33 LYS 33 32 32 LYS LYS A . n 
A 1 34 TYR 34 33 33 TYR TYR A . n 
A 1 35 LEU 35 34 34 LEU LEU A . n 
A 1 36 ARG 36 35 35 ARG ARG A . n 
A 1 37 ASP 37 36 36 ASP ASP A . n 
A 1 38 ILE 38 37 37 ILE ILE A . n 
A 1 39 CYS 39 38 38 CYS CYS A . n 
A 1 40 PRO 40 39 39 PRO PRO A . n 
A 1 41 ASP 41 40 40 ASP ASP A . n 
A 1 42 TYR 42 41 41 TYR TYR A . n 
A 1 43 ASP 43 42 42 ASP ASP A . n 
A 1 44 GLY 44 43 43 GLY GLY A . n 
A 1 45 ASP 45 44 44 ASP ASP A . n 
A 1 46 ASP 46 45 45 ASP ASP A . n 
A 1 47 LYS 47 46 46 LYS LYS A . n 
A 1 48 ALA 48 47 47 ALA ALA A . n 
A 1 49 GLU 49 48 48 GLU GLU A . n 
A 1 50 ASP 50 49 49 ASP ASP A . n 
A 1 51 TRP 51 50 50 TRP TRP A . n 
A 1 52 LEU 52 51 51 LEU LEU A . n 
A 1 53 ARG 53 52 52 ARG ARG A . n 
A 1 54 TRP 54 53 53 TRP TRP A . n 
A 1 55 GLY 55 54 54 GLY GLY A . n 
A 1 56 THR 56 55 55 THR THR A . n 
A 1 57 ASP 57 56 56 ASP ASP A . n 
A 1 58 SER 58 57 57 SER SER A . n 
A 1 59 ARG 59 58 58 ARG ARG A . n 
A 1 60 VAL 60 59 59 VAL VAL A . n 
A 1 61 LYS 61 60 60 LYS LYS A . n 
A 1 62 ALA 62 61 61 ALA ALA A . n 
A 1 63 ALA 63 62 62 ALA ALA A . n 
A 1 64 ALA 64 63 63 ALA ALA A . n 
A 1 65 LEU 65 64 64 LEU LEU A . n 
A 1 66 GLU 66 65 65 GLU GLU A . n 
A 1 67 MET 67 66 66 MET MET A . n 
A 1 68 GLU 68 67 67 GLU GLU A . n 
A 1 69 GLN 69 68 68 GLN GLN A . n 
A 1 70 TYR 70 69 69 TYR TYR A . n 
A 1 71 ALA 71 70 70 ALA ALA A . n 
A 1 72 TYR 72 71 71 TYR TYR A . n 
A 1 73 THR 73 72 72 THR THR A . n 
A 1 74 SER 74 73 73 SER SER A . n 
A 1 75 VAL 75 74 74 VAL VAL A . n 
A 1 76 GLY 76 75 75 GLY GLY A . n 
A 1 77 MET 77 76 76 MET MET A . n 
A 1 78 ALA 78 77 77 ALA ALA A . n 
A 1 79 SER 79 78 78 SER SER A . n 
A 1 80 CYS 80 79 79 CYS CYS A . n 
A 1 81 TRP 81 80 80 TRP TRP A . n 
A 1 82 GLU 82 81 81 GLU GLU A . n 
A 1 83 PHE 83 82 82 PHE PHE A . n 
A 1 84 VAL 84 83 83 VAL VAL A . n 
A 1 85 GLU 85 84 84 GLU GLU A . n 
A 1 86 LEU 86 85 85 LEU LEU A . n 
B 1 1  MET 1  0  ?  ?   ?   B . n 
B 1 2  ALA 2  1  ?  ?   ?   B . n 
B 1 3  ASN 3  2  ?  ?   ?   B . n 
B 1 4  LYS 4  3  3  LYS LYS B . n 
B 1 5  THR 5  4  4  THR THR B . n 
B 1 6  TYR 6  5  5  TYR TYR B . n 
B 1 7  LYS 7  6  6  LYS LYS B . n 
B 1 8  ILE 8  7  7  ILE ILE B . n 
B 1 9  GLY 9  8  8  GLY GLY B . n 
B 1 10 LYS 10 9  9  LYS LYS B . n 
B 1 11 ASN 11 10 10 ASN ASN B . n 
B 1 12 ALA 12 11 11 ALA ALA B . n 
B 1 13 GLY 13 12 12 GLY GLY B . n 
B 1 14 TYR 14 13 13 TYR TYR B . n 
B 1 15 ASP 15 14 14 ASP ASP B . n 
B 1 16 GLY 16 15 15 GLY GLY B . n 
B 1 17 CYS 17 16 16 CYS CYS B . n 
B 1 18 GLY 18 17 17 GLY GLY B . n 
B 1 19 LEU 19 18 18 LEU LEU B . n 
B 1 20 CYS 20 19 19 CYS CYS B . n 
B 1 21 LEU 21 20 20 LEU LEU B . n 
B 1 22 ALA 22 21 21 ALA ALA B . n 
B 1 23 ALA 23 22 22 ALA ALA B . n 
B 1 24 ILE 24 23 23 ILE ILE B . n 
B 1 25 SER 25 24 24 SER SER B . n 
B 1 26 GLU 26 25 25 GLU GLU B . n 
B 1 27 ASN 27 26 26 ASN ASN B . n 
B 1 28 GLU 28 27 27 GLU GLU B . n 
B 1 29 ALA 29 28 28 ALA ALA B . n 
B 1 30 ILE 30 29 29 ILE ILE B . n 
B 1 31 LYS 31 30 30 LYS LYS B . n 
B 1 32 VAL 32 31 31 VAL VAL B . n 
B 1 33 LYS 33 32 32 LYS LYS B . n 
B 1 34 TYR 34 33 33 TYR TYR B . n 
B 1 35 LEU 35 34 34 LEU LEU B . n 
B 1 36 ARG 36 35 35 ARG ARG B . n 
B 1 37 ASP 37 36 36 ASP ASP B . n 
B 1 38 ILE 38 37 37 ILE ILE B . n 
B 1 39 CYS 39 38 38 CYS CYS B . n 
B 1 40 PRO 40 39 39 PRO PRO B . n 
B 1 41 ASP 41 40 40 ASP ASP B . n 
B 1 42 TYR 42 41 41 TYR TYR B . n 
B 1 43 ASP 43 42 42 ASP ASP B . n 
B 1 44 GLY 44 43 43 GLY GLY B . n 
B 1 45 ASP 45 44 44 ASP ASP B . n 
B 1 46 ASP 46 45 45 ASP ASP B . n 
B 1 47 LYS 47 46 46 LYS LYS B . n 
B 1 48 ALA 48 47 47 ALA ALA B . n 
B 1 49 GLU 49 48 48 GLU GLU B . n 
B 1 50 ASP 50 49 49 ASP ASP B . n 
B 1 51 TRP 51 50 50 TRP TRP B . n 
B 1 52 LEU 52 51 51 LEU LEU B . n 
B 1 53 ARG 53 52 52 ARG ARG B . n 
B 1 54 TRP 54 53 53 TRP TRP B . n 
B 1 55 GLY 55 54 54 GLY GLY B . n 
B 1 56 THR 56 55 55 THR THR B . n 
B 1 57 ASP 57 56 56 ASP ASP B . n 
B 1 58 SER 58 57 57 SER SER B . n 
B 1 59 ARG 59 58 58 ARG ARG B . n 
B 1 60 VAL 60 59 59 VAL VAL B . n 
B 1 61 LYS 61 60 60 LYS LYS B . n 
B 1 62 ALA 62 61 61 ALA ALA B . n 
B 1 63 ALA 63 62 62 ALA ALA B . n 
B 1 64 ALA 64 63 63 ALA ALA B . n 
B 1 65 LEU 65 64 64 LEU LEU B . n 
B 1 66 GLU 66 65 65 GLU GLU B . n 
B 1 67 MET 67 66 66 MET MET B . n 
B 1 68 GLU 68 67 67 GLU GLU B . n 
B 1 69 GLN 69 68 68 GLN GLN B . n 
B 1 70 TYR 70 69 69 TYR TYR B . n 
B 1 71 ALA 71 70 70 ALA ALA B . n 
B 1 72 TYR 72 71 71 TYR TYR B . n 
B 1 73 THR 73 72 72 THR THR B . n 
B 1 74 SER 74 73 73 SER SER B . n 
B 1 75 VAL 75 74 74 VAL VAL B . n 
B 1 76 GLY 76 75 75 GLY GLY B . n 
B 1 77 MET 77 76 76 MET MET B . n 
B 1 78 ALA 78 77 77 ALA ALA B . n 
B 1 79 SER 79 78 78 SER SER B . n 
B 1 80 CYS 80 79 79 CYS CYS B . n 
B 1 81 TRP 81 80 80 TRP TRP B . n 
B 1 82 GLU 82 81 81 GLU GLU B . n 
B 1 83 PHE 83 82 82 PHE PHE B . n 
B 1 84 VAL 84 83 83 VAL VAL B . n 
B 1 85 GLU 85 84 84 GLU GLU B . n 
B 1 86 LEU 86 85 85 LEU LEU B . n 
# 
loop_
_pdbx_nonpoly_scheme.asym_id 
_pdbx_nonpoly_scheme.entity_id 
_pdbx_nonpoly_scheme.mon_id 
_pdbx_nonpoly_scheme.ndb_seq_num 
_pdbx_nonpoly_scheme.pdb_seq_num 
_pdbx_nonpoly_scheme.auth_seq_num 
_pdbx_nonpoly_scheme.pdb_mon_id 
_pdbx_nonpoly_scheme.auth_mon_id 
_pdbx_nonpoly_scheme.pdb_strand_id 
_pdbx_nonpoly_scheme.pdb_ins_code 
C 2 SO4 1  101 101 SO4 SO4 A . 
D 3 HOH 1  201 157 HOH HOH A . 
D 3 HOH 2  202 75  HOH HOH A . 
D 3 HOH 3  203 106 HOH HOH A . 
D 3 HOH 4  204 52  HOH HOH A . 
D 3 HOH 5  205 21  HOH HOH A . 
D 3 HOH 6  206 45  HOH HOH A . 
D 3 HOH 7  207 171 HOH HOH A . 
D 3 HOH 8  208 88  HOH HOH A . 
D 3 HOH 9  209 19  HOH HOH A . 
D 3 HOH 10 210 34  HOH HOH A . 
D 3 HOH 11 211 9   HOH HOH A . 
D 3 HOH 12 212 70  HOH HOH A . 
D 3 HOH 13 213 28  HOH HOH A . 
D 3 HOH 14 214 25  HOH HOH A . 
D 3 HOH 15 215 107 HOH HOH A . 
D 3 HOH 16 216 2   HOH HOH A . 
D 3 HOH 17 217 35  HOH HOH A . 
D 3 HOH 18 218 84  HOH HOH A . 
D 3 HOH 19 219 53  HOH HOH A . 
D 3 HOH 20 220 101 HOH HOH A . 
D 3 HOH 21 221 165 HOH HOH A . 
D 3 HOH 22 222 59  HOH HOH A . 
D 3 HOH 23 223 13  HOH HOH A . 
D 3 HOH 24 224 4   HOH HOH A . 
D 3 HOH 25 225 14  HOH HOH A . 
D 3 HOH 26 226 16  HOH HOH A . 
D 3 HOH 27 227 131 HOH HOH A . 
D 3 HOH 28 228 174 HOH HOH A . 
D 3 HOH 29 229 49  HOH HOH A . 
D 3 HOH 30 230 38  HOH HOH A . 
D 3 HOH 31 231 144 HOH HOH A . 
D 3 HOH 32 232 78  HOH HOH A . 
D 3 HOH 33 233 18  HOH HOH A . 
D 3 HOH 34 234 152 HOH HOH A . 
D 3 HOH 35 235 39  HOH HOH A . 
D 3 HOH 36 236 73  HOH HOH A . 
D 3 HOH 37 237 87  HOH HOH A . 
D 3 HOH 38 238 10  HOH HOH A . 
D 3 HOH 39 239 22  HOH HOH A . 
D 3 HOH 40 240 54  HOH HOH A . 
D 3 HOH 41 241 142 HOH HOH A . 
D 3 HOH 42 242 33  HOH HOH A . 
D 3 HOH 43 243 85  HOH HOH A . 
D 3 HOH 44 244 81  HOH HOH A . 
D 3 HOH 45 245 43  HOH HOH A . 
D 3 HOH 46 246 166 HOH HOH A . 
D 3 HOH 47 247 132 HOH HOH A . 
D 3 HOH 48 248 92  HOH HOH A . 
D 3 HOH 49 249 29  HOH HOH A . 
D 3 HOH 50 250 133 HOH HOH A . 
D 3 HOH 51 251 126 HOH HOH A . 
D 3 HOH 52 252 31  HOH HOH A . 
D 3 HOH 53 253 164 HOH HOH A . 
D 3 HOH 54 254 134 HOH HOH A . 
D 3 HOH 55 255 172 HOH HOH A . 
D 3 HOH 56 256 17  HOH HOH A . 
D 3 HOH 57 257 42  HOH HOH A . 
D 3 HOH 58 258 98  HOH HOH A . 
D 3 HOH 59 259 108 HOH HOH A . 
D 3 HOH 60 260 147 HOH HOH A . 
D 3 HOH 61 261 120 HOH HOH A . 
D 3 HOH 62 262 110 HOH HOH A . 
D 3 HOH 63 263 149 HOH HOH A . 
D 3 HOH 64 264 60  HOH HOH A . 
D 3 HOH 65 265 173 HOH HOH A . 
D 3 HOH 66 266 71  HOH HOH A . 
D 3 HOH 67 267 103 HOH HOH A . 
D 3 HOH 68 268 135 HOH HOH A . 
D 3 HOH 69 269 97  HOH HOH A . 
D 3 HOH 70 270 160 HOH HOH A . 
D 3 HOH 71 271 94  HOH HOH A . 
D 3 HOH 72 272 156 HOH HOH A . 
D 3 HOH 73 273 80  HOH HOH A . 
D 3 HOH 74 274 109 HOH HOH A . 
D 3 HOH 75 275 79  HOH HOH A . 
D 3 HOH 76 276 127 HOH HOH A . 
D 3 HOH 77 277 140 HOH HOH A . 
D 3 HOH 78 278 62  HOH HOH A . 
D 3 HOH 79 279 159 HOH HOH A . 
D 3 HOH 80 280 146 HOH HOH A . 
D 3 HOH 81 281 153 HOH HOH A . 
D 3 HOH 82 282 117 HOH HOH A . 
D 3 HOH 83 283 96  HOH HOH A . 
D 3 HOH 84 284 68  HOH HOH A . 
D 3 HOH 85 285 154 HOH HOH A . 
D 3 HOH 86 286 76  HOH HOH A . 
D 3 HOH 87 287 56  HOH HOH A . 
D 3 HOH 88 288 151 HOH HOH A . 
D 3 HOH 89 289 102 HOH HOH A . 
D 3 HOH 90 290 155 HOH HOH A . 
E 3 HOH 1  101 26  HOH HOH B . 
E 3 HOH 2  102 145 HOH HOH B . 
E 3 HOH 3  103 115 HOH HOH B . 
E 3 HOH 4  104 37  HOH HOH B . 
E 3 HOH 5  105 122 HOH HOH B . 
E 3 HOH 6  106 48  HOH HOH B . 
E 3 HOH 7  107 141 HOH HOH B . 
E 3 HOH 8  108 64  HOH HOH B . 
E 3 HOH 9  109 91  HOH HOH B . 
E 3 HOH 10 110 46  HOH HOH B . 
E 3 HOH 11 111 95  HOH HOH B . 
E 3 HOH 12 112 7   HOH HOH B . 
E 3 HOH 13 113 86  HOH HOH B . 
E 3 HOH 14 114 137 HOH HOH B . 
E 3 HOH 15 115 167 HOH HOH B . 
E 3 HOH 16 116 15  HOH HOH B . 
E 3 HOH 17 117 20  HOH HOH B . 
E 3 HOH 18 118 83  HOH HOH B . 
E 3 HOH 19 119 11  HOH HOH B . 
E 3 HOH 20 120 61  HOH HOH B . 
E 3 HOH 21 121 5   HOH HOH B . 
E 3 HOH 22 122 36  HOH HOH B . 
E 3 HOH 23 123 63  HOH HOH B . 
E 3 HOH 24 124 168 HOH HOH B . 
E 3 HOH 25 125 12  HOH HOH B . 
E 3 HOH 26 126 1   HOH HOH B . 
E 3 HOH 27 127 3   HOH HOH B . 
E 3 HOH 28 128 32  HOH HOH B . 
E 3 HOH 29 129 58  HOH HOH B . 
E 3 HOH 30 130 121 HOH HOH B . 
E 3 HOH 31 131 50  HOH HOH B . 
E 3 HOH 32 132 8   HOH HOH B . 
E 3 HOH 33 133 119 HOH HOH B . 
E 3 HOH 34 134 57  HOH HOH B . 
E 3 HOH 35 135 100 HOH HOH B . 
E 3 HOH 36 136 105 HOH HOH B . 
E 3 HOH 37 137 44  HOH HOH B . 
E 3 HOH 38 138 113 HOH HOH B . 
E 3 HOH 39 139 118 HOH HOH B . 
E 3 HOH 40 140 55  HOH HOH B . 
E 3 HOH 41 141 89  HOH HOH B . 
E 3 HOH 42 142 41  HOH HOH B . 
E 3 HOH 43 143 82  HOH HOH B . 
E 3 HOH 44 144 74  HOH HOH B . 
E 3 HOH 45 145 27  HOH HOH B . 
E 3 HOH 46 146 116 HOH HOH B . 
E 3 HOH 47 147 30  HOH HOH B . 
E 3 HOH 48 148 24  HOH HOH B . 
E 3 HOH 49 149 65  HOH HOH B . 
E 3 HOH 50 150 93  HOH HOH B . 
E 3 HOH 51 151 130 HOH HOH B . 
E 3 HOH 52 152 69  HOH HOH B . 
E 3 HOH 53 153 158 HOH HOH B . 
E 3 HOH 54 154 6   HOH HOH B . 
E 3 HOH 55 155 148 HOH HOH B . 
E 3 HOH 56 156 138 HOH HOH B . 
E 3 HOH 57 157 66  HOH HOH B . 
E 3 HOH 58 158 123 HOH HOH B . 
E 3 HOH 59 159 72  HOH HOH B . 
E 3 HOH 60 160 178 HOH HOH B . 
E 3 HOH 61 161 125 HOH HOH B . 
E 3 HOH 62 162 47  HOH HOH B . 
E 3 HOH 63 163 128 HOH HOH B . 
E 3 HOH 64 164 124 HOH HOH B . 
E 3 HOH 65 165 162 HOH HOH B . 
E 3 HOH 66 166 139 HOH HOH B . 
E 3 HOH 67 167 175 HOH HOH B . 
E 3 HOH 68 168 176 HOH HOH B . 
E 3 HOH 69 169 161 HOH HOH B . 
E 3 HOH 70 170 129 HOH HOH B . 
E 3 HOH 71 171 150 HOH HOH B . 
E 3 HOH 72 172 104 HOH HOH B . 
E 3 HOH 73 173 77  HOH HOH B . 
E 3 HOH 74 174 40  HOH HOH B . 
E 3 HOH 75 175 169 HOH HOH B . 
E 3 HOH 76 176 177 HOH HOH B . 
E 3 HOH 77 177 23  HOH HOH B . 
E 3 HOH 78 178 90  HOH HOH B . 
E 3 HOH 79 179 112 HOH HOH B . 
E 3 HOH 80 180 170 HOH HOH B . 
E 3 HOH 81 181 111 HOH HOH B . 
E 3 HOH 82 182 99  HOH HOH B . 
E 3 HOH 83 183 67  HOH HOH B . 
E 3 HOH 84 184 114 HOH HOH B . 
E 3 HOH 85 185 143 HOH HOH B . 
E 3 HOH 86 186 136 HOH HOH B . 
E 3 HOH 87 187 163 HOH HOH B . 
E 3 HOH 88 188 51  HOH HOH B . 
# 
loop_
_pdbx_unobs_or_zero_occ_atoms.id 
_pdbx_unobs_or_zero_occ_atoms.PDB_model_num 
_pdbx_unobs_or_zero_occ_atoms.polymer_flag 
_pdbx_unobs_or_zero_occ_atoms.occupancy_flag 
_pdbx_unobs_or_zero_occ_atoms.auth_asym_id 
_pdbx_unobs_or_zero_occ_atoms.auth_comp_id 
_pdbx_unobs_or_zero_occ_atoms.auth_seq_id 
_pdbx_unobs_or_zero_occ_atoms.PDB_ins_code 
_pdbx_unobs_or_zero_occ_atoms.auth_atom_id 
_pdbx_unobs_or_zero_occ_atoms.label_alt_id 
_pdbx_unobs_or_zero_occ_atoms.label_asym_id 
_pdbx_unobs_or_zero_occ_atoms.label_comp_id 
_pdbx_unobs_or_zero_occ_atoms.label_seq_id 
_pdbx_unobs_or_zero_occ_atoms.label_atom_id 
1  1 Y 1 A LYS 6  ? CG  ? A LYS 7  CG  
2  1 Y 1 A LYS 6  ? CD  ? A LYS 7  CD  
3  1 Y 1 A LYS 6  ? CE  ? A LYS 7  CE  
4  1 Y 1 A LYS 6  ? NZ  ? A LYS 7  NZ  
5  1 Y 1 A LYS 9  ? CG  ? A LYS 10 CG  
6  1 Y 1 A LYS 9  ? CD  ? A LYS 10 CD  
7  1 Y 1 A LYS 9  ? CE  ? A LYS 10 CE  
8  1 Y 1 A LYS 9  ? NZ  ? A LYS 10 NZ  
9  1 Y 1 A GLU 25 ? OE1 ? A GLU 26 OE1 
10 1 Y 1 A GLU 25 ? OE2 ? A GLU 26 OE2 
11 1 Y 1 A GLU 27 ? CD  ? A GLU 28 CD  
12 1 Y 1 A GLU 27 ? OE1 ? A GLU 28 OE1 
13 1 Y 1 A GLU 27 ? OE2 ? A GLU 28 OE2 
14 1 Y 1 A ASP 42 ? CG  ? A ASP 43 CG  
15 1 Y 1 A ASP 42 ? OD1 ? A ASP 43 OD1 
16 1 Y 1 A ASP 42 ? OD2 ? A ASP 43 OD2 
17 1 Y 1 A ASP 44 ? CG  ? A ASP 45 CG  
18 1 Y 1 A ASP 44 ? OD1 ? A ASP 45 OD1 
19 1 Y 1 A ASP 44 ? OD2 ? A ASP 45 OD2 
20 1 Y 1 A LYS 46 ? CD  ? A LYS 47 CD  
21 1 Y 1 A LYS 46 ? CE  ? A LYS 47 CE  
22 1 Y 1 A LYS 46 ? NZ  ? A LYS 47 NZ  
23 1 Y 1 A ARG 52 ? NH1 ? A ARG 53 NH1 
24 1 Y 1 A ARG 52 ? NH2 ? A ARG 53 NH2 
25 1 Y 1 A GLU 81 ? OE1 ? A GLU 82 OE1 
26 1 Y 1 A GLU 81 ? OE2 ? A GLU 82 OE2 
27 1 Y 1 B LYS 6  ? CG  ? B LYS 7  CG  
28 1 Y 1 B LYS 6  ? CD  ? B LYS 7  CD  
29 1 Y 1 B LYS 6  ? CE  ? B LYS 7  CE  
30 1 Y 1 B LYS 6  ? NZ  ? B LYS 7  NZ  
31 1 Y 1 B LYS 9  ? CG  ? B LYS 10 CG  
32 1 Y 1 B LYS 9  ? CD  ? B LYS 10 CD  
33 1 Y 1 B LYS 9  ? CE  ? B LYS 10 CE  
34 1 Y 1 B LYS 9  ? NZ  ? B LYS 10 NZ  
35 1 Y 1 B GLU 25 ? CG  ? B GLU 26 CG  
36 1 Y 1 B GLU 25 ? CD  ? B GLU 26 CD  
37 1 Y 1 B GLU 25 ? OE1 ? B GLU 26 OE1 
38 1 Y 1 B GLU 25 ? OE2 ? B GLU 26 OE2 
39 1 Y 1 B GLU 27 ? CD  ? B GLU 28 CD  
40 1 Y 1 B GLU 27 ? OE1 ? B GLU 28 OE1 
41 1 Y 1 B GLU 27 ? OE2 ? B GLU 28 OE2 
42 1 Y 1 B LYS 32 ? CE  ? B LYS 33 CE  
43 1 Y 1 B LYS 32 ? NZ  ? B LYS 33 NZ  
44 1 Y 1 B ASP 42 ? CG  ? B ASP 43 CG  
45 1 Y 1 B ASP 42 ? OD1 ? B ASP 43 OD1 
46 1 Y 1 B ASP 42 ? OD2 ? B ASP 43 OD2 
47 1 Y 1 B ASP 44 ? OD1 ? B ASP 45 OD1 
48 1 Y 1 B ASP 44 ? OD2 ? B ASP 45 OD2 
49 1 Y 1 B LYS 46 ? CE  ? B LYS 47 CE  
50 1 Y 1 B LYS 46 ? NZ  ? B LYS 47 NZ  
51 1 Y 1 B LEU 64 ? CD1 ? B LEU 65 CD1 
52 1 Y 1 B LEU 64 ? CD2 ? B LEU 65 CD2 
53 1 Y 1 B GLU 81 ? CD  ? B GLU 82 CD  
54 1 Y 1 B GLU 81 ? OE1 ? B GLU 82 OE1 
55 1 Y 1 B GLU 81 ? OE2 ? B GLU 82 OE2 
# 
loop_
_software.citation_id 
_software.classification 
_software.compiler_name 
_software.compiler_version 
_software.contact_author 
_software.contact_author_email 
_software.date 
_software.description 
_software.dependencies 
_software.hardware 
_software.language 
_software.location 
_software.mods 
_software.name 
_software.os 
_software.os_version 
_software.type 
_software.version 
_software.pdbx_ordinal 
? refinement       ? ? ? ? ? ? ? ? ? ? ? PHENIX  ? ? ? 1.19.2_4158 1 
? 'data reduction' ? ? ? ? ? ? ? ? ? ? ? XDS     ? ? ? 20210323    2 
? 'data scaling'   ? ? ? ? ? ? ? ? ? ? ? Aimless ? ? ? 0.7.4       3 
? phasing          ? ? ? ? ? ? ? ? ? ? ? PHASER  ? ? ? 2.8.3       4 
# 
_cell.angle_alpha                  90.000 
_cell.angle_alpha_esd              ? 
_cell.angle_beta                   90.000 
_cell.angle_beta_esd               ? 
_cell.angle_gamma                  90.000 
_cell.angle_gamma_esd              ? 
_cell.entry_id                     7X4B 
_cell.details                      ? 
_cell.formula_units_Z              ? 
_cell.length_a                     82.710 
_cell.length_a_esd                 ? 
_cell.length_b                     82.710 
_cell.length_b_esd                 ? 
_cell.length_c                     34.422 
_cell.length_c_esd                 ? 
_cell.volume                       235478.978 
_cell.volume_esd                   ? 
_cell.Z_PDB                        8 
_cell.reciprocal_angle_alpha       ? 
_cell.reciprocal_angle_beta        ? 
_cell.reciprocal_angle_gamma       ? 
_cell.reciprocal_angle_alpha_esd   ? 
_cell.reciprocal_angle_beta_esd    ? 
_cell.reciprocal_angle_gamma_esd   ? 
_cell.reciprocal_length_a          ? 
_cell.reciprocal_length_b          ? 
_cell.reciprocal_length_c          ? 
_cell.reciprocal_length_a_esd      ? 
_cell.reciprocal_length_b_esd      ? 
_cell.reciprocal_length_c_esd      ? 
_cell.pdbx_unique_axis             ? 
# 
_symmetry.entry_id                         7X4B 
_symmetry.cell_setting                     ? 
_symmetry.Int_Tables_number                77 
_symmetry.space_group_name_Hall            'P 4c' 
_symmetry.space_group_name_H-M             'P 42' 
_symmetry.pdbx_full_space_group_name_H-M   ? 
# 
_exptl.absorpt_coefficient_mu     ? 
_exptl.absorpt_correction_T_max   ? 
_exptl.absorpt_correction_T_min   ? 
_exptl.absorpt_correction_type    ? 
_exptl.absorpt_process_details    ? 
_exptl.entry_id                   7X4B 
_exptl.crystals_number            1 
_exptl.details                    ? 
_exptl.method                     'X-RAY DIFFRACTION' 
_exptl.method_details             ? 
# 
_exptl_crystal.colour                      ? 
_exptl_crystal.density_diffrn              ? 
_exptl_crystal.density_Matthews            3.16 
_exptl_crystal.density_method              ? 
_exptl_crystal.density_percent_sol         61.05 
_exptl_crystal.description                 ? 
_exptl_crystal.F_000                       ? 
_exptl_crystal.id                          1 
_exptl_crystal.preparation                 ? 
_exptl_crystal.size_max                    ? 
_exptl_crystal.size_mid                    ? 
_exptl_crystal.size_min                    ? 
_exptl_crystal.size_rad                    ? 
_exptl_crystal.colour_lustre               ? 
_exptl_crystal.colour_modifier             ? 
_exptl_crystal.colour_primary              ? 
_exptl_crystal.density_meas                ? 
_exptl_crystal.density_meas_esd            ? 
_exptl_crystal.density_meas_gt             ? 
_exptl_crystal.density_meas_lt             ? 
_exptl_crystal.density_meas_temp           ? 
_exptl_crystal.density_meas_temp_esd       ? 
_exptl_crystal.density_meas_temp_gt        ? 
_exptl_crystal.density_meas_temp_lt        ? 
_exptl_crystal.pdbx_crystal_image_url      ? 
_exptl_crystal.pdbx_crystal_image_format   ? 
_exptl_crystal.pdbx_mosaicity              ? 
_exptl_crystal.pdbx_mosaicity_esd          ? 
# 
_exptl_crystal_grow.apparatus       ? 
_exptl_crystal_grow.atmosphere      ? 
_exptl_crystal_grow.crystal_id      1 
_exptl_crystal_grow.details         ? 
_exptl_crystal_grow.method          'VAPOR DIFFUSION, SITTING DROP' 
_exptl_crystal_grow.method_ref      ? 
_exptl_crystal_grow.pH              6.5 
_exptl_crystal_grow.pressure        ? 
_exptl_crystal_grow.pressure_esd    ? 
_exptl_crystal_grow.seeding         ? 
_exptl_crystal_grow.seeding_ref     ? 
_exptl_crystal_grow.temp            289 
_exptl_crystal_grow.temp_details    ? 
_exptl_crystal_grow.temp_esd        ? 
_exptl_crystal_grow.time            ? 
_exptl_crystal_grow.pdbx_details    
;1.8 M (NH4)2SO4, 0.1 M Bis-Tris pH6.5, 
2% (v/v) polyethylene glycol monomethyl ether 550
;
_exptl_crystal_grow.pdbx_pH_range   ? 
# 
_diffrn.ambient_environment              ? 
_diffrn.ambient_temp                     100 
_diffrn.ambient_temp_details             ? 
_diffrn.ambient_temp_esd                 ? 
_diffrn.crystal_id                       1 
_diffrn.crystal_support                  ? 
_diffrn.crystal_treatment                ? 
_diffrn.details                          ? 
_diffrn.id                               1 
_diffrn.ambient_pressure                 ? 
_diffrn.ambient_pressure_esd             ? 
_diffrn.ambient_pressure_gt              ? 
_diffrn.ambient_pressure_lt              ? 
_diffrn.ambient_temp_gt                  ? 
_diffrn.ambient_temp_lt                  ? 
_diffrn.pdbx_serial_crystal_experiment   N 
# 
_diffrn_detector.details                      ? 
_diffrn_detector.detector                     PIXEL 
_diffrn_detector.diffrn_id                    1 
_diffrn_detector.type                         'DECTRIS PILATUS3 6M' 
_diffrn_detector.area_resol_mean              ? 
_diffrn_detector.dtime                        ? 
_diffrn_detector.pdbx_frames_total            ? 
_diffrn_detector.pdbx_collection_time_total   ? 
_diffrn_detector.pdbx_collection_date         2021-11-27 
_diffrn_detector.pdbx_frequency               ? 
# 
_diffrn_radiation.collimation                      ? 
_diffrn_radiation.diffrn_id                        1 
_diffrn_radiation.filter_edge                      ? 
_diffrn_radiation.inhomogeneity                    ? 
_diffrn_radiation.monochromator                    ? 
_diffrn_radiation.polarisn_norm                    ? 
_diffrn_radiation.polarisn_ratio                   ? 
_diffrn_radiation.probe                            ? 
_diffrn_radiation.type                             ? 
_diffrn_radiation.xray_symbol                      ? 
_diffrn_radiation.wavelength_id                    1 
_diffrn_radiation.pdbx_monochromatic_or_laue_m_l   M 
_diffrn_radiation.pdbx_wavelength_list             ? 
_diffrn_radiation.pdbx_wavelength                  ? 
_diffrn_radiation.pdbx_diffrn_protocol             'SINGLE WAVELENGTH' 
_diffrn_radiation.pdbx_analyzer                    ? 
_diffrn_radiation.pdbx_scattering_type             x-ray 
# 
_diffrn_radiation_wavelength.id           1 
_diffrn_radiation_wavelength.wavelength   0.979150 
_diffrn_radiation_wavelength.wt           1.0 
# 
_diffrn_source.current                     ? 
_diffrn_source.details                     ? 
_diffrn_source.diffrn_id                   1 
_diffrn_source.power                       ? 
_diffrn_source.size                        ? 
_diffrn_source.source                      SYNCHROTRON 
_diffrn_source.target                      ? 
_diffrn_source.type                        'SSRF BEAMLINE BL18U1' 
_diffrn_source.voltage                     ? 
_diffrn_source.take-off_angle              ? 
_diffrn_source.pdbx_wavelength_list        0.979150 
_diffrn_source.pdbx_wavelength             ? 
_diffrn_source.pdbx_synchrotron_beamline   BL18U1 
_diffrn_source.pdbx_synchrotron_site       SSRF 
# 
_reflns.B_iso_Wilson_estimate                          26.31 
_reflns.entry_id                                       7X4B 
_reflns.data_reduction_details                         ? 
_reflns.data_reduction_method                          ? 
_reflns.d_resolution_high                              1.61 
_reflns.d_resolution_low                               29.24 
_reflns.details                                        ? 
_reflns.limit_h_max                                    ? 
_reflns.limit_h_min                                    ? 
_reflns.limit_k_max                                    ? 
_reflns.limit_k_min                                    ? 
_reflns.limit_l_max                                    ? 
_reflns.limit_l_min                                    ? 
_reflns.number_all                                     ? 
_reflns.number_obs                                     30571 
_reflns.observed_criterion                             ? 
_reflns.observed_criterion_F_max                       ? 
_reflns.observed_criterion_F_min                       ? 
_reflns.observed_criterion_I_max                       ? 
_reflns.observed_criterion_I_min                       ? 
_reflns.observed_criterion_sigma_F                     ? 
_reflns.observed_criterion_sigma_I                     ? 
_reflns.percent_possible_obs                           99.91 
_reflns.R_free_details                                 ? 
_reflns.Rmerge_F_all                                   ? 
_reflns.Rmerge_F_obs                                   ? 
_reflns.Friedel_coverage                               ? 
_reflns.number_gt                                      ? 
_reflns.threshold_expression                           ? 
_reflns.pdbx_redundancy                                8.1 
_reflns.pdbx_Rmerge_I_obs                              0.07345 
_reflns.pdbx_Rmerge_I_all                              ? 
_reflns.pdbx_Rsym_value                                ? 
_reflns.pdbx_netI_over_av_sigmaI                       17.39 
_reflns.pdbx_netI_over_sigmaI                          17.39 
_reflns.pdbx_res_netI_over_av_sigmaI_2                 ? 
_reflns.pdbx_res_netI_over_sigmaI_2                    ? 
_reflns.pdbx_chi_squared                               ? 
_reflns.pdbx_scaling_rejects                           ? 
_reflns.pdbx_d_res_high_opt                            ? 
_reflns.pdbx_d_res_low_opt                             ? 
_reflns.pdbx_d_res_opt_method                          ? 
_reflns.phase_calculation_details                      ? 
_reflns.pdbx_Rrim_I_all                                ? 
_reflns.pdbx_Rpim_I_all                                0.02727 
_reflns.pdbx_d_opt                                     ? 
_reflns.pdbx_number_measured_all                       ? 
_reflns.pdbx_diffrn_id                                 1 
_reflns.pdbx_ordinal                                   1 
_reflns.pdbx_CC_half                                   0.998 
_reflns.pdbx_CC_star                                   1 
_reflns.pdbx_R_split                                   ? 
_reflns.pdbx_aniso_diffraction_limit_axis_1_ortho[1]   ? 
_reflns.pdbx_aniso_diffraction_limit_axis_1_ortho[2]   ? 
_reflns.pdbx_aniso_diffraction_limit_axis_1_ortho[3]   ? 
_reflns.pdbx_aniso_diffraction_limit_axis_2_ortho[1]   ? 
_reflns.pdbx_aniso_diffraction_limit_axis_2_ortho[2]   ? 
_reflns.pdbx_aniso_diffraction_limit_axis_2_ortho[3]   ? 
_reflns.pdbx_aniso_diffraction_limit_axis_3_ortho[1]   ? 
_reflns.pdbx_aniso_diffraction_limit_axis_3_ortho[2]   ? 
_reflns.pdbx_aniso_diffraction_limit_axis_3_ortho[3]   ? 
_reflns.pdbx_aniso_diffraction_limit_1                 ? 
_reflns.pdbx_aniso_diffraction_limit_2                 ? 
_reflns.pdbx_aniso_diffraction_limit_3                 ? 
_reflns.pdbx_aniso_B_tensor_eigenvector_1_ortho[1]     ? 
_reflns.pdbx_aniso_B_tensor_eigenvector_1_ortho[2]     ? 
_reflns.pdbx_aniso_B_tensor_eigenvector_1_ortho[3]     ? 
_reflns.pdbx_aniso_B_tensor_eigenvector_2_ortho[1]     ? 
_reflns.pdbx_aniso_B_tensor_eigenvector_2_ortho[2]     ? 
_reflns.pdbx_aniso_B_tensor_eigenvector_2_ortho[3]     ? 
_reflns.pdbx_aniso_B_tensor_eigenvector_3_ortho[1]     ? 
_reflns.pdbx_aniso_B_tensor_eigenvector_3_ortho[2]     ? 
_reflns.pdbx_aniso_B_tensor_eigenvector_3_ortho[3]     ? 
_reflns.pdbx_aniso_B_tensor_eigenvalue_1               ? 
_reflns.pdbx_aniso_B_tensor_eigenvalue_2               ? 
_reflns.pdbx_aniso_B_tensor_eigenvalue_3               ? 
_reflns.pdbx_orthogonalization_convention              ? 
_reflns.pdbx_percent_possible_ellipsoidal              ? 
_reflns.pdbx_percent_possible_spherical                ? 
_reflns.pdbx_percent_possible_ellipsoidal_anomalous    ? 
_reflns.pdbx_percent_possible_spherical_anomalous      ? 
_reflns.pdbx_redundancy_anomalous                      ? 
_reflns.pdbx_CC_half_anomalous                         ? 
_reflns.pdbx_absDiff_over_sigma_anomalous              ? 
_reflns.pdbx_percent_possible_anomalous                ? 
_reflns.pdbx_observed_signal_threshold                 ? 
_reflns.pdbx_signal_type                               ? 
_reflns.pdbx_signal_details                            ? 
_reflns.pdbx_signal_software_id                        ? 
# 
_reflns_shell.d_res_high                                    1.61 
_reflns_shell.d_res_low                                     1.668 
_reflns_shell.meanI_over_sigI_all                           ? 
_reflns_shell.meanI_over_sigI_obs                           2.38 
_reflns_shell.number_measured_all                           ? 
_reflns_shell.number_measured_obs                           ? 
_reflns_shell.number_possible                               ? 
_reflns_shell.number_unique_all                             ? 
_reflns_shell.number_unique_obs                             3010 
_reflns_shell.percent_possible_all                          99.90 
_reflns_shell.percent_possible_obs                          ? 
_reflns_shell.Rmerge_F_all                                  ? 
_reflns_shell.Rmerge_F_obs                                  ? 
_reflns_shell.Rmerge_I_all                                  ? 
_reflns_shell.Rmerge_I_obs                                  0.9489 
_reflns_shell.meanI_over_sigI_gt                            ? 
_reflns_shell.meanI_over_uI_all                             ? 
_reflns_shell.meanI_over_uI_gt                              ? 
_reflns_shell.number_measured_gt                            ? 
_reflns_shell.number_unique_gt                              ? 
_reflns_shell.percent_possible_gt                           ? 
_reflns_shell.Rmerge_F_gt                                   ? 
_reflns_shell.Rmerge_I_gt                                   ? 
_reflns_shell.pdbx_redundancy                               8.2 
_reflns_shell.pdbx_Rsym_value                               ? 
_reflns_shell.pdbx_chi_squared                              ? 
_reflns_shell.pdbx_netI_over_sigmaI_all                     ? 
_reflns_shell.pdbx_netI_over_sigmaI_obs                     ? 
_reflns_shell.pdbx_Rrim_I_all                               ? 
_reflns_shell.pdbx_Rpim_I_all                               0.3526 
_reflns_shell.pdbx_rejects                                  ? 
_reflns_shell.pdbx_ordinal                                  1 
_reflns_shell.pdbx_diffrn_id                                1 
_reflns_shell.pdbx_CC_half                                  0.803 
_reflns_shell.pdbx_CC_star                                  0.944 
_reflns_shell.pdbx_R_split                                  ? 
_reflns_shell.pdbx_percent_possible_ellipsoidal             ? 
_reflns_shell.pdbx_percent_possible_spherical               ? 
_reflns_shell.pdbx_percent_possible_ellipsoidal_anomalous   ? 
_reflns_shell.pdbx_percent_possible_spherical_anomalous     ? 
_reflns_shell.pdbx_redundancy_anomalous                     ? 
_reflns_shell.pdbx_CC_half_anomalous                        ? 
_reflns_shell.pdbx_absDiff_over_sigma_anomalous             ? 
_reflns_shell.pdbx_percent_possible_anomalous               ? 
# 
_refine.aniso_B[1][1]                            ? 
_refine.aniso_B[1][2]                            ? 
_refine.aniso_B[1][3]                            ? 
_refine.aniso_B[2][2]                            ? 
_refine.aniso_B[2][3]                            ? 
_refine.aniso_B[3][3]                            ? 
_refine.B_iso_max                                ? 
_refine.B_iso_mean                               30.80 
_refine.B_iso_min                                ? 
_refine.correlation_coeff_Fo_to_Fc               ? 
_refine.correlation_coeff_Fo_to_Fc_free          ? 
_refine.details                                  ? 
_refine.diff_density_max                         ? 
_refine.diff_density_max_esd                     ? 
_refine.diff_density_min                         ? 
_refine.diff_density_min_esd                     ? 
_refine.diff_density_rms                         ? 
_refine.diff_density_rms_esd                     ? 
_refine.entry_id                                 7X4B 
_refine.pdbx_refine_id                           'X-RAY DIFFRACTION' 
_refine.ls_abs_structure_details                 ? 
_refine.ls_abs_structure_Flack                   ? 
_refine.ls_abs_structure_Flack_esd               ? 
_refine.ls_abs_structure_Rogers                  ? 
_refine.ls_abs_structure_Rogers_esd              ? 
_refine.ls_d_res_high                            1.61 
_refine.ls_d_res_low                             29.24 
_refine.ls_extinction_coef                       ? 
_refine.ls_extinction_coef_esd                   ? 
_refine.ls_extinction_expression                 ? 
_refine.ls_extinction_method                     ? 
_refine.ls_goodness_of_fit_all                   ? 
_refine.ls_goodness_of_fit_all_esd               ? 
_refine.ls_goodness_of_fit_obs                   ? 
_refine.ls_goodness_of_fit_obs_esd               ? 
_refine.ls_hydrogen_treatment                    ? 
_refine.ls_matrix_type                           ? 
_refine.ls_number_constraints                    ? 
_refine.ls_number_parameters                     ? 
_refine.ls_number_reflns_all                     ? 
_refine.ls_number_reflns_obs                     30566 
_refine.ls_number_reflns_R_free                  1465 
_refine.ls_number_reflns_R_work                  29101 
_refine.ls_number_restraints                     ? 
_refine.ls_percent_reflns_obs                    99.93 
_refine.ls_percent_reflns_R_free                 4.79 
_refine.ls_R_factor_all                          ? 
_refine.ls_R_factor_obs                          0.1981 
_refine.ls_R_factor_R_free                       0.2101 
_refine.ls_R_factor_R_free_error                 ? 
_refine.ls_R_factor_R_free_error_details         ? 
_refine.ls_R_factor_R_work                       0.1975 
_refine.ls_R_Fsqd_factor_obs                     ? 
_refine.ls_R_I_factor_obs                        ? 
_refine.ls_redundancy_reflns_all                 ? 
_refine.ls_redundancy_reflns_obs                 ? 
_refine.ls_restrained_S_all                      ? 
_refine.ls_restrained_S_obs                      ? 
_refine.ls_shift_over_esd_max                    ? 
_refine.ls_shift_over_esd_mean                   ? 
_refine.ls_structure_factor_coef                 ? 
_refine.ls_weighting_details                     ? 
_refine.ls_weighting_scheme                      ? 
_refine.ls_wR_factor_all                         ? 
_refine.ls_wR_factor_obs                         ? 
_refine.ls_wR_factor_R_free                      ? 
_refine.ls_wR_factor_R_work                      ? 
_refine.occupancy_max                            ? 
_refine.occupancy_min                            ? 
_refine.solvent_model_details                    'FLAT BULK SOLVENT MODEL' 
_refine.solvent_model_param_bsol                 ? 
_refine.solvent_model_param_ksol                 ? 
_refine.pdbx_R_complete                          ? 
_refine.ls_R_factor_gt                           ? 
_refine.ls_goodness_of_fit_gt                    ? 
_refine.ls_goodness_of_fit_ref                   ? 
_refine.ls_shift_over_su_max                     ? 
_refine.ls_shift_over_su_max_lt                  ? 
_refine.ls_shift_over_su_mean                    ? 
_refine.ls_shift_over_su_mean_lt                 ? 
_refine.pdbx_ls_sigma_I                          ? 
_refine.pdbx_ls_sigma_F                          1.35 
_refine.pdbx_ls_sigma_Fsqd                       ? 
_refine.pdbx_data_cutoff_high_absF               ? 
_refine.pdbx_data_cutoff_high_rms_absF           ? 
_refine.pdbx_data_cutoff_low_absF                ? 
_refine.pdbx_isotropic_thermal_model             ? 
_refine.pdbx_ls_cross_valid_method               'FREE R-VALUE' 
_refine.pdbx_method_to_determine_struct          'MOLECULAR REPLACEMENT' 
_refine.pdbx_starting_model                      5VGB 
_refine.pdbx_stereochemistry_target_values       'GeoStd + Monomer Library + CDL v1.2' 
_refine.pdbx_R_Free_selection_details            ? 
_refine.pdbx_stereochem_target_val_spec_case     ? 
_refine.pdbx_overall_ESU_R                       ? 
_refine.pdbx_overall_ESU_R_Free                  ? 
_refine.pdbx_solvent_vdw_probe_radii             1.1100 
_refine.pdbx_solvent_ion_probe_radii             ? 
_refine.pdbx_solvent_shrinkage_radii             0.9000 
_refine.pdbx_real_space_R                        ? 
_refine.pdbx_density_correlation                 ? 
_refine.pdbx_pd_number_of_powder_patterns        ? 
_refine.pdbx_pd_number_of_points                 ? 
_refine.pdbx_pd_meas_number_of_points            ? 
_refine.pdbx_pd_proc_ls_prof_R_factor            ? 
_refine.pdbx_pd_proc_ls_prof_wR_factor           ? 
_refine.pdbx_pd_Marquardt_correlation_coeff      ? 
_refine.pdbx_pd_Fsqrd_R_factor                   ? 
_refine.pdbx_pd_ls_matrix_band_width             ? 
_refine.pdbx_overall_phase_error                 24.4669 
_refine.pdbx_overall_SU_R_free_Cruickshank_DPI   ? 
_refine.pdbx_overall_SU_R_free_Blow_DPI          ? 
_refine.pdbx_overall_SU_R_Blow_DPI               ? 
_refine.pdbx_TLS_residual_ADP_flag               ? 
_refine.pdbx_diffrn_id                           1 
_refine.overall_SU_B                             ? 
_refine.overall_SU_ML                            0.1243 
_refine.overall_SU_R_Cruickshank_DPI             ? 
_refine.overall_SU_R_free                        ? 
_refine.overall_FOM_free_R_set                   ? 
_refine.overall_FOM_work_R_set                   ? 
_refine.pdbx_average_fsc_overall                 ? 
_refine.pdbx_average_fsc_work                    ? 
_refine.pdbx_average_fsc_free                    ? 
# 
_refine_hist.pdbx_refine_id                   'X-RAY DIFFRACTION' 
_refine_hist.cycle_id                         LAST 
_refine_hist.details                          ? 
_refine_hist.d_res_high                       1.61 
_refine_hist.d_res_low                        29.24 
_refine_hist.number_atoms_solvent             178 
_refine_hist.number_atoms_total               1432 
_refine_hist.number_reflns_all                ? 
_refine_hist.number_reflns_obs                ? 
_refine_hist.number_reflns_R_free             ? 
_refine_hist.number_reflns_R_work             ? 
_refine_hist.R_factor_all                     ? 
_refine_hist.R_factor_obs                     ? 
_refine_hist.R_factor_R_free                  ? 
_refine_hist.R_factor_R_work                  ? 
_refine_hist.pdbx_number_residues_total       ? 
_refine_hist.pdbx_B_iso_mean_ligand           ? 
_refine_hist.pdbx_B_iso_mean_solvent          ? 
_refine_hist.pdbx_number_atoms_protein        1249 
_refine_hist.pdbx_number_atoms_nucleic_acid   0 
_refine_hist.pdbx_number_atoms_ligand         5 
_refine_hist.pdbx_number_atoms_lipid          ? 
_refine_hist.pdbx_number_atoms_carb           ? 
_refine_hist.pdbx_pseudo_atom_details         ? 
# 
loop_
_refine_ls_restr.pdbx_refine_id 
_refine_ls_restr.criterion 
_refine_ls_restr.dev_ideal 
_refine_ls_restr.dev_ideal_target 
_refine_ls_restr.number 
_refine_ls_restr.rejects 
_refine_ls_restr.type 
_refine_ls_restr.weight 
_refine_ls_restr.pdbx_restraint_function 
'X-RAY DIFFRACTION' ? 0.0066 ? 1294 ? f_bond_d           ? ? 
'X-RAY DIFFRACTION' ? 0.9223 ? 1760 ? f_angle_d          ? ? 
'X-RAY DIFFRACTION' ? 0.0553 ? 188  ? f_chiral_restr     ? ? 
'X-RAY DIFFRACTION' ? 0.0059 ? 223  ? f_plane_restr      ? ? 
'X-RAY DIFFRACTION' ? 5.6899 ? 189  ? f_dihedral_angle_d ? ? 
# 
loop_
_refine_ls_shell.pdbx_refine_id 
_refine_ls_shell.d_res_high 
_refine_ls_shell.d_res_low 
_refine_ls_shell.number_reflns_all 
_refine_ls_shell.number_reflns_obs 
_refine_ls_shell.number_reflns_R_free 
_refine_ls_shell.number_reflns_R_work 
_refine_ls_shell.percent_reflns_obs 
_refine_ls_shell.percent_reflns_R_free 
_refine_ls_shell.R_factor_all 
_refine_ls_shell.R_factor_obs 
_refine_ls_shell.R_factor_R_free 
_refine_ls_shell.R_factor_R_free_error 
_refine_ls_shell.R_factor_R_work 
_refine_ls_shell.redundancy_reflns_all 
_refine_ls_shell.redundancy_reflns_obs 
_refine_ls_shell.wR_factor_all 
_refine_ls_shell.wR_factor_obs 
_refine_ls_shell.wR_factor_R_free 
_refine_ls_shell.wR_factor_R_work 
_refine_ls_shell.pdbx_R_complete 
_refine_ls_shell.pdbx_total_number_of_bins_used 
_refine_ls_shell.pdbx_phase_error 
_refine_ls_shell.pdbx_fsc_work 
_refine_ls_shell.pdbx_fsc_free 
'X-RAY DIFFRACTION' 1.61 1.67  . . 152 2858 99.90  . . . 0.2578 . 0.2380 . . . . . . . . . . . 
'X-RAY DIFFRACTION' 1.67 1.73  . . 151 2904 100.00 . . . 0.2463 . 0.2195 . . . . . . . . . . . 
'X-RAY DIFFRACTION' 1.73 1.81  . . 144 2897 99.90  . . . 0.2425 . 0.2389 . . . . . . . . . . . 
'X-RAY DIFFRACTION' 1.81 1.91  . . 152 2872 100.00 . . . 0.2716 . 0.2159 . . . . . . . . . . . 
'X-RAY DIFFRACTION' 1.91 2.03  . . 142 2909 100.00 . . . 0.2497 . 0.2216 . . . . . . . . . . . 
'X-RAY DIFFRACTION' 2.03 2.19  . . 146 2875 99.97  . . . 0.2498 . 0.2038 . . . . . . . . . . . 
'X-RAY DIFFRACTION' 2.19 2.40  . . 134 2914 100.00 . . . 0.2241 . 0.2238 . . . . . . . . . . . 
'X-RAY DIFFRACTION' 2.41 2.75  . . 124 2931 99.93  . . . 0.2405 . 0.2149 . . . . . . . . . . . 
'X-RAY DIFFRACTION' 2.75 3.47  . . 158 2948 99.87  . . . 0.2141 . 0.2088 . . . . . . . . . . . 
'X-RAY DIFFRACTION' 3.47 29.24 . . 162 2993 99.81  . . . 0.1714 . 0.1645 . . . . . . . . . . . 
# 
_struct.entry_id                     7X4B 
_struct.title                        'Crystal Structure of An Anti-CRISPR Protein' 
_struct.pdbx_model_details           ? 
_struct.pdbx_formula_weight          ? 
_struct.pdbx_formula_weight_method   ? 
_struct.pdbx_model_type_details      ? 
_struct.pdbx_CASP_flag               N 
# 
_struct_keywords.entry_id        7X4B 
_struct_keywords.text            'Anti-CRISPR, PROTEIN BINDING' 
_struct_keywords.pdbx_keywords   'PROTEIN BINDING' 
# 
loop_
_struct_asym.id 
_struct_asym.pdbx_blank_PDB_chainid_flag 
_struct_asym.pdbx_modified 
_struct_asym.entity_id 
_struct_asym.details 
A N N 1 ? 
B N N 1 ? 
C N N 2 ? 
D N N 3 ? 
E N N 3 ? 
# 
_struct_ref.id                         1 
_struct_ref.db_name                    UNP 
_struct_ref.db_code                    A0A2D0TCG3_NEIME 
_struct_ref.pdbx_db_accession          A0A2D0TCG3 
_struct_ref.pdbx_db_isoform            ? 
_struct_ref.entity_id                  1 
_struct_ref.pdbx_seq_one_letter_code   
;MANKTYKIGKNAGYDGCGLCLAAISENEAIKVKYLRDICPDYDGDDKAEDWLRWGTDSRVKAAALEMEQYAYTSVGMASC
WEFVEL
;
_struct_ref.pdbx_align_begin           1 
# 
loop_
_struct_ref_seq.align_id 
_struct_ref_seq.ref_id 
_struct_ref_seq.pdbx_PDB_id_code 
_struct_ref_seq.pdbx_strand_id 
_struct_ref_seq.seq_align_beg 
_struct_ref_seq.pdbx_seq_align_beg_ins_code 
_struct_ref_seq.seq_align_end 
_struct_ref_seq.pdbx_seq_align_end_ins_code 
_struct_ref_seq.pdbx_db_accession 
_struct_ref_seq.db_align_beg 
_struct_ref_seq.pdbx_db_align_beg_ins_code 
_struct_ref_seq.db_align_end 
_struct_ref_seq.pdbx_db_align_end_ins_code 
_struct_ref_seq.pdbx_auth_seq_align_beg 
_struct_ref_seq.pdbx_auth_seq_align_end 
1 1 7X4B A 1 ? 86 ? A0A2D0TCG3 1 ? 86 ? 0 85 
2 1 7X4B B 1 ? 86 ? A0A2D0TCG3 1 ? 86 ? 0 85 
# 
_pdbx_struct_assembly.id                   1 
_pdbx_struct_assembly.details              author_and_software_defined_assembly 
_pdbx_struct_assembly.method_details       PISA 
_pdbx_struct_assembly.oligomeric_details   dimeric 
_pdbx_struct_assembly.oligomeric_count     2 
# 
loop_
_pdbx_struct_assembly_prop.biol_id 
_pdbx_struct_assembly_prop.type 
_pdbx_struct_assembly_prop.value 
_pdbx_struct_assembly_prop.details 
1 'ABSA (A^2)' 580  ? 
1 MORE         -30  ? 
1 'SSA (A^2)'  9200 ? 
# 
_pdbx_struct_assembly_gen.assembly_id       1 
_pdbx_struct_assembly_gen.oper_expression   1 
_pdbx_struct_assembly_gen.asym_id_list      A,B,C,D,E 
# 
_pdbx_struct_assembly_auth_evidence.id                     1 
_pdbx_struct_assembly_auth_evidence.assembly_id            1 
_pdbx_struct_assembly_auth_evidence.experimental_support   'gel filtration' 
_pdbx_struct_assembly_auth_evidence.details                'SDS-PAGE confirms the dimer' 
# 
_pdbx_struct_oper_list.id                   1 
_pdbx_struct_oper_list.type                 'identity operation' 
_pdbx_struct_oper_list.name                 1_555 
_pdbx_struct_oper_list.symmetry_operation   x,y,z 
_pdbx_struct_oper_list.matrix[1][1]         1.0000000000 
_pdbx_struct_oper_list.matrix[1][2]         0.0000000000 
_pdbx_struct_oper_list.matrix[1][3]         0.0000000000 
_pdbx_struct_oper_list.vector[1]            0.0000000000 
_pdbx_struct_oper_list.matrix[2][1]         0.0000000000 
_pdbx_struct_oper_list.matrix[2][2]         1.0000000000 
_pdbx_struct_oper_list.matrix[2][3]         0.0000000000 
_pdbx_struct_oper_list.vector[2]            0.0000000000 
_pdbx_struct_oper_list.matrix[3][1]         0.0000000000 
_pdbx_struct_oper_list.matrix[3][2]         0.0000000000 
_pdbx_struct_oper_list.matrix[3][3]         1.0000000000 
_pdbx_struct_oper_list.vector[3]            0.0000000000 
# 
loop_
_struct_conf.conf_type_id 
_struct_conf.id 
_struct_conf.pdbx_PDB_helix_id 
_struct_conf.beg_label_comp_id 
_struct_conf.beg_label_asym_id 
_struct_conf.beg_label_seq_id 
_struct_conf.pdbx_beg_PDB_ins_code 
_struct_conf.end_label_comp_id 
_struct_conf.end_label_asym_id 
_struct_conf.end_label_seq_id 
_struct_conf.pdbx_end_PDB_ins_code 
_struct_conf.beg_auth_comp_id 
_struct_conf.beg_auth_asym_id 
_struct_conf.beg_auth_seq_id 
_struct_conf.end_auth_comp_id 
_struct_conf.end_auth_asym_id 
_struct_conf.end_auth_seq_id 
_struct_conf.pdbx_PDB_helix_class 
_struct_conf.details 
_struct_conf.pdbx_PDB_helix_length 
HELX_P HELX_P1 AA1 LEU A 35 ? CYS A 39 ? LEU A 34 CYS A 38 1 ? 5  
HELX_P HELX_P2 AA2 GLU A 49 ? GLY A 55 ? GLU A 48 GLY A 54 1 ? 7  
HELX_P HELX_P3 AA3 ASP A 57 ? GLN A 69 ? ASP A 56 GLN A 68 1 ? 13 
HELX_P HELX_P4 AA4 LEU B 35 ? CYS B 39 ? LEU B 34 CYS B 38 1 ? 5  
HELX_P HELX_P5 AA5 GLU B 49 ? GLY B 55 ? GLU B 48 GLY B 54 1 ? 7  
HELX_P HELX_P6 AA6 ASP B 57 ? GLN B 69 ? ASP B 56 GLN B 68 1 ? 13 
# 
_struct_conf_type.id          HELX_P 
_struct_conf_type.criteria    ? 
_struct_conf_type.reference   ? 
# 
loop_
_struct_conn.id 
_struct_conn.conn_type_id 
_struct_conn.pdbx_leaving_atom_flag 
_struct_conn.pdbx_PDB_id 
_struct_conn.ptnr1_label_asym_id 
_struct_conn.ptnr1_label_comp_id 
_struct_conn.ptnr1_label_seq_id 
_struct_conn.ptnr1_label_atom_id 
_struct_conn.pdbx_ptnr1_label_alt_id 
_struct_conn.pdbx_ptnr1_PDB_ins_code 
_struct_conn.pdbx_ptnr1_standard_comp_id 
_struct_conn.ptnr1_symmetry 
_struct_conn.ptnr2_label_asym_id 
_struct_conn.ptnr2_label_comp_id 
_struct_conn.ptnr2_label_seq_id 
_struct_conn.ptnr2_label_atom_id 
_struct_conn.pdbx_ptnr2_label_alt_id 
_struct_conn.pdbx_ptnr2_PDB_ins_code 
_struct_conn.ptnr1_auth_asym_id 
_struct_conn.ptnr1_auth_comp_id 
_struct_conn.ptnr1_auth_seq_id 
_struct_conn.ptnr2_auth_asym_id 
_struct_conn.ptnr2_auth_comp_id 
_struct_conn.ptnr2_auth_seq_id 
_struct_conn.ptnr2_symmetry 
_struct_conn.pdbx_ptnr3_label_atom_id 
_struct_conn.pdbx_ptnr3_label_seq_id 
_struct_conn.pdbx_ptnr3_label_comp_id 
_struct_conn.pdbx_ptnr3_label_asym_id 
_struct_conn.pdbx_ptnr3_label_alt_id 
_struct_conn.pdbx_ptnr3_PDB_ins_code 
_struct_conn.details 
_struct_conn.pdbx_dist_value 
_struct_conn.pdbx_value_order 
_struct_conn.pdbx_role 
disulf1 disulf ? ? A CYS 17 SG B ? ? 1_555 B CYS 80 SG B ? A CYS 16 B CYS 79 1_555 ? ? ? ? ? ? ? 2.026 ? ? 
disulf2 disulf ? ? A CYS 80 SG ? ? ? 1_555 B CYS 17 SG ? ? A CYS 79 B CYS 16 1_555 ? ? ? ? ? ? ? 2.038 ? ? 
# 
_struct_conn_type.id          disulf 
_struct_conn_type.criteria    ? 
_struct_conn_type.reference   ? 
# 
loop_
_pdbx_modification_feature.ordinal 
_pdbx_modification_feature.label_comp_id 
_pdbx_modification_feature.label_asym_id 
_pdbx_modification_feature.label_seq_id 
_pdbx_modification_feature.label_alt_id 
_pdbx_modification_feature.modified_residue_label_comp_id 
_pdbx_modification_feature.modified_residue_label_asym_id 
_pdbx_modification_feature.modified_residue_label_seq_id 
_pdbx_modification_feature.modified_residue_label_alt_id 
_pdbx_modification_feature.auth_comp_id 
_pdbx_modification_feature.auth_asym_id 
_pdbx_modification_feature.auth_seq_id 
_pdbx_modification_feature.PDB_ins_code 
_pdbx_modification_feature.symmetry 
_pdbx_modification_feature.modified_residue_auth_comp_id 
_pdbx_modification_feature.modified_residue_auth_asym_id 
_pdbx_modification_feature.modified_residue_auth_seq_id 
_pdbx_modification_feature.modified_residue_PDB_ins_code 
_pdbx_modification_feature.modified_residue_symmetry 
_pdbx_modification_feature.comp_id_linking_atom 
_pdbx_modification_feature.modified_residue_id_linking_atom 
_pdbx_modification_feature.modified_residue_id 
_pdbx_modification_feature.ref_pcm_id 
_pdbx_modification_feature.ref_comp_id 
_pdbx_modification_feature.type 
_pdbx_modification_feature.category 
1 CYS A 17 B CYS B 80 B CYS A 16 ? 1_555 CYS B 79 ? 1_555 SG SG . . . None 'Disulfide bridge' 
2 CYS A 80 ? CYS B 17 ? CYS A 79 ? 1_555 CYS B 16 ? 1_555 SG SG . . . None 'Disulfide bridge' 
# 
loop_
_struct_sheet.id 
_struct_sheet.type 
_struct_sheet.number_strands 
_struct_sheet.details 
AA1 ? 6 ? 
AA2 ? 6 ? 
# 
loop_
_struct_sheet_order.sheet_id 
_struct_sheet_order.range_id_1 
_struct_sheet_order.range_id_2 
_struct_sheet_order.offset 
_struct_sheet_order.sense 
AA1 1 2 ? parallel      
AA1 2 3 ? anti-parallel 
AA1 3 4 ? anti-parallel 
AA1 4 5 ? anti-parallel 
AA1 5 6 ? anti-parallel 
AA2 1 2 ? parallel      
AA2 2 3 ? anti-parallel 
AA2 3 4 ? anti-parallel 
AA2 4 5 ? anti-parallel 
AA2 5 6 ? anti-parallel 
# 
loop_
_struct_sheet_range.sheet_id 
_struct_sheet_range.id 
_struct_sheet_range.beg_label_comp_id 
_struct_sheet_range.beg_label_asym_id 
_struct_sheet_range.beg_label_seq_id 
_struct_sheet_range.pdbx_beg_PDB_ins_code 
_struct_sheet_range.end_label_comp_id 
_struct_sheet_range.end_label_asym_id 
_struct_sheet_range.end_label_seq_id 
_struct_sheet_range.pdbx_end_PDB_ins_code 
_struct_sheet_range.beg_auth_comp_id 
_struct_sheet_range.beg_auth_asym_id 
_struct_sheet_range.beg_auth_seq_id 
_struct_sheet_range.end_auth_comp_id 
_struct_sheet_range.end_auth_asym_id 
_struct_sheet_range.end_auth_seq_id 
AA1 1 THR A 5  ? ILE A 8  ? THR A 4  ILE A 7  
AA1 2 GLU A 28 ? TYR A 34 ? GLU A 27 TYR A 33 
AA1 3 GLY A 18 ? SER A 25 ? GLY A 17 SER A 24 
AA1 4 TYR A 72 ? SER A 79 ? TYR A 71 SER A 78 
AA1 5 GLU A 82 ? GLU A 85 ? GLU A 81 GLU A 84 
AA1 6 THR A 5  ? ILE A 8  ? THR A 4  ILE A 7  
AA2 1 THR B 5  ? ILE B 8  ? THR B 4  ILE B 7  
AA2 2 GLU B 28 ? TYR B 34 ? GLU B 27 TYR B 33 
AA2 3 GLY B 18 ? SER B 25 ? GLY B 17 SER B 24 
AA2 4 TYR B 72 ? SER B 79 ? TYR B 71 SER B 78 
AA2 5 GLU B 82 ? GLU B 85 ? GLU B 81 GLU B 84 
AA2 6 THR B 5  ? ILE B 8  ? THR B 4  ILE B 7  
# 
loop_
_pdbx_struct_sheet_hbond.sheet_id 
_pdbx_struct_sheet_hbond.range_id_1 
_pdbx_struct_sheet_hbond.range_id_2 
_pdbx_struct_sheet_hbond.range_1_label_atom_id 
_pdbx_struct_sheet_hbond.range_1_label_comp_id 
_pdbx_struct_sheet_hbond.range_1_label_asym_id 
_pdbx_struct_sheet_hbond.range_1_label_seq_id 
_pdbx_struct_sheet_hbond.range_1_PDB_ins_code 
_pdbx_struct_sheet_hbond.range_1_auth_atom_id 
_pdbx_struct_sheet_hbond.range_1_auth_comp_id 
_pdbx_struct_sheet_hbond.range_1_auth_asym_id 
_pdbx_struct_sheet_hbond.range_1_auth_seq_id 
_pdbx_struct_sheet_hbond.range_2_label_atom_id 
_pdbx_struct_sheet_hbond.range_2_label_comp_id 
_pdbx_struct_sheet_hbond.range_2_label_asym_id 
_pdbx_struct_sheet_hbond.range_2_label_seq_id 
_pdbx_struct_sheet_hbond.range_2_PDB_ins_code 
_pdbx_struct_sheet_hbond.range_2_auth_atom_id 
_pdbx_struct_sheet_hbond.range_2_auth_comp_id 
_pdbx_struct_sheet_hbond.range_2_auth_asym_id 
_pdbx_struct_sheet_hbond.range_2_auth_seq_id 
AA1 1 2 N LYS A 7  ? N LYS A 6  O ALA A 29 ? O ALA A 28 
AA1 2 3 O GLU A 28 ? O GLU A 27 N SER A 25 ? N SER A 24 
AA1 3 4 N ILE A 24 ? N ILE A 23 O TYR A 72 ? O TYR A 71 
AA1 4 5 N MET A 77 ? N MET A 76 O VAL A 84 ? O VAL A 83 
AA1 5 6 O PHE A 83 ? O PHE A 82 N TYR A 6  ? N TYR A 5  
AA2 1 2 N LYS B 7  ? N LYS B 6  O ALA B 29 ? O ALA B 28 
AA2 2 3 O LYS B 33 ? O LYS B 32 N LEU B 21 ? N LEU B 20 
AA2 3 4 N ILE B 24 ? N ILE B 23 O TYR B 72 ? O TYR B 71 
AA2 4 5 N MET B 77 ? N MET B 76 O VAL B 84 ? O VAL B 83 
AA2 5 6 O PHE B 83 ? O PHE B 82 N TYR B 6  ? N TYR B 5  
# 
_pdbx_entry_details.entry_id                   7X4B 
_pdbx_entry_details.has_ligand_of_interest     N 
_pdbx_entry_details.compound_details           ? 
_pdbx_entry_details.source_details             ? 
_pdbx_entry_details.nonpolymer_details         ? 
_pdbx_entry_details.sequence_details           ? 
_pdbx_entry_details.has_protein_modification   Y 
# 
_pdbx_validate_rmsd_angle.id                         1 
_pdbx_validate_rmsd_angle.PDB_model_num              1 
_pdbx_validate_rmsd_angle.auth_atom_id_1             CG 
_pdbx_validate_rmsd_angle.auth_asym_id_1             A 
_pdbx_validate_rmsd_angle.auth_comp_id_1             MET 
_pdbx_validate_rmsd_angle.auth_seq_id_1              66 
_pdbx_validate_rmsd_angle.PDB_ins_code_1             ? 
_pdbx_validate_rmsd_angle.label_alt_id_1             ? 
_pdbx_validate_rmsd_angle.auth_atom_id_2             SD 
_pdbx_validate_rmsd_angle.auth_asym_id_2             A 
_pdbx_validate_rmsd_angle.auth_comp_id_2             MET 
_pdbx_validate_rmsd_angle.auth_seq_id_2              66 
_pdbx_validate_rmsd_angle.PDB_ins_code_2             ? 
_pdbx_validate_rmsd_angle.label_alt_id_2             ? 
_pdbx_validate_rmsd_angle.auth_atom_id_3             CE 
_pdbx_validate_rmsd_angle.auth_asym_id_3             A 
_pdbx_validate_rmsd_angle.auth_comp_id_3             MET 
_pdbx_validate_rmsd_angle.auth_seq_id_3              66 
_pdbx_validate_rmsd_angle.PDB_ins_code_3             ? 
_pdbx_validate_rmsd_angle.label_alt_id_3             ? 
_pdbx_validate_rmsd_angle.angle_value                90.35 
_pdbx_validate_rmsd_angle.angle_target_value         100.20 
_pdbx_validate_rmsd_angle.angle_deviation            -9.85 
_pdbx_validate_rmsd_angle.angle_standard_deviation   1.60 
_pdbx_validate_rmsd_angle.linker_flag                N 
# 
loop_
_pdbx_validate_torsion.id 
_pdbx_validate_torsion.PDB_model_num 
_pdbx_validate_torsion.auth_comp_id 
_pdbx_validate_torsion.auth_asym_id 
_pdbx_validate_torsion.auth_seq_id 
_pdbx_validate_torsion.PDB_ins_code 
_pdbx_validate_torsion.label_alt_id 
_pdbx_validate_torsion.phi 
_pdbx_validate_torsion.psi 
1 1 ASP A 14 ? ? -142.79 43.45 
2 1 ASP B 14 ? ? -150.11 45.41 
# 
loop_
_pdbx_struct_special_symmetry.id 
_pdbx_struct_special_symmetry.PDB_model_num 
_pdbx_struct_special_symmetry.auth_asym_id 
_pdbx_struct_special_symmetry.auth_comp_id 
_pdbx_struct_special_symmetry.auth_seq_id 
_pdbx_struct_special_symmetry.PDB_ins_code 
_pdbx_struct_special_symmetry.label_asym_id 
_pdbx_struct_special_symmetry.label_comp_id 
_pdbx_struct_special_symmetry.label_seq_id 
1 1 A HOH 286 ? D HOH . 
2 1 B HOH 188 ? E HOH . 
# 
loop_
_space_group_symop.id 
_space_group_symop.operation_xyz 
1 x,y,z      
2 -y,x,z+1/2 
3 y,-x,z+1/2 
4 -x,-y,z    
# 
loop_
_pdbx_unobs_or_zero_occ_residues.id 
_pdbx_unobs_or_zero_occ_residues.PDB_model_num 
_pdbx_unobs_or_zero_occ_residues.polymer_flag 
_pdbx_unobs_or_zero_occ_residues.occupancy_flag 
_pdbx_unobs_or_zero_occ_residues.auth_asym_id 
_pdbx_unobs_or_zero_occ_residues.auth_comp_id 
_pdbx_unobs_or_zero_occ_residues.auth_seq_id 
_pdbx_unobs_or_zero_occ_residues.PDB_ins_code 
_pdbx_unobs_or_zero_occ_residues.label_asym_id 
_pdbx_unobs_or_zero_occ_residues.label_comp_id 
_pdbx_unobs_or_zero_occ_residues.label_seq_id 
1 1 Y 1 A MET 0 ? A MET 1 
2 1 Y 1 A ALA 1 ? A ALA 2 
3 1 Y 1 A ASN 2 ? A ASN 3 
4 1 Y 1 B MET 0 ? B MET 1 
5 1 Y 1 B ALA 1 ? B ALA 2 
6 1 Y 1 B ASN 2 ? B ASN 3 
# 
loop_
_chem_comp_atom.comp_id 
_chem_comp_atom.atom_id 
_chem_comp_atom.type_symbol 
_chem_comp_atom.pdbx_aromatic_flag 
_chem_comp_atom.pdbx_stereo_config 
_chem_comp_atom.pdbx_ordinal 
ALA N    N N N 1   
ALA CA   C N S 2   
ALA C    C N N 3   
ALA O    O N N 4   
ALA CB   C N N 5   
ALA OXT  O N N 6   
ALA H    H N N 7   
ALA H2   H N N 8   
ALA HA   H N N 9   
ALA HB1  H N N 10  
ALA HB2  H N N 11  
ALA HB3  H N N 12  
ALA HXT  H N N 13  
ARG N    N N N 14  
ARG CA   C N S 15  
ARG C    C N N 16  
ARG O    O N N 17  
ARG CB   C N N 18  
ARG CG   C N N 19  
ARG CD   C N N 20  
ARG NE   N N N 21  
ARG CZ   C N N 22  
ARG NH1  N N N 23  
ARG NH2  N N N 24  
ARG OXT  O N N 25  
ARG H    H N N 26  
ARG H2   H N N 27  
ARG HA   H N N 28  
ARG HB2  H N N 29  
ARG HB3  H N N 30  
ARG HG2  H N N 31  
ARG HG3  H N N 32  
ARG HD2  H N N 33  
ARG HD3  H N N 34  
ARG HE   H N N 35  
ARG HH11 H N N 36  
ARG HH12 H N N 37  
ARG HH21 H N N 38  
ARG HH22 H N N 39  
ARG HXT  H N N 40  
ASN N    N N N 41  
ASN CA   C N S 42  
ASN C    C N N 43  
ASN O    O N N 44  
ASN CB   C N N 45  
ASN CG   C N N 46  
ASN OD1  O N N 47  
ASN ND2  N N N 48  
ASN OXT  O N N 49  
ASN H    H N N 50  
ASN H2   H N N 51  
ASN HA   H N N 52  
ASN HB2  H N N 53  
ASN HB3  H N N 54  
ASN HD21 H N N 55  
ASN HD22 H N N 56  
ASN HXT  H N N 57  
ASP N    N N N 58  
ASP CA   C N S 59  
ASP C    C N N 60  
ASP O    O N N 61  
ASP CB   C N N 62  
ASP CG   C N N 63  
ASP OD1  O N N 64  
ASP OD2  O N N 65  
ASP OXT  O N N 66  
ASP H    H N N 67  
ASP H2   H N N 68  
ASP HA   H N N 69  
ASP HB2  H N N 70  
ASP HB3  H N N 71  
ASP HD2  H N N 72  
ASP HXT  H N N 73  
CYS N    N N N 74  
CYS CA   C N R 75  
CYS C    C N N 76  
CYS O    O N N 77  
CYS CB   C N N 78  
CYS SG   S N N 79  
CYS OXT  O N N 80  
CYS H    H N N 81  
CYS H2   H N N 82  
CYS HA   H N N 83  
CYS HB2  H N N 84  
CYS HB3  H N N 85  
CYS HG   H N N 86  
CYS HXT  H N N 87  
GLN N    N N N 88  
GLN CA   C N S 89  
GLN C    C N N 90  
GLN O    O N N 91  
GLN CB   C N N 92  
GLN CG   C N N 93  
GLN CD   C N N 94  
GLN OE1  O N N 95  
GLN NE2  N N N 96  
GLN OXT  O N N 97  
GLN H    H N N 98  
GLN H2   H N N 99  
GLN HA   H N N 100 
GLN HB2  H N N 101 
GLN HB3  H N N 102 
GLN HG2  H N N 103 
GLN HG3  H N N 104 
GLN HE21 H N N 105 
GLN HE22 H N N 106 
GLN HXT  H N N 107 
GLU N    N N N 108 
GLU CA   C N S 109 
GLU C    C N N 110 
GLU O    O N N 111 
GLU CB   C N N 112 
GLU CG   C N N 113 
GLU CD   C N N 114 
GLU OE1  O N N 115 
GLU OE2  O N N 116 
GLU OXT  O N N 117 
GLU H    H N N 118 
GLU H2   H N N 119 
GLU HA   H N N 120 
GLU HB2  H N N 121 
GLU HB3  H N N 122 
GLU HG2  H N N 123 
GLU HG3  H N N 124 
GLU HE2  H N N 125 
GLU HXT  H N N 126 
GLY N    N N N 127 
GLY CA   C N N 128 
GLY C    C N N 129 
GLY O    O N N 130 
GLY OXT  O N N 131 
GLY H    H N N 132 
GLY H2   H N N 133 
GLY HA2  H N N 134 
GLY HA3  H N N 135 
GLY HXT  H N N 136 
HOH O    O N N 137 
HOH H1   H N N 138 
HOH H2   H N N 139 
ILE N    N N N 140 
ILE CA   C N S 141 
ILE C    C N N 142 
ILE O    O N N 143 
ILE CB   C N S 144 
ILE CG1  C N N 145 
ILE CG2  C N N 146 
ILE CD1  C N N 147 
ILE OXT  O N N 148 
ILE H    H N N 149 
ILE H2   H N N 150 
ILE HA   H N N 151 
ILE HB   H N N 152 
ILE HG12 H N N 153 
ILE HG13 H N N 154 
ILE HG21 H N N 155 
ILE HG22 H N N 156 
ILE HG23 H N N 157 
ILE HD11 H N N 158 
ILE HD12 H N N 159 
ILE HD13 H N N 160 
ILE HXT  H N N 161 
LEU N    N N N 162 
LEU CA   C N S 163 
LEU C    C N N 164 
LEU O    O N N 165 
LEU CB   C N N 166 
LEU CG   C N N 167 
LEU CD1  C N N 168 
LEU CD2  C N N 169 
LEU OXT  O N N 170 
LEU H    H N N 171 
LEU H2   H N N 172 
LEU HA   H N N 173 
LEU HB2  H N N 174 
LEU HB3  H N N 175 
LEU HG   H N N 176 
LEU HD11 H N N 177 
LEU HD12 H N N 178 
LEU HD13 H N N 179 
LEU HD21 H N N 180 
LEU HD22 H N N 181 
LEU HD23 H N N 182 
LEU HXT  H N N 183 
LYS N    N N N 184 
LYS CA   C N S 185 
LYS C    C N N 186 
LYS O    O N N 187 
LYS CB   C N N 188 
LYS CG   C N N 189 
LYS CD   C N N 190 
LYS CE   C N N 191 
LYS NZ   N N N 192 
LYS OXT  O N N 193 
LYS H    H N N 194 
LYS H2   H N N 195 
LYS HA   H N N 196 
LYS HB2  H N N 197 
LYS HB3  H N N 198 
LYS HG2  H N N 199 
LYS HG3  H N N 200 
LYS HD2  H N N 201 
LYS HD3  H N N 202 
LYS HE2  H N N 203 
LYS HE3  H N N 204 
LYS HZ1  H N N 205 
LYS HZ2  H N N 206 
LYS HZ3  H N N 207 
LYS HXT  H N N 208 
MET N    N N N 209 
MET CA   C N S 210 
MET C    C N N 211 
MET O    O N N 212 
MET CB   C N N 213 
MET CG   C N N 214 
MET SD   S N N 215 
MET CE   C N N 216 
MET OXT  O N N 217 
MET H    H N N 218 
MET H2   H N N 219 
MET HA   H N N 220 
MET HB2  H N N 221 
MET HB3  H N N 222 
MET HG2  H N N 223 
MET HG3  H N N 224 
MET HE1  H N N 225 
MET HE2  H N N 226 
MET HE3  H N N 227 
MET HXT  H N N 228 
PHE N    N N N 229 
PHE CA   C N S 230 
PHE C    C N N 231 
PHE O    O N N 232 
PHE CB   C N N 233 
PHE CG   C Y N 234 
PHE CD1  C Y N 235 
PHE CD2  C Y N 236 
PHE CE1  C Y N 237 
PHE CE2  C Y N 238 
PHE CZ   C Y N 239 
PHE OXT  O N N 240 
PHE H    H N N 241 
PHE H2   H N N 242 
PHE HA   H N N 243 
PHE HB2  H N N 244 
PHE HB3  H N N 245 
PHE HD1  H N N 246 
PHE HD2  H N N 247 
PHE HE1  H N N 248 
PHE HE2  H N N 249 
PHE HZ   H N N 250 
PHE HXT  H N N 251 
PRO N    N N N 252 
PRO CA   C N S 253 
PRO C    C N N 254 
PRO O    O N N 255 
PRO CB   C N N 256 
PRO CG   C N N 257 
PRO CD   C N N 258 
PRO OXT  O N N 259 
PRO H    H N N 260 
PRO HA   H N N 261 
PRO HB2  H N N 262 
PRO HB3  H N N 263 
PRO HG2  H N N 264 
PRO HG3  H N N 265 
PRO HD2  H N N 266 
PRO HD3  H N N 267 
PRO HXT  H N N 268 
SER N    N N N 269 
SER CA   C N S 270 
SER C    C N N 271 
SER O    O N N 272 
SER CB   C N N 273 
SER OG   O N N 274 
SER OXT  O N N 275 
SER H    H N N 276 
SER H2   H N N 277 
SER HA   H N N 278 
SER HB2  H N N 279 
SER HB3  H N N 280 
SER HG   H N N 281 
SER HXT  H N N 282 
SO4 S    S N N 283 
SO4 O1   O N N 284 
SO4 O2   O N N 285 
SO4 O3   O N N 286 
SO4 O4   O N N 287 
THR N    N N N 288 
THR CA   C N S 289 
THR C    C N N 290 
THR O    O N N 291 
THR CB   C N R 292 
THR OG1  O N N 293 
THR CG2  C N N 294 
THR OXT  O N N 295 
THR H    H N N 296 
THR H2   H N N 297 
THR HA   H N N 298 
THR HB   H N N 299 
THR HG1  H N N 300 
THR HG21 H N N 301 
THR HG22 H N N 302 
THR HG23 H N N 303 
THR HXT  H N N 304 
TRP N    N N N 305 
TRP CA   C N S 306 
TRP C    C N N 307 
TRP O    O N N 308 
TRP CB   C N N 309 
TRP CG   C Y N 310 
TRP CD1  C Y N 311 
TRP CD2  C Y N 312 
TRP NE1  N Y N 313 
TRP CE2  C Y N 314 
TRP CE3  C Y N 315 
TRP CZ2  C Y N 316 
TRP CZ3  C Y N 317 
TRP CH2  C Y N 318 
TRP OXT  O N N 319 
TRP H    H N N 320 
TRP H2   H N N 321 
TRP HA   H N N 322 
TRP HB2  H N N 323 
TRP HB3  H N N 324 
TRP HD1  H N N 325 
TRP HE1  H N N 326 
TRP HE3  H N N 327 
TRP HZ2  H N N 328 
TRP HZ3  H N N 329 
TRP HH2  H N N 330 
TRP HXT  H N N 331 
TYR N    N N N 332 
TYR CA   C N S 333 
TYR C    C N N 334 
TYR O    O N N 335 
TYR CB   C N N 336 
TYR CG   C Y N 337 
TYR CD1  C Y N 338 
TYR CD2  C Y N 339 
TYR CE1  C Y N 340 
TYR CE2  C Y N 341 
TYR CZ   C Y N 342 
TYR OH   O N N 343 
TYR OXT  O N N 344 
TYR H    H N N 345 
TYR H2   H N N 346 
TYR HA   H N N 347 
TYR HB2  H N N 348 
TYR HB3  H N N 349 
TYR HD1  H N N 350 
TYR HD2  H N N 351 
TYR HE1  H N N 352 
TYR HE2  H N N 353 
TYR HH   H N N 354 
TYR HXT  H N N 355 
VAL N    N N N 356 
VAL CA   C N S 357 
VAL C    C N N 358 
VAL O    O N N 359 
VAL CB   C N N 360 
VAL CG1  C N N 361 
VAL CG2  C N N 362 
VAL OXT  O N N 363 
VAL H    H N N 364 
VAL H2   H N N 365 
VAL HA   H N N 366 
VAL HB   H N N 367 
VAL HG11 H N N 368 
VAL HG12 H N N 369 
VAL HG13 H N N 370 
VAL HG21 H N N 371 
VAL HG22 H N N 372 
VAL HG23 H N N 373 
VAL HXT  H N N 374 
# 
loop_
_chem_comp_bond.comp_id 
_chem_comp_bond.atom_id_1 
_chem_comp_bond.atom_id_2 
_chem_comp_bond.value_order 
_chem_comp_bond.pdbx_aromatic_flag 
_chem_comp_bond.pdbx_stereo_config 
_chem_comp_bond.pdbx_ordinal 
ALA N   CA   sing N N 1   
ALA N   H    sing N N 2   
ALA N   H2   sing N N 3   
ALA CA  C    sing N N 4   
ALA CA  CB   sing N N 5   
ALA CA  HA   sing N N 6   
ALA C   O    doub N N 7   
ALA C   OXT  sing N N 8   
ALA CB  HB1  sing N N 9   
ALA CB  HB2  sing N N 10  
ALA CB  HB3  sing N N 11  
ALA OXT HXT  sing N N 12  
ARG N   CA   sing N N 13  
ARG N   H    sing N N 14  
ARG N   H2   sing N N 15  
ARG CA  C    sing N N 16  
ARG CA  CB   sing N N 17  
ARG CA  HA   sing N N 18  
ARG C   O    doub N N 19  
ARG C   OXT  sing N N 20  
ARG CB  CG   sing N N 21  
ARG CB  HB2  sing N N 22  
ARG CB  HB3  sing N N 23  
ARG CG  CD   sing N N 24  
ARG CG  HG2  sing N N 25  
ARG CG  HG3  sing N N 26  
ARG CD  NE   sing N N 27  
ARG CD  HD2  sing N N 28  
ARG CD  HD3  sing N N 29  
ARG NE  CZ   sing N N 30  
ARG NE  HE   sing N N 31  
ARG CZ  NH1  sing N N 32  
ARG CZ  NH2  doub N N 33  
ARG NH1 HH11 sing N N 34  
ARG NH1 HH12 sing N N 35  
ARG NH2 HH21 sing N N 36  
ARG NH2 HH22 sing N N 37  
ARG OXT HXT  sing N N 38  
ASN N   CA   sing N N 39  
ASN N   H    sing N N 40  
ASN N   H2   sing N N 41  
ASN CA  C    sing N N 42  
ASN CA  CB   sing N N 43  
ASN CA  HA   sing N N 44  
ASN C   O    doub N N 45  
ASN C   OXT  sing N N 46  
ASN CB  CG   sing N N 47  
ASN CB  HB2  sing N N 48  
ASN CB  HB3  sing N N 49  
ASN CG  OD1  doub N N 50  
ASN CG  ND2  sing N N 51  
ASN ND2 HD21 sing N N 52  
ASN ND2 HD22 sing N N 53  
ASN OXT HXT  sing N N 54  
ASP N   CA   sing N N 55  
ASP N   H    sing N N 56  
ASP N   H2   sing N N 57  
ASP CA  C    sing N N 58  
ASP CA  CB   sing N N 59  
ASP CA  HA   sing N N 60  
ASP C   O    doub N N 61  
ASP C   OXT  sing N N 62  
ASP CB  CG   sing N N 63  
ASP CB  HB2  sing N N 64  
ASP CB  HB3  sing N N 65  
ASP CG  OD1  doub N N 66  
ASP CG  OD2  sing N N 67  
ASP OD2 HD2  sing N N 68  
ASP OXT HXT  sing N N 69  
CYS N   CA   sing N N 70  
CYS N   H    sing N N 71  
CYS N   H2   sing N N 72  
CYS CA  C    sing N N 73  
CYS CA  CB   sing N N 74  
CYS CA  HA   sing N N 75  
CYS C   O    doub N N 76  
CYS C   OXT  sing N N 77  
CYS CB  SG   sing N N 78  
CYS CB  HB2  sing N N 79  
CYS CB  HB3  sing N N 80  
CYS SG  HG   sing N N 81  
CYS OXT HXT  sing N N 82  
GLN N   CA   sing N N 83  
GLN N   H    sing N N 84  
GLN N   H2   sing N N 85  
GLN CA  C    sing N N 86  
GLN CA  CB   sing N N 87  
GLN CA  HA   sing N N 88  
GLN C   O    doub N N 89  
GLN C   OXT  sing N N 90  
GLN CB  CG   sing N N 91  
GLN CB  HB2  sing N N 92  
GLN CB  HB3  sing N N 93  
GLN CG  CD   sing N N 94  
GLN CG  HG2  sing N N 95  
GLN CG  HG3  sing N N 96  
GLN CD  OE1  doub N N 97  
GLN CD  NE2  sing N N 98  
GLN NE2 HE21 sing N N 99  
GLN NE2 HE22 sing N N 100 
GLN OXT HXT  sing N N 101 
GLU N   CA   sing N N 102 
GLU N   H    sing N N 103 
GLU N   H2   sing N N 104 
GLU CA  C    sing N N 105 
GLU CA  CB   sing N N 106 
GLU CA  HA   sing N N 107 
GLU C   O    doub N N 108 
GLU C   OXT  sing N N 109 
GLU CB  CG   sing N N 110 
GLU CB  HB2  sing N N 111 
GLU CB  HB3  sing N N 112 
GLU CG  CD   sing N N 113 
GLU CG  HG2  sing N N 114 
GLU CG  HG3  sing N N 115 
GLU CD  OE1  doub N N 116 
GLU CD  OE2  sing N N 117 
GLU OE2 HE2  sing N N 118 
GLU OXT HXT  sing N N 119 
GLY N   CA   sing N N 120 
GLY N   H    sing N N 121 
GLY N   H2   sing N N 122 
GLY CA  C    sing N N 123 
GLY CA  HA2  sing N N 124 
GLY CA  HA3  sing N N 125 
GLY C   O    doub N N 126 
GLY C   OXT  sing N N 127 
GLY OXT HXT  sing N N 128 
HOH O   H1   sing N N 129 
HOH O   H2   sing N N 130 
ILE N   CA   sing N N 131 
ILE N   H    sing N N 132 
ILE N   H2   sing N N 133 
ILE CA  C    sing N N 134 
ILE CA  CB   sing N N 135 
ILE CA  HA   sing N N 136 
ILE C   O    doub N N 137 
ILE C   OXT  sing N N 138 
ILE CB  CG1  sing N N 139 
ILE CB  CG2  sing N N 140 
ILE CB  HB   sing N N 141 
ILE CG1 CD1  sing N N 142 
ILE CG1 HG12 sing N N 143 
ILE CG1 HG13 sing N N 144 
ILE CG2 HG21 sing N N 145 
ILE CG2 HG22 sing N N 146 
ILE CG2 HG23 sing N N 147 
ILE CD1 HD11 sing N N 148 
ILE CD1 HD12 sing N N 149 
ILE CD1 HD13 sing N N 150 
ILE OXT HXT  sing N N 151 
LEU N   CA   sing N N 152 
LEU N   H    sing N N 153 
LEU N   H2   sing N N 154 
LEU CA  C    sing N N 155 
LEU CA  CB   sing N N 156 
LEU CA  HA   sing N N 157 
LEU C   O    doub N N 158 
LEU C   OXT  sing N N 159 
LEU CB  CG   sing N N 160 
LEU CB  HB2  sing N N 161 
LEU CB  HB3  sing N N 162 
LEU CG  CD1  sing N N 163 
LEU CG  CD2  sing N N 164 
LEU CG  HG   sing N N 165 
LEU CD1 HD11 sing N N 166 
LEU CD1 HD12 sing N N 167 
LEU CD1 HD13 sing N N 168 
LEU CD2 HD21 sing N N 169 
LEU CD2 HD22 sing N N 170 
LEU CD2 HD23 sing N N 171 
LEU OXT HXT  sing N N 172 
LYS N   CA   sing N N 173 
LYS N   H    sing N N 174 
LYS N   H2   sing N N 175 
LYS CA  C    sing N N 176 
LYS CA  CB   sing N N 177 
LYS CA  HA   sing N N 178 
LYS C   O    doub N N 179 
LYS C   OXT  sing N N 180 
LYS CB  CG   sing N N 181 
LYS CB  HB2  sing N N 182 
LYS CB  HB3  sing N N 183 
LYS CG  CD   sing N N 184 
LYS CG  HG2  sing N N 185 
LYS CG  HG3  sing N N 186 
LYS CD  CE   sing N N 187 
LYS CD  HD2  sing N N 188 
LYS CD  HD3  sing N N 189 
LYS CE  NZ   sing N N 190 
LYS CE  HE2  sing N N 191 
LYS CE  HE3  sing N N 192 
LYS NZ  HZ1  sing N N 193 
LYS NZ  HZ2  sing N N 194 
LYS NZ  HZ3  sing N N 195 
LYS OXT HXT  sing N N 196 
MET N   CA   sing N N 197 
MET N   H    sing N N 198 
MET N   H2   sing N N 199 
MET CA  C    sing N N 200 
MET CA  CB   sing N N 201 
MET CA  HA   sing N N 202 
MET C   O    doub N N 203 
MET C   OXT  sing N N 204 
MET CB  CG   sing N N 205 
MET CB  HB2  sing N N 206 
MET CB  HB3  sing N N 207 
MET CG  SD   sing N N 208 
MET CG  HG2  sing N N 209 
MET CG  HG3  sing N N 210 
MET SD  CE   sing N N 211 
MET CE  HE1  sing N N 212 
MET CE  HE2  sing N N 213 
MET CE  HE3  sing N N 214 
MET OXT HXT  sing N N 215 
PHE N   CA   sing N N 216 
PHE N   H    sing N N 217 
PHE N   H2   sing N N 218 
PHE CA  C    sing N N 219 
PHE CA  CB   sing N N 220 
PHE CA  HA   sing N N 221 
PHE C   O    doub N N 222 
PHE C   OXT  sing N N 223 
PHE CB  CG   sing N N 224 
PHE CB  HB2  sing N N 225 
PHE CB  HB3  sing N N 226 
PHE CG  CD1  doub Y N 227 
PHE CG  CD2  sing Y N 228 
PHE CD1 CE1  sing Y N 229 
PHE CD1 HD1  sing N N 230 
PHE CD2 CE2  doub Y N 231 
PHE CD2 HD2  sing N N 232 
PHE CE1 CZ   doub Y N 233 
PHE CE1 HE1  sing N N 234 
PHE CE2 CZ   sing Y N 235 
PHE CE2 HE2  sing N N 236 
PHE CZ  HZ   sing N N 237 
PHE OXT HXT  sing N N 238 
PRO N   CA   sing N N 239 
PRO N   CD   sing N N 240 
PRO N   H    sing N N 241 
PRO CA  C    sing N N 242 
PRO CA  CB   sing N N 243 
PRO CA  HA   sing N N 244 
PRO C   O    doub N N 245 
PRO C   OXT  sing N N 246 
PRO CB  CG   sing N N 247 
PRO CB  HB2  sing N N 248 
PRO CB  HB3  sing N N 249 
PRO CG  CD   sing N N 250 
PRO CG  HG2  sing N N 251 
PRO CG  HG3  sing N N 252 
PRO CD  HD2  sing N N 253 
PRO CD  HD3  sing N N 254 
PRO OXT HXT  sing N N 255 
SER N   CA   sing N N 256 
SER N   H    sing N N 257 
SER N   H2   sing N N 258 
SER CA  C    sing N N 259 
SER CA  CB   sing N N 260 
SER CA  HA   sing N N 261 
SER C   O    doub N N 262 
SER C   OXT  sing N N 263 
SER CB  OG   sing N N 264 
SER CB  HB2  sing N N 265 
SER CB  HB3  sing N N 266 
SER OG  HG   sing N N 267 
SER OXT HXT  sing N N 268 
SO4 S   O1   doub N N 269 
SO4 S   O2   doub N N 270 
SO4 S   O3   sing N N 271 
SO4 S   O4   sing N N 272 
THR N   CA   sing N N 273 
THR N   H    sing N N 274 
THR N   H2   sing N N 275 
THR CA  C    sing N N 276 
THR CA  CB   sing N N 277 
THR CA  HA   sing N N 278 
THR C   O    doub N N 279 
THR C   OXT  sing N N 280 
THR CB  OG1  sing N N 281 
THR CB  CG2  sing N N 282 
THR CB  HB   sing N N 283 
THR OG1 HG1  sing N N 284 
THR CG2 HG21 sing N N 285 
THR CG2 HG22 sing N N 286 
THR CG2 HG23 sing N N 287 
THR OXT HXT  sing N N 288 
TRP N   CA   sing N N 289 
TRP N   H    sing N N 290 
TRP N   H2   sing N N 291 
TRP CA  C    sing N N 292 
TRP CA  CB   sing N N 293 
TRP CA  HA   sing N N 294 
TRP C   O    doub N N 295 
TRP C   OXT  sing N N 296 
TRP CB  CG   sing N N 297 
TRP CB  HB2  sing N N 298 
TRP CB  HB3  sing N N 299 
TRP CG  CD1  doub Y N 300 
TRP CG  CD2  sing Y N 301 
TRP CD1 NE1  sing Y N 302 
TRP CD1 HD1  sing N N 303 
TRP CD2 CE2  doub Y N 304 
TRP CD2 CE3  sing Y N 305 
TRP NE1 CE2  sing Y N 306 
TRP NE1 HE1  sing N N 307 
TRP CE2 CZ2  sing Y N 308 
TRP CE3 CZ3  doub Y N 309 
TRP CE3 HE3  sing N N 310 
TRP CZ2 CH2  doub Y N 311 
TRP CZ2 HZ2  sing N N 312 
TRP CZ3 CH2  sing Y N 313 
TRP CZ3 HZ3  sing N N 314 
TRP CH2 HH2  sing N N 315 
TRP OXT HXT  sing N N 316 
TYR N   CA   sing N N 317 
TYR N   H    sing N N 318 
TYR N   H2   sing N N 319 
TYR CA  C    sing N N 320 
TYR CA  CB   sing N N 321 
TYR CA  HA   sing N N 322 
TYR C   O    doub N N 323 
TYR C   OXT  sing N N 324 
TYR CB  CG   sing N N 325 
TYR CB  HB2  sing N N 326 
TYR CB  HB3  sing N N 327 
TYR CG  CD1  doub Y N 328 
TYR CG  CD2  sing Y N 329 
TYR CD1 CE1  sing Y N 330 
TYR CD1 HD1  sing N N 331 
TYR CD2 CE2  doub Y N 332 
TYR CD2 HD2  sing N N 333 
TYR CE1 CZ   doub Y N 334 
TYR CE1 HE1  sing N N 335 
TYR CE2 CZ   sing Y N 336 
TYR CE2 HE2  sing N N 337 
TYR CZ  OH   sing N N 338 
TYR OH  HH   sing N N 339 
TYR OXT HXT  sing N N 340 
VAL N   CA   sing N N 341 
VAL N   H    sing N N 342 
VAL N   H2   sing N N 343 
VAL CA  C    sing N N 344 
VAL CA  CB   sing N N 345 
VAL CA  HA   sing N N 346 
VAL C   O    doub N N 347 
VAL C   OXT  sing N N 348 
VAL CB  CG1  sing N N 349 
VAL CB  CG2  sing N N 350 
VAL CB  HB   sing N N 351 
VAL CG1 HG11 sing N N 352 
VAL CG1 HG12 sing N N 353 
VAL CG1 HG13 sing N N 354 
VAL CG2 HG21 sing N N 355 
VAL CG2 HG22 sing N N 356 
VAL CG2 HG23 sing N N 357 
VAL OXT HXT  sing N N 358 
# 
loop_
_pdbx_audit_support.funding_organization 
_pdbx_audit_support.country 
_pdbx_audit_support.grant_number 
_pdbx_audit_support.ordinal 
'National Natural Science Foundation of China (NSFC)' China 31900863 1 
'National Natural Science Foundation of China (NSFC)' China 32071297 2 
# 
_pdbx_initial_refinement_model.id               1 
_pdbx_initial_refinement_model.entity_id_list   ? 
_pdbx_initial_refinement_model.type             'experimental model' 
_pdbx_initial_refinement_model.source_name      PDB 
_pdbx_initial_refinement_model.accession_code   5VGB 
_pdbx_initial_refinement_model.details          ? 
# 
_space_group.name_H-M_alt     'P 42' 
_space_group.name_Hall        'P 4c' 
_space_group.IT_number        77 
_space_group.crystal_system   tetragonal 
_space_group.id               1 
# 
_atom_sites.entry_id                    7X4B 
_atom_sites.Cartn_transf_matrix[1][1]   ? 
_atom_sites.Cartn_transf_matrix[1][2]   ? 
_atom_sites.Cartn_transf_matrix[1][3]   ? 
_atom_sites.Cartn_transf_matrix[2][1]   ? 
_atom_sites.Cartn_transf_matrix[2][2]   ? 
_atom_sites.Cartn_transf_matrix[2][3]   ? 
_atom_sites.Cartn_transf_matrix[3][1]   ? 
_atom_sites.Cartn_transf_matrix[3][2]   ? 
_atom_sites.Cartn_transf_matrix[3][3]   ? 
_atom_sites.Cartn_transf_vector[1]      ? 
_atom_sites.Cartn_transf_vector[2]      ? 
_atom_sites.Cartn_transf_vector[3]      ? 
_atom_sites.fract_transf_matrix[1][1]   0.00382998 
_atom_sites.fract_transf_matrix[1][2]   -0.00428367 
_atom_sites.fract_transf_matrix[1][3]   0.01063718 
_atom_sites.fract_transf_matrix[2][1]   0.01093048 
_atom_sites.fract_transf_matrix[2][2]   -0.00202747 
_atom_sites.fract_transf_matrix[2][3]   -0.00475207 
_atom_sites.fract_transf_matrix[3][1]   0.00833219 
_atom_sites.fract_transf_matrix[3][2]   0.02672595 
_atom_sites.fract_transf_matrix[3][3]   0.00776267 
_atom_sites.fract_transf_vector[1]      0.258840 
_atom_sites.fract_transf_vector[2]      0.242188 
_atom_sites.fract_transf_vector[3]      0.083737 
_atom_sites.solution_primary            ? 
_atom_sites.solution_secondary          ? 
_atom_sites.solution_hydrogens          ? 
_atom_sites.special_details             ? 
# 
loop_
_atom_type.symbol 
_atom_type.scat_dispersion_real 
_atom_type.scat_dispersion_imag 
_atom_type.scat_Cromer_Mann_a1 
_atom_type.scat_Cromer_Mann_a2 
_atom_type.scat_Cromer_Mann_a3 
_atom_type.scat_Cromer_Mann_a4 
_atom_type.scat_Cromer_Mann_b1 
_atom_type.scat_Cromer_Mann_b2 
_atom_type.scat_Cromer_Mann_b3 
_atom_type.scat_Cromer_Mann_b4 
_atom_type.scat_Cromer_Mann_c 
_atom_type.scat_source 
_atom_type.scat_dispersion_source 
C ? ? 3.54356 2.42580 ? ? 25.62398 1.50364  ? ? 0.0 
;2-Gaussian fit: Grosse-Kunstleve RW, Sauter NK, Adams PD: Newsletter of the IUCr Commission on Crystallographic Computing 2004, 3, 22-31.
;
? 
N ? ? 4.01032 2.96436 ? ? 19.97189 1.75589  ? ? 0.0 
;2-Gaussian fit: Grosse-Kunstleve RW, Sauter NK, Adams PD: Newsletter of the IUCr Commission on Crystallographic Computing 2004, 3, 22-31.
;
? 
O ? ? 4.49882 3.47563 ? ? 15.80542 1.70748  ? ? 0.0 
;2-Gaussian fit: Grosse-Kunstleve RW, Sauter NK, Adams PD: Newsletter of the IUCr Commission on Crystallographic Computing 2004, 3, 22-31.
;
? 
S ? ? 9.55732 6.39887 ? ? 1.23737  29.19336 ? ? 0.0 
;2-Gaussian fit: Grosse-Kunstleve RW, Sauter NK, Adams PD: Newsletter of the IUCr Commission on Crystallographic Computing 2004, 3, 22-31.
;
? 
# 
loop_
_atom_site.group_PDB 
_atom_site.id 
_atom_site.type_symbol 
_atom_site.label_atom_id 
_atom_site.label_alt_id 
_atom_site.label_comp_id 
_atom_site.label_asym_id 
_atom_site.label_entity_id 
_atom_site.label_seq_id 
_atom_site.pdbx_PDB_ins_code 
_atom_site.Cartn_x 
_atom_site.Cartn_y 
_atom_site.Cartn_z 
_atom_site.occupancy 
_atom_site.B_iso_or_equiv 
_atom_site.pdbx_formal_charge 
_atom_site.auth_seq_id 
_atom_site.auth_comp_id 
_atom_site.auth_asym_id 
_atom_site.auth_atom_id 
_atom_site.pdbx_PDB_model_num 
ATOM   1    N N   . LYS A 1 4  ? -9.28518  13.32355  5.66741   1.000 46.97028 ? 3   LYS A N   1 
ATOM   2    C CA  . LYS A 1 4  ? -9.87570  12.40447  6.63978   1.000 50.38689 ? 3   LYS A CA  1 
ATOM   3    C C   . LYS A 1 4  ? -9.68243  10.94751  6.24039   1.000 47.53047 ? 3   LYS A C   1 
ATOM   4    O O   . LYS A 1 4  ? -9.66057  10.62116  5.04839   1.000 42.88559 ? 3   LYS A O   1 
ATOM   5    C CB  . LYS A 1 4  ? -11.36410 12.69520  6.83111   1.000 47.32555 ? 3   LYS A CB  1 
ATOM   6    C CG  . LYS A 1 4  ? -11.93996 12.04074  8.08195   1.000 46.74862 ? 3   LYS A CG  1 
ATOM   7    C CD  . LYS A 1 4  ? -11.15884 12.44389  9.31821   1.000 48.29047 ? 3   LYS A CD  1 
ATOM   8    C CE  . LYS A 1 4  ? -11.74297 11.80427  10.56378  1.000 50.12972 ? 3   LYS A CE  1 
ATOM   9    N NZ  . LYS A 1 4  ? -13.16223 11.43104  10.33264  1.000 46.09786 ? 3   LYS A NZ  1 
ATOM   10   N N   . THR A 1 5  ? -9.58854  10.07653  7.25048   1.000 41.74243 ? 4   THR A N   1 
ATOM   11   C CA  . THR A 1 5  ? -9.09461  8.71801   7.08971   1.000 38.36632 ? 4   THR A CA  1 
ATOM   12   C C   . THR A 1 5  ? -10.02614 7.72965   7.78056   1.000 37.82575 ? 4   THR A C   1 
ATOM   13   O O   . THR A 1 5  ? -10.48529 7.97315   8.90231   1.000 38.07846 ? 4   THR A O   1 
ATOM   14   C CB  . THR A 1 5  ? -7.67959  8.62724   7.66723   1.000 40.32064 ? 4   THR A CB  1 
ATOM   15   O OG1 . THR A 1 5  ? -6.75368  9.14236   6.70574   1.000 42.01538 ? 4   THR A OG1 1 
ATOM   16   C CG2 . THR A 1 5  ? -7.30693  7.19092   7.99947   1.000 39.46253 ? 4   THR A CG2 1 
ATOM   17   N N   . TYR A 1 6  ? -10.29723 6.60546   7.11073   1.000 31.06697 ? 5   TYR A N   1 
ATOM   18   C CA  . TYR A 1 6  ? -11.23353 5.60371   7.59720   1.000 34.74266 ? 5   TYR A CA  1 
ATOM   19   C C   . TYR A 1 6  ? -10.64304 4.20979   7.44527   1.000 33.98310 ? 5   TYR A C   1 
ATOM   20   O O   . TYR A 1 6  ? -10.04026 3.88952   6.41580   1.000 33.93978 ? 5   TYR A O   1 
ATOM   21   C CB  . TYR A 1 6  ? -12.56672 5.67078   6.83439   1.000 28.60585 ? 5   TYR A CB  1 
ATOM   22   C CG  . TYR A 1 6  ? -13.29581 6.97622   6.99527   1.000 30.78603 ? 5   TYR A CG  1 
ATOM   23   C CD1 . TYR A 1 6  ? -14.07231 7.21758   8.11857   1.000 31.76582 ? 5   TYR A CD1 1 
ATOM   24   C CD2 . TYR A 1 6  ? -13.20454 7.97637   6.03252   1.000 31.77111 ? 5   TYR A CD2 1 
ATOM   25   C CE1 . TYR A 1 6  ? -14.74518 8.41817   8.28122   1.000 34.57854 ? 5   TYR A CE1 1 
ATOM   26   C CE2 . TYR A 1 6  ? -13.87201 9.17532   6.18656   1.000 33.73346 ? 5   TYR A CE2 1 
ATOM   27   C CZ  . TYR A 1 6  ? -14.64361 9.38954   7.31195   1.000 38.40050 ? 5   TYR A CZ  1 
ATOM   28   O OH  . TYR A 1 6  ? -15.31964 10.58121  7.47820   1.000 35.46706 ? 5   TYR A OH  1 
ATOM   29   N N   . LYS A 1 7  ? -10.83942 3.38242   8.47139   1.000 34.04204 ? 6   LYS A N   1 
ATOM   30   C CA  . LYS A 1 7  ? -10.49291 1.97133   8.38481   1.000 29.79808 ? 6   LYS A CA  1 
ATOM   31   C C   . LYS A 1 7  ? -11.39421 1.26784   7.37344   1.000 32.55646 ? 6   LYS A C   1 
ATOM   32   O O   . LYS A 1 7  ? -12.60214 1.51724   7.31340   1.000 32.35419 ? 6   LYS A O   1 
ATOM   33   C CB  . LYS A 1 7  ? -10.62646 1.30990   9.75978   1.000 32.97028 ? 6   LYS A CB  1 
ATOM   34   N N   . ILE A 1 8  ? -10.80141 0.38762   6.57779   1.000 31.47597 ? 7   ILE A N   1 
ATOM   35   C CA  . ILE A 1 8  ? -11.53442 -0.37007  5.56788   1.000 31.92203 ? 7   ILE A CA  1 
ATOM   36   C C   . ILE A 1 8  ? -11.92351 -1.72070  6.14878   1.000 37.10974 ? 7   ILE A C   1 
ATOM   37   O O   . ILE A 1 8  ? -11.07220 -2.45132  6.66969   1.000 39.95333 ? 7   ILE A O   1 
ATOM   38   C CB  . ILE A 1 8  ? -10.69843 -0.53592  4.29014   1.000 30.72158 ? 7   ILE A CB  1 
ATOM   39   C CG1 . ILE A 1 8  ? -10.44959 0.82936   3.64566   1.000 26.33673 ? 7   ILE A CG1 1 
ATOM   40   C CG2 . ILE A 1 8  ? -11.38254 -1.47961  3.30801   1.000 28.09597 ? 7   ILE A CG2 1 
ATOM   41   C CD1 . ILE A 1 8  ? -9.59686  0.77270   2.41312   1.000 25.67041 ? 7   ILE A CD1 1 
ATOM   42   N N   . GLY A 1 9  ? -13.20768 -2.05422  6.04674   1.000 36.38877 ? 8   GLY A N   1 
ATOM   43   C CA  . GLY A 1 9  ? -13.72964 -3.27829  6.62123   1.000 38.66251 ? 8   GLY A CA  1 
ATOM   44   C C   . GLY A 1 9  ? -13.26225 -4.52086  5.88712   1.000 38.30300 ? 8   GLY A C   1 
ATOM   45   O O   . GLY A 1 9  ? -12.77200 -4.48138  4.75801   1.000 37.15085 ? 8   GLY A O   1 
ATOM   46   N N   . LYS A 1 10 ? -13.45407 -5.66399  6.55600   1.000 43.77347 ? 9   LYS A N   1 
ATOM   47   C CA  . LYS A 1 10 ? -12.83534 -6.90996  6.11118   1.000 44.49237 ? 9   LYS A CA  1 
ATOM   48   C C   . LYS A 1 10 ? -13.51722 -7.49596  4.87591   1.000 45.10691 ? 9   LYS A C   1 
ATOM   49   O O   . LYS A 1 10 ? -12.86028 -8.17459  4.07507   1.000 49.17709 ? 9   LYS A O   1 
ATOM   50   C CB  . LYS A 1 10 ? -12.84014 -7.92462  7.25786   1.000 45.15099 ? 9   LYS A CB  1 
ATOM   51   N N   . ASN A 1 11 ? -14.81681 -7.25772  4.70304   1.000 41.05498 ? 10  ASN A N   1 
ATOM   52   C CA  . ASN A 1 11 ? -15.57220 -7.74813  3.55250   1.000 42.91563 ? 10  ASN A CA  1 
ATOM   53   C C   . ASN A 1 11 ? -16.02556 -6.60188  2.65529   1.000 38.88992 ? 10  ASN A C   1 
ATOM   54   O O   . ASN A 1 11 ? -17.13490 -6.60659  2.12040   1.000 38.25450 ? 10  ASN A O   1 
ATOM   55   C CB  . ASN A 1 11 ? -16.77499 -8.56846  4.00383   1.000 47.08958 ? 10  ASN A CB  1 
ATOM   56   C CG  . ASN A 1 11 ? -16.37384 -9.79131  4.78730   1.000 53.54955 ? 10  ASN A CG  1 
ATOM   57   O OD1 . ASN A 1 11 ? -15.53113 -10.57285 4.34445   1.000 61.34926 ? 10  ASN A OD1 1 
ATOM   58   N ND2 . ASN A 1 11 ? -16.96901 -9.96575  5.96089   1.000 56.66364 ? 10  ASN A ND2 1 
ATOM   59   N N   . ALA A 1 12 ? -15.16309 -5.60818  2.48150   1.000 36.74704 ? 11  ALA A N   1 
ATOM   60   C CA  . ALA A 1 12 ? -15.51015 -4.39135  1.76523   1.000 31.49309 ? 11  ALA A CA  1 
ATOM   61   C C   . ALA A 1 12 ? -15.00496 -4.38059  0.33095   1.000 30.97230 ? 11  ALA A C   1 
ATOM   62   O O   . ALA A 1 12 ? -15.29605 -3.43509  -0.40407  1.000 29.38742 ? 11  ALA A O   1 
ATOM   63   C CB  . ALA A 1 12 ? -14.96267 -3.17526  2.51862   1.000 28.90873 ? 11  ALA A CB  1 
ATOM   64   N N   . GLY A 1 13 ? -14.26582 -5.40140  -0.09309  1.000 28.62331 ? 12  GLY A N   1 
ATOM   65   C CA  . GLY A 1 13 ? -13.70653 -5.39961  -1.42525  1.000 27.72474 ? 12  GLY A CA  1 
ATOM   66   C C   . GLY A 1 13 ? -12.30225 -4.86559  -1.50294  1.000 24.98697 ? 12  GLY A C   1 
ATOM   67   O O   . GLY A 1 13 ? -11.87397 -4.44701  -2.58156  1.000 27.25363 ? 12  GLY A O   1 
ATOM   68   N N   . TYR A 1 14 ? -11.57643 -4.86341  -0.38856  1.000 27.35602 ? 13  TYR A N   1 
ATOM   69   C CA  . TYR A 1 14 ? -10.22262 -4.33777  -0.37605  1.000 28.68159 ? 13  TYR A CA  1 
ATOM   70   C C   . TYR A 1 14 ? -9.31932  -5.14952  -1.29481  1.000 30.11973 ? 13  TYR A C   1 
ATOM   71   O O   . TYR A 1 14 ? -9.37015  -6.38336  -1.31786  1.000 34.62819 ? 13  TYR A O   1 
ATOM   72   C CB  . TYR A 1 14 ? -9.68557  -4.32517  1.05456   1.000 29.85012 ? 13  TYR A CB  1 
ATOM   73   C CG  . TYR A 1 14 ? -8.31168  -3.73526  1.16451   1.000 31.76591 ? 13  TYR A CG  1 
ATOM   74   C CD1 . TYR A 1 14 ? -8.13606  -2.36237  1.11193   1.000 31.41402 ? 13  TYR A CD1 1 
ATOM   75   C CD2 . TYR A 1 14 ? -7.19565  -4.53295  1.41460   1.000 31.01067 ? 13  TYR A CD2 1 
ATOM   76   C CE1 . TYR A 1 14 ? -6.88519  -1.79526  1.22253   1.000 30.22053 ? 13  TYR A CE1 1 
ATOM   77   C CE2 . TYR A 1 14 ? -5.92977  -3.97018  1.54347   1.000 32.82585 ? 13  TYR A CE2 1 
ATOM   78   C CZ  . TYR A 1 14 ? -5.78009  -2.60218  1.44784   1.000 32.82083 ? 13  TYR A CZ  1 
ATOM   79   O OH  . TYR A 1 14 ? -4.53084  -2.02015  1.57512   1.000 33.48481 ? 13  TYR A OH  1 
ATOM   80   N N   . ASP A 1 15 ? -8.50754  -4.44183  -2.07457  1.000 30.58227 ? 14  ASP A N   1 
ATOM   81   C CA  . ASP A 1 15 ? -7.58726  -5.07001  -3.01579  1.000 29.31621 ? 14  ASP A CA  1 
ATOM   82   C C   . ASP A 1 15 ? -6.29122  -4.26839  -3.04163  1.000 28.23260 ? 14  ASP A C   1 
ATOM   83   O O   . ASP A 1 15 ? -5.72527  -3.98633  -4.10373  1.000 28.47474 ? 14  ASP A O   1 
ATOM   84   C CB  . ASP A 1 15 ? -8.22008  -5.19467  -4.40713  1.000 31.95661 ? 14  ASP A CB  1 
ATOM   85   C CG  . ASP A 1 15 ? -7.33365  -5.92663  -5.41095  1.000 39.10947 ? 14  ASP A CG  1 
ATOM   86   O OD1 . ASP A 1 15 ? -6.72125  -6.95237  -5.03199  1.000 41.22811 ? 14  ASP A OD1 1 
ATOM   87   O OD2 . ASP A 1 15 ? -7.27368  -5.49324  -6.58467  1.000 36.05030 ? 14  ASP A OD2 1 
ATOM   88   N N   . GLY A 1 16 ? -5.81940  -3.87734  -1.85704  1.000 31.92937 ? 15  GLY A N   1 
ATOM   89   C CA  . GLY A 1 16 ? -4.57036  -3.15683  -1.76110  1.000 30.63267 ? 15  GLY A CA  1 
ATOM   90   C C   . GLY A 1 16 ? -4.70558  -1.70064  -2.16762  1.000 32.34391 ? 15  GLY A C   1 
ATOM   91   O O   . GLY A 1 16 ? -5.77693  -1.09380  -2.08856  1.000 30.27671 ? 15  GLY A O   1 
ATOM   92   N N   A CYS A 1 17 ? -3.59286  -1.11787  -2.58377  0.486 29.98641 ? 16  CYS A N   1 
ATOM   93   N N   B CYS A 1 17 ? -3.60288  -1.17317  -2.68118  0.514 29.98832 ? 16  CYS A N   1 
ATOM   94   C CA  A CYS A 1 17 ? -3.57664  0.31828   -2.80354  0.486 30.12119 ? 16  CYS A CA  1 
ATOM   95   C CA  B CYS A 1 17 ? -3.46525  0.24340   -2.96182  0.514 30.24616 ? 16  CYS A CA  1 
ATOM   96   C C   A CYS A 1 17 ? -4.13725  0.68732   -4.17631  0.486 30.42346 ? 16  CYS A C   1 
ATOM   97   C C   B CYS A 1 17 ? -4.21607  0.63883   -4.23125  0.514 30.38342 ? 16  CYS A C   1 
ATOM   98   O O   A CYS A 1 17 ? -3.98112  -0.04273  -5.15799  0.486 29.54114 ? 16  CYS A O   1 
ATOM   99   O O   B CYS A 1 17 ? -4.24845  -0.11694  -5.20552  0.514 29.59513 ? 16  CYS A O   1 
ATOM   100  C CB  A CYS A 1 17 ? -2.15684  0.85987   -2.63581  0.486 32.44747 ? 16  CYS A CB  1 
ATOM   101  C CB  B CYS A 1 17 ? -1.98019  0.58175   -3.10727  0.514 31.29271 ? 16  CYS A CB  1 
ATOM   102  S SG  A CYS A 1 17 ? -1.13414  0.70509   -4.08356  0.486 38.75146 ? 16  CYS A SG  1 
ATOM   103  S SG  B CYS A 1 17 ? -1.73619  2.32197   -3.17201  0.514 34.79984 ? 16  CYS A SG  1 
ATOM   104  N N   . GLY A 1 18 ? -4.80539  1.83188   -4.22771  1.000 26.12279 ? 17  GLY A N   1 
ATOM   105  C CA  . GLY A 1 18 ? -5.30375  2.39728   -5.46896  1.000 26.92593 ? 17  GLY A CA  1 
ATOM   106  C C   . GLY A 1 18 ? -6.40750  3.41436   -5.25055  1.000 20.57903 ? 17  GLY A C   1 
ATOM   107  O O   . GLY A 1 18 ? -7.11393  3.40527   -4.23669  1.000 22.88907 ? 17  GLY A O   1 
ATOM   108  N N   . LEU A 1 19 ? -6.54456  4.30394   -6.23870  1.000 23.56051 ? 18  LEU A N   1 
ATOM   109  C CA  . LEU A 1 19 ? -7.67040  5.23711   -6.26597  1.000 21.63824 ? 18  LEU A CA  1 
ATOM   110  C C   . LEU A 1 19 ? -8.97984  4.46452   -6.26008  1.000 23.67678 ? 18  LEU A C   1 
ATOM   111  O O   . LEU A 1 19 ? -9.13546  3.46226   -6.96705  1.000 21.63751 ? 18  LEU A O   1 
ATOM   112  C CB  . LEU A 1 19 ? -7.60072  6.13119   -7.50282  1.000 21.11307 ? 18  LEU A CB  1 
ATOM   113  C CG  . LEU A 1 19 ? -6.37118  7.03325   -7.65599  1.000 23.58020 ? 18  LEU A CG  1 
ATOM   114  C CD1 . LEU A 1 19 ? -6.47553  7.83016   -8.91729  1.000 25.53184 ? 18  LEU A CD1 1 
ATOM   115  C CD2 . LEU A 1 19 ? -6.19741  7.92906   -6.43761  1.000 27.64235 ? 18  LEU A CD2 1 
ATOM   116  N N   . CYS A 1 20 ? -9.94341  4.96092   -5.48931  1.000 19.62221 ? 19  CYS A N   1 
ATOM   117  C CA  . CYS A 1 20 ? -11.17996 4.22777   -5.27373  1.000 20.11522 ? 19  CYS A CA  1 
ATOM   118  C C   . CYS A 1 20 ? -12.29768 5.14390   -4.78868  1.000 23.52075 ? 19  CYS A C   1 
ATOM   119  O O   . CYS A 1 20 ? -12.06222 6.26968   -4.34948  1.000 22.62751 ? 19  CYS A O   1 
ATOM   120  C CB  . CYS A 1 20 ? -10.89615 3.05392   -4.33372  1.000 21.38809 ? 19  CYS A CB  1 
ATOM   121  S SG  . CYS A 1 20 ? -10.74509 3.49852   -2.60887  1.000 24.55302 ? 19  CYS A SG  1 
ATOM   122  N N   . LEU A 1 21 ? -13.52822 4.66449   -4.97054  1.000 19.49807 ? 20  LEU A N   1 
ATOM   123  C CA  . LEU A 1 21 ? -14.71665 5.15587   -4.29138  1.000 19.53499 ? 20  LEU A CA  1 
ATOM   124  C C   . LEU A 1 21 ? -14.90983 4.35169   -3.01796  1.000 20.01665 ? 20  LEU A C   1 
ATOM   125  O O   . LEU A 1 21 ? -14.61957 3.14813   -2.98415  1.000 23.15588 ? 20  LEU A O   1 
ATOM   126  C CB  . LEU A 1 21 ? -15.95912 4.99471   -5.17220  1.000 20.55220 ? 20  LEU A CB  1 
ATOM   127  C CG  . LEU A 1 21 ? -15.96491 5.68749   -6.51968  1.000 20.90533 ? 20  LEU A CG  1 
ATOM   128  C CD1 . LEU A 1 21 ? -17.20695 5.24382   -7.27849  1.000 22.03712 ? 20  LEU A CD1 1 
ATOM   129  C CD2 . LEU A 1 21 ? -15.90288 7.19353   -6.36216  1.000 29.10046 ? 20  LEU A CD2 1 
ATOM   130  N N   . ALA A 1 22 ? -15.41367 4.99799   -1.97197  1.000 19.41120 ? 21  ALA A N   1 
ATOM   131  C CA  . ALA A 1 22 ? -15.68144 4.31110   -0.71996  1.000 19.98906 ? 21  ALA A CA  1 
ATOM   132  C C   . ALA A 1 22 ? -17.02688 4.73581   -0.17197  1.000 20.76772 ? 21  ALA A C   1 
ATOM   133  O O   . ALA A 1 22 ? -17.37687 5.92430   -0.22180  1.000 21.80060 ? 21  ALA A O   1 
ATOM   134  C CB  . ALA A 1 22 ? -14.58967 4.59193   0.33219   1.000 21.54525 ? 21  ALA A CB  1 
ATOM   135  N N   . ALA A 1 23 ? -17.78049 3.76424   0.33757   1.000 18.92365 ? 22  ALA A N   1 
ATOM   136  C CA  . ALA A 1 23 ? -18.97890 4.01778   1.12114   1.000 18.05549 ? 22  ALA A CA  1 
ATOM   137  C C   . ALA A 1 23 ? -18.60843 3.96591   2.59911   1.000 25.90104 ? 22  ALA A C   1 
ATOM   138  O O   . ALA A 1 23 ? -17.98287 2.99681   3.05895   1.000 23.60145 ? 22  ALA A O   1 
ATOM   139  C CB  . ALA A 1 23 ? -20.07692 2.99631   0.80385   1.000 21.38203 ? 22  ALA A CB  1 
ATOM   140  N N   . ILE A 1 24 ? -18.98106 5.00812   3.33774   1.000 24.49495 ? 23  ILE A N   1 
ATOM   141  C CA  . ILE A 1 24 ? -18.56025 5.17751   4.72589   1.000 26.00772 ? 23  ILE A CA  1 
ATOM   142  C C   . ILE A 1 24 ? -19.77891 5.08157   5.62503   1.000 28.20239 ? 23  ILE A C   1 
ATOM   143  O O   . ILE A 1 24 ? -20.78392 5.76409   5.39550   1.000 30.87794 ? 23  ILE A O   1 
ATOM   144  C CB  . ILE A 1 24 ? -17.83992 6.51560   4.96606   1.000 25.47429 ? 23  ILE A CB  1 
ATOM   145  C CG1 . ILE A 1 24 ? -16.74983 6.79072   3.93216   1.000 28.62485 ? 23  ILE A CG1 1 
ATOM   146  C CG2 . ILE A 1 24 ? -17.26739 6.54999   6.38889   1.000 31.36121 ? 23  ILE A CG2 1 
ATOM   147  C CD1 . ILE A 1 24 ? -15.59316 5.86233   3.99431   1.000 29.11032 ? 23  ILE A CD1 1 
ATOM   148  N N   . SER A 1 25 ? -19.67408 4.26062   6.66446   1.000 30.44820 ? 24  SER A N   1 
ATOM   149  C CA  . SER A 1 25 ? -20.73901 4.10603   7.64290   1.000 34.07054 ? 24  SER A CA  1 
ATOM   150  C C   . SER A 1 25 ? -20.10308 3.86052   9.00060   1.000 37.84351 ? 24  SER A C   1 
ATOM   151  O O   . SER A 1 25 ? -19.26265 2.96696   9.13369   1.000 34.53710 ? 24  SER A O   1 
ATOM   152  C CB  . SER A 1 25 ? -21.67163 2.95205   7.27269   1.000 34.53768 ? 24  SER A CB  1 
ATOM   153  O OG  . SER A 1 25 ? -22.76324 2.87683   8.17477   1.000 42.81640 ? 24  SER A OG  1 
ATOM   154  N N   . GLU A 1 26 ? -20.50184 4.65594   9.99271   1.000 39.80117 ? 25  GLU A N   1 
ATOM   155  C CA  . GLU A 1 26 ? -19.99097 4.53009   11.35901  1.000 41.23690 ? 25  GLU A CA  1 
ATOM   156  C C   . GLU A 1 26 ? -18.46629 4.51851   11.37363  1.000 38.25459 ? 25  GLU A C   1 
ATOM   157  O O   . GLU A 1 26 ? -17.83252 3.62342   11.93486  1.000 41.47059 ? 25  GLU A O   1 
ATOM   158  C CB  . GLU A 1 26 ? -20.54103 3.27872   12.04711  1.000 40.02954 ? 25  GLU A CB  1 
ATOM   159  C CG  . GLU A 1 26 ? -22.02854 3.29866   12.33991  1.000 44.67038 ? 25  GLU A CG  1 
ATOM   160  C CD  . GLU A 1 26 ? -22.51157 1.99211   12.94509  1.000 48.28837 ? 25  GLU A CD  1 
ATOM   161  N N   . ASN A 1 27 ? -17.87571 5.51360   10.71417  1.000 33.83209 ? 26  ASN A N   1 
ATOM   162  C CA  . ASN A 1 27 ? -16.43234 5.74412   10.73249  1.000 36.26124 ? 26  ASN A CA  1 
ATOM   163  C C   . ASN A 1 27 ? -15.64676 4.58208   10.12578  1.000 35.96082 ? 26  ASN A C   1 
ATOM   164  O O   . ASN A 1 27 ? -14.46567 4.39383   10.43460  1.000 35.21824 ? 26  ASN A O   1 
ATOM   165  C CB  . ASN A 1 27 ? -15.94181 6.03441   12.15689  1.000 39.87782 ? 26  ASN A CB  1 
ATOM   166  C CG  . ASN A 1 27 ? -14.70350 6.91211   12.18303  1.000 38.35778 ? 26  ASN A CG  1 
ATOM   167  O OD1 . ASN A 1 27 ? -14.55414 7.82003   11.36607  1.000 42.42686 ? 26  ASN A OD1 1 
ATOM   168  N ND2 . ASN A 1 27 ? -13.80160 6.63950   13.12603  1.000 44.38349 ? 26  ASN A ND2 1 
ATOM   169  N N   . GLU A 1 28 ? -16.27269 3.79840   9.24733   1.000 34.00812 ? 27  GLU A N   1 
ATOM   170  C CA  . GLU A 1 28 ? -15.60000 2.71061   8.55563   1.000 30.93631 ? 27  GLU A CA  1 
ATOM   171  C C   . GLU A 1 28 ? -15.98983 2.74030   7.08438   1.000 29.31984 ? 27  GLU A C   1 
ATOM   172  O O   . GLU A 1 28 ? -17.13178 3.07400   6.75429   1.000 28.49474 ? 27  GLU A O   1 
ATOM   173  C CB  . GLU A 1 28 ? -15.97223 1.34960   9.16351   1.000 33.84126 ? 27  GLU A CB  1 
ATOM   174  C CG  . GLU A 1 28 ? -15.14101 0.19506   8.65642   1.000 36.10646 ? 27  GLU A CG  1 
ATOM   175  N N   . ALA A 1 29 ? -15.04257 2.40034   6.20674   1.000 28.57012 ? 28  ALA A N   1 
ATOM   176  C CA  . ALA A 1 29 ? -15.34216 2.22372   4.78464   1.000 24.79701 ? 28  ALA A CA  1 
ATOM   177  C C   . ALA A 1 29 ? -15.86962 0.80826   4.59175   1.000 27.18865 ? 28  ALA A C   1 
ATOM   178  O O   . ALA A 1 29 ? -15.10736 -0.16027  4.67768   1.000 31.08961 ? 28  ALA A O   1 
ATOM   179  C CB  . ALA A 1 29 ? -14.10697 2.48418   3.92422   1.000 27.35390 ? 28  ALA A CB  1 
ATOM   180  N N   . ILE A 1 30 ? -17.18350 0.68183   4.37602   1.000 25.36835 ? 29  ILE A N   1 
ATOM   181  C CA  . ILE A 1 30 ? -17.81438 -0.63920  4.34429   1.000 24.94888 ? 29  ILE A CA  1 
ATOM   182  C C   . ILE A 1 30 ? -17.91307 -1.21283  2.93537   1.000 29.86001 ? 29  ILE A C   1 
ATOM   183  O O   . ILE A 1 30 ? -18.30043 -2.38308  2.78078   1.000 27.93484 ? 29  ILE A O   1 
ATOM   184  C CB  . ILE A 1 30 ? -19.20104 -0.59915  5.01928   1.000 30.80832 ? 29  ILE A CB  1 
ATOM   185  C CG1 . ILE A 1 30 ? -20.10575 0.44537   4.37237   1.000 28.37285 ? 29  ILE A CG1 1 
ATOM   186  C CG2 . ILE A 1 30 ? -19.06606 -0.32570  6.51011   1.000 30.50575 ? 29  ILE A CG2 1 
ATOM   187  C CD1 . ILE A 1 30 ? -21.55985 0.32723   4.82430   1.000 32.62397 ? 29  ILE A CD1 1 
ATOM   188  N N   . LYS A 1 31 ? -17.56990 -0.43555  1.90507   1.000 25.59813 ? 30  LYS A N   1 
ATOM   189  C CA  . LYS A 1 31 ? -17.41433 -0.93648  0.54370   1.000 25.85369 ? 30  LYS A CA  1 
ATOM   190  C C   . LYS A 1 31 ? -16.46057 -0.01925  -0.19551  1.000 26.37041 ? 30  LYS A C   1 
ATOM   191  O O   . LYS A 1 31 ? -16.55754 1.20272   -0.06450  1.000 24.74009 ? 30  LYS A O   1 
ATOM   192  C CB  . LYS A 1 31 ? -18.74481 -1.00135  -0.21499  1.000 26.45070 ? 30  LYS A CB  1 
ATOM   193  C CG  . LYS A 1 31 ? -18.58540 -1.57903  -1.60427  1.000 29.24940 ? 30  LYS A CG  1 
ATOM   194  C CD  . LYS A 1 31 ? -19.91531 -1.84210  -2.26168  1.000 33.56525 ? 30  LYS A CD  1 
ATOM   195  C CE  . LYS A 1 31 ? -19.70180 -2.57160  -3.57472  1.000 35.93008 ? 30  LYS A CE  1 
ATOM   196  N NZ  . LYS A 1 31 ? -21.00007 -2.93652  -4.20821  1.000 35.18833 ? 30  LYS A NZ  1 
ATOM   197  N N   . VAL A 1 32 ? -15.52755 -0.59762  -0.95287  1.000 23.80424 ? 31  VAL A N   1 
ATOM   198  C CA  . VAL A 1 32 ? -14.66738 0.17282   -1.84001  1.000 24.63094 ? 31  VAL A CA  1 
ATOM   199  C C   . VAL A 1 32 ? -14.76531 -0.38911  -3.25265  1.000 25.92032 ? 31  VAL A C   1 
ATOM   200  O O   . VAL A 1 32 ? -14.89688 -1.60574  -3.44843  1.000 24.91369 ? 31  VAL A O   1 
ATOM   201  C CB  . VAL A 1 32 ? -13.20804 0.18356   -1.34451  1.000 23.14222 ? 31  VAL A CB  1 
ATOM   202  C CG1 . VAL A 1 32 ? -13.13379 0.84460   0.00913   1.000 26.90343 ? 31  VAL A CG1 1 
ATOM   203  C CG2 . VAL A 1 32 ? -12.66269 -1.23278  -1.25831  1.000 23.90348 ? 31  VAL A CG2 1 
ATOM   204  N N   . LYS A 1 33 ? -14.72222 0.50386   -4.23673  1.000 23.07805 ? 32  LYS A N   1 
ATOM   205  C CA  . LYS A 1 33 ? -14.69459 0.13706   -5.65109  1.000 21.37239 ? 32  LYS A CA  1 
ATOM   206  C C   . LYS A 1 33 ? -13.52827 0.86921   -6.29851  1.000 21.18296 ? 32  LYS A C   1 
ATOM   207  O O   . LYS A 1 33 ? -13.47390 2.10045   -6.28012  1.000 21.30651 ? 32  LYS A O   1 
ATOM   208  C CB  . LYS A 1 33 ? -16.00843 0.51194   -6.35358  1.000 26.68165 ? 32  LYS A CB  1 
ATOM   209  C CG  . LYS A 1 33 ? -17.27562 -0.19654  -5.90899  1.000 28.50703 ? 32  LYS A CG  1 
ATOM   210  C CD  . LYS A 1 33 ? -18.45622 0.40090   -6.71029  1.000 30.61420 ? 32  LYS A CD  1 
ATOM   211  C CE  . LYS A 1 33 ? -19.83434 -0.21991  -6.43056  1.000 41.52701 ? 32  LYS A CE  1 
ATOM   212  N NZ  . LYS A 1 33 ? -20.94704 0.52026   -7.16922  1.000 37.57503 ? 32  LYS A NZ  1 
ATOM   213  N N   . TYR A 1 34 ? -12.58869 0.12907   -6.87041  1.000 22.42201 ? 33  TYR A N   1 
ATOM   214  C CA  . TYR A 1 34 ? -11.36507 0.73678   -7.37042  1.000 20.89415 ? 33  TYR A CA  1 
ATOM   215  C C   . TYR A 1 34 ? -11.57622 1.33109   -8.75621  1.000 22.43464 ? 33  TYR A C   1 
ATOM   216  O O   . TYR A 1 34 ? -12.26553 0.75284   -9.59546  1.000 20.48776 ? 33  TYR A O   1 
ATOM   217  C CB  . TYR A 1 34 ? -10.23221 -0.30372  -7.41246  1.000 20.70157 ? 33  TYR A CB  1 
ATOM   218  C CG  . TYR A 1 34 ? -9.70905  -0.65486  -6.03167  1.000 19.60856 ? 33  TYR A CG  1 
ATOM   219  C CD1 . TYR A 1 34 ? -10.33079 -1.62185  -5.26925  1.000 22.63402 ? 33  TYR A CD1 1 
ATOM   220  C CD2 . TYR A 1 34 ? -8.60512  0.00875   -5.49045  1.000 25.56645 ? 33  TYR A CD2 1 
ATOM   221  C CE1 . TYR A 1 34 ? -9.87334  -1.95055  -4.00151  1.000 25.83344 ? 33  TYR A CE1 1 
ATOM   222  C CE2 . TYR A 1 34 ? -8.15363  -0.29780  -4.22070  1.000 28.21362 ? 33  TYR A CE2 1 
ATOM   223  C CZ  . TYR A 1 34 ? -8.78206  -1.27945  -3.48718  1.000 25.37600 ? 33  TYR A CZ  1 
ATOM   224  O OH  . TYR A 1 34 ? -8.34521  -1.61929  -2.22494  1.000 26.73945 ? 33  TYR A OH  1 
ATOM   225  N N   . LEU A 1 35 ? -10.96990 2.49383   -8.99904  1.000 20.60982 ? 34  LEU A N   1 
ATOM   226  C CA  . LEU A 1 35 ? -11.00770 3.10594   -10.31915 1.000 18.19524 ? 34  LEU A CA  1 
ATOM   227  C C   . LEU A 1 35 ? -10.51664 2.14570   -11.39937 1.000 22.00340 ? 34  LEU A C   1 
ATOM   228  O O   . LEU A 1 35 ? -11.08904 2.09326   -12.48861 1.000 23.37573 ? 34  LEU A O   1 
ATOM   229  C CB  . LEU A 1 35 ? -10.18623 4.40241   -10.33455 1.000 20.79637 ? 34  LEU A CB  1 
ATOM   230  C CG  . LEU A 1 35 ? -10.06535 5.15530   -11.66125 1.000 19.20911 ? 34  LEU A CG  1 
ATOM   231  C CD1 . LEU A 1 35 ? -11.44119 5.57173   -12.15406 1.000 22.45831 ? 34  LEU A CD1 1 
ATOM   232  C CD2 . LEU A 1 35 ? -9.18575  6.39299   -11.53096 1.000 24.19121 ? 34  LEU A CD2 1 
ATOM   233  N N   . ARG A 1 36 ? -9.46798  1.36890   -11.11152 1.000 24.07211 ? 35  ARG A N   1 
ATOM   234  C CA  . ARG A 1 36 ? -8.93470  0.46925   -12.13163 1.000 23.43871 ? 35  ARG A CA  1 
ATOM   235  C C   . ARG A 1 36 ? -9.90783  -0.64780  -12.50639 1.000 25.48086 ? 35  ARG A C   1 
ATOM   236  O O   . ARG A 1 36 ? -9.76429  -1.22969  -13.58791 1.000 27.31864 ? 35  ARG A O   1 
ATOM   237  C CB  . ARG A 1 36 ? -7.60715  -0.13039  -11.65796 1.000 23.93390 ? 35  ARG A CB  1 
ATOM   238  C CG  . ARG A 1 36 ? -7.75048  -1.07520  -10.50121 1.000 24.58042 ? 35  ARG A CG  1 
ATOM   239  C CD  . ARG A 1 36 ? -6.39951  -1.65540  -10.10942 1.000 27.07333 ? 35  ARG A CD  1 
ATOM   240  N NE  . ARG A 1 36 ? -6.47698  -2.40711  -8.86408  1.000 26.89664 ? 35  ARG A NE  1 
ATOM   241  C CZ  . ARG A 1 36 ? -6.05412  -1.94794  -7.69610  1.000 29.34406 ? 35  ARG A CZ  1 
ATOM   242  N NH1 . ARG A 1 36 ? -5.48114  -0.75404  -7.58960  1.000 28.47840 ? 35  ARG A NH1 1 
ATOM   243  N NH2 . ARG A 1 36 ? -6.21175  -2.69907  -6.60959  1.000 33.01460 ? 35  ARG A NH2 1 
ATOM   244  N N   . ASP A 1 37 ? -10.87080 -0.96867  -11.64543 1.000 23.51553 ? 36  ASP A N   1 
ATOM   245  C CA  . ASP A 1 37 ? -11.93273 -1.92684  -11.95653 1.000 24.15495 ? 36  ASP A CA  1 
ATOM   246  C C   . ASP A 1 37 ? -13.13251 -1.27128  -12.63158 1.000 26.68724 ? 36  ASP A C   1 
ATOM   247  O O   . ASP A 1 37 ? -13.70811 -1.84422  -13.56692 1.000 29.08457 ? 36  ASP A O   1 
ATOM   248  C CB  . ASP A 1 37 ? -12.37018 -2.63636  -10.67698 1.000 25.27599 ? 36  ASP A CB  1 
ATOM   249  C CG  . ASP A 1 37 ? -11.23440 -3.42030  -10.03261 1.000 28.56929 ? 36  ASP A CG  1 
ATOM   250  O OD1 . ASP A 1 37 ? -10.34518 -3.88550  -10.78613 1.000 36.06595 ? 36  ASP A OD1 1 
ATOM   251  O OD2 . ASP A 1 37 ? -11.20531 -3.53459  -8.79020  1.000 28.81407 ? 36  ASP A OD2 1 
ATOM   252  N N   . ILE A 1 38 ? -13.50729 -0.07164  -12.19498 1.000 22.04304 ? 37  ILE A N   1 
ATOM   253  C CA  . ILE A 1 38 ? -14.60287 0.65862   -12.82837 1.000 21.69546 ? 37  ILE A CA  1 
ATOM   254  C C   . ILE A 1 38 ? -14.24716 1.03435   -14.26244 1.000 22.67239 ? 37  ILE A C   1 
ATOM   255  O O   . ILE A 1 38 ? -15.08736 0.95285   -15.16867 1.000 25.44099 ? 37  ILE A O   1 
ATOM   256  C CB  . ILE A 1 38 ? -14.94724 1.92080   -12.01416 1.000 21.03241 ? 37  ILE A CB  1 
ATOM   257  C CG1 . ILE A 1 38 ? -15.36910 1.58348   -10.59110 1.000 19.91534 ? 37  ILE A CG1 1 
ATOM   258  C CG2 . ILE A 1 38 ? -16.00977 2.77257   -12.75314 1.000 22.79426 ? 37  ILE A CG2 1 
ATOM   259  C CD1 . ILE A 1 38 ? -15.26300 2.80383   -9.68136  1.000 24.01598 ? 37  ILE A CD1 1 
ATOM   260  N N   . CYS A 1 39 ? -13.02007 1.51234   -14.48528 1.000 21.32713 ? 38  CYS A N   1 
ATOM   261  C CA  . CYS A 1 39 ? -12.53220 1.92874   -15.80234 1.000 23.38695 ? 38  CYS A CA  1 
ATOM   262  C C   . CYS A 1 39 ? -11.28064 1.14115   -16.14348 1.000 28.33522 ? 38  CYS A C   1 
ATOM   263  O O   . CYS A 1 39 ? -10.15882 1.54511   -15.79921 1.000 25.57879 ? 38  CYS A O   1 
ATOM   264  C CB  . CYS A 1 39 ? -12.26790 3.43765   -15.90069 1.000 25.26209 ? 38  CYS A CB  1 
ATOM   265  S SG  . CYS A 1 39 ? -13.55033 4.50733   -15.22569 1.000 24.92988 ? 38  CYS A SG  1 
ATOM   266  N N   . PRO A 1 40 ? -11.42703 0.01535   -16.83486 1.000 25.24908 ? 39  PRO A N   1 
ATOM   267  C CA  . PRO A 1 40 ? -10.24560 -0.76987  -17.20619 1.000 29.03839 ? 39  PRO A CA  1 
ATOM   268  C C   . PRO A 1 40 ? -9.23280  0.00516   -18.02723 1.000 30.91653 ? 39  PRO A C   1 
ATOM   269  O O   . PRO A 1 40 ? -8.05866  -0.39541  -18.04796 1.000 32.71668 ? 39  PRO A O   1 
ATOM   270  C CB  . PRO A 1 40 ? -10.83420 -1.93667  -18.01209 1.000 30.77071 ? 39  PRO A CB  1 
ATOM   271  C CG  . PRO A 1 40 ? -12.26726 -1.98109  -17.67640 1.000 32.02464 ? 39  PRO A CG  1 
ATOM   272  C CD  . PRO A 1 40 ? -12.69035 -0.61279  -17.25812 1.000 26.23964 ? 39  PRO A CD  1 
ATOM   273  N N   . ASP A 1 41 ? -9.63352  1.08422   -18.70463 1.000 27.55505 ? 40  ASP A N   1 
ATOM   274  C CA  . ASP A 1 41 ? -8.67559  1.84283   -19.49876 1.000 28.11874 ? 40  ASP A CA  1 
ATOM   275  C C   . ASP A 1 41 ? -7.88693  2.84165   -18.66719 1.000 30.37900 ? 40  ASP A C   1 
ATOM   276  O O   . ASP A 1 41 ? -7.04591  3.55556   -19.22707 1.000 31.70233 ? 40  ASP A O   1 
ATOM   277  C CB  . ASP A 1 41 ? -9.36164  2.56801   -20.65993 1.000 31.45210 ? 40  ASP A CB  1 
ATOM   278  C CG  . ASP A 1 41 ? -10.61768 3.30152   -20.24689 1.000 30.31309 ? 40  ASP A CG  1 
ATOM   279  O OD1 . ASP A 1 41 ? -11.26915 2.85969   -19.28222 1.000 35.75470 ? 40  ASP A OD1 1 
ATOM   280  O OD2 . ASP A 1 41 ? -10.95735 4.30886   -20.91194 1.000 38.24907 ? 40  ASP A OD2 1 
ATOM   281  N N   . TYR A 1 42 ? -8.13996  2.91722   -17.36039 1.000 28.33886 ? 41  TYR A N   1 
ATOM   282  C CA  . TYR A 1 42 ? -7.32999  3.76474   -16.49407 1.000 28.64048 ? 41  TYR A CA  1 
ATOM   283  C C   . TYR A 1 42 ? -5.90415  3.22841   -16.42883 1.000 34.75884 ? 41  TYR A C   1 
ATOM   284  O O   . TYR A 1 42 ? -5.68508  2.05939   -16.10883 1.000 34.63756 ? 41  TYR A O   1 
ATOM   285  C CB  . TYR A 1 42 ? -7.92287  3.81983   -15.08791 1.000 27.27520 ? 41  TYR A CB  1 
ATOM   286  C CG  . TYR A 1 42 ? -7.00354  4.49433   -14.07530 1.000 24.95431 ? 41  TYR A CG  1 
ATOM   287  C CD1 . TYR A 1 42 ? -6.69920  5.84838   -14.18003 1.000 30.30102 ? 41  TYR A CD1 1 
ATOM   288  C CD2 . TYR A 1 42 ? -6.41770  3.76655   -13.04376 1.000 26.87786 ? 41  TYR A CD2 1 
ATOM   289  C CE1 . TYR A 1 42 ? -5.85010  6.45791   -13.25859 1.000 26.50912 ? 41  TYR A CE1 1 
ATOM   290  C CE2 . TYR A 1 42 ? -5.55799  4.37163   -12.11499 1.000 27.19532 ? 41  TYR A CE2 1 
ATOM   291  C CZ  . TYR A 1 42 ? -5.29625  5.71557   -12.23096 1.000 27.01207 ? 41  TYR A CZ  1 
ATOM   292  O OH  . TYR A 1 42 ? -4.44998  6.32407   -11.31901 1.000 27.36589 ? 41  TYR A OH  1 
ATOM   293  N N   . ASP A 1 43 ? -4.93448  4.09246   -16.71632 1.000 37.89865 ? 42  ASP A N   1 
ATOM   294  C CA  . ASP A 1 43 ? -3.52518  3.70273   -16.72585 1.000 35.98005 ? 42  ASP A CA  1 
ATOM   295  C C   . ASP A 1 43 ? -2.67032  4.77638   -16.06584 1.000 43.98489 ? 42  ASP A C   1 
ATOM   296  O O   . ASP A 1 43 ? -1.59387  5.13380   -16.55947 1.000 44.55803 ? 42  ASP A O   1 
ATOM   297  C CB  . ASP A 1 43 ? -3.03914  3.42491   -18.14853 1.000 45.42775 ? 42  ASP A CB  1 
ATOM   298  N N   . GLY A 1 44 ? -3.13741  5.30503   -14.93404 1.000 36.65458 ? 43  GLY A N   1 
ATOM   299  C CA  . GLY A 1 44 ? -2.38097  6.26622   -14.16456 1.000 37.63110 ? 43  GLY A CA  1 
ATOM   300  C C   . GLY A 1 44 ? -1.64391  5.62097   -12.99771 1.000 35.21679 ? 43  GLY A C   1 
ATOM   301  O O   . GLY A 1 44 ? -1.74786  4.42805   -12.72609 1.000 38.50056 ? 43  GLY A O   1 
ATOM   302  N N   . ASP A 1 45 ? -0.89485  6.45925   -12.28138 1.000 33.72950 ? 44  ASP A N   1 
ATOM   303  C CA  . ASP A 1 45 ? -0.08171  6.01079   -11.15940 1.000 38.43891 ? 44  ASP A CA  1 
ATOM   304  C C   . ASP A 1 45 ? -0.72600  6.31301   -9.80879  1.000 38.34119 ? 44  ASP A C   1 
ATOM   305  O O   . ASP A 1 45 ? -0.01487  6.53968   -8.82366  1.000 37.98540 ? 44  ASP A O   1 
ATOM   306  C CB  . ASP A 1 45 ? 1.31182   6.63900   -11.23977 1.000 41.27540 ? 44  ASP A CB  1 
ATOM   307  N N   . ASP A 1 46 ? -2.06173  6.32221   -9.74236  1.000 30.39923 ? 45  ASP A N   1 
ATOM   308  C CA  . ASP A 1 46 ? -2.79011  6.54628   -8.49018  1.000 33.24381 ? 45  ASP A CA  1 
ATOM   309  C C   . ASP A 1 46 ? -2.42082  7.88356   -7.85184  1.000 29.48826 ? 45  ASP A C   1 
ATOM   310  O O   . ASP A 1 46 ? -2.27085  7.98830   -6.63247  1.000 37.32004 ? 45  ASP A O   1 
ATOM   311  C CB  . ASP A 1 46 ? -2.58307  5.39750   -7.50289  1.000 33.57401 ? 45  ASP A CB  1 
ATOM   312  C CG  . ASP A 1 46 ? -3.08520  4.07668   -8.04414  1.000 43.58421 ? 45  ASP A CG  1 
ATOM   313  O OD1 . ASP A 1 46 ? -2.24511  3.18754   -8.31519  1.000 43.04820 ? 45  ASP A OD1 1 
ATOM   314  O OD2 . ASP A 1 46 ? -4.31719  3.93454   -8.21458  1.000 49.49134 ? 45  ASP A OD2 1 
ATOM   315  N N   . LYS A 1 47 ? -2.29786  8.90864   -8.68850  1.000 31.88570 ? 46  LYS A N   1 
ATOM   316  C CA  . LYS A 1 47 ? -2.08810  10.27765  -8.24590  1.000 34.46185 ? 46  LYS A CA  1 
ATOM   317  C C   . LYS A 1 47 ? -3.43617  10.93116  -7.97871  1.000 34.07920 ? 46  LYS A C   1 
ATOM   318  O O   . LYS A 1 47 ? -4.39120  10.72532  -8.72947  1.000 32.71868 ? 46  LYS A O   1 
ATOM   319  C CB  . LYS A 1 47 ? -1.32608  11.06545  -9.30733  1.000 33.24534 ? 46  LYS A CB  1 
ATOM   320  C CG  . LYS A 1 47 ? 0.02740   10.47058  -9.67804  1.000 37.89263 ? 46  LYS A CG  1 
ATOM   321  N N   . ALA A 1 48 ? -3.50760  11.74135  -6.91851  1.000 36.29238 ? 47  ALA A N   1 
ATOM   322  C CA  . ALA A 1 48 ? -4.77535  12.38794  -6.58035  1.000 32.38895 ? 47  ALA A CA  1 
ATOM   323  C C   . ALA A 1 48 ? -5.31224  13.20567  -7.74959  1.000 32.49451 ? 47  ALA A C   1 
ATOM   324  O O   . ALA A 1 48 ? -6.53108  13.27059  -7.96680  1.000 32.45272 ? 47  ALA A O   1 
ATOM   325  C CB  . ALA A 1 48 ? -4.60252  13.27216  -5.34140  1.000 37.85852 ? 47  ALA A CB  1 
ATOM   326  N N   . GLU A 1 49 ? -4.41715  13.82705  -8.52579  1.000 29.50260 ? 48  GLU A N   1 
ATOM   327  C CA  . GLU A 1 49 ? -4.82019  14.62760  -9.67330  1.000 27.65372 ? 48  GLU A CA  1 
ATOM   328  C C   . GLU A 1 49 ? -5.49300  13.80759  -10.76472 1.000 29.88470 ? 48  GLU A C   1 
ATOM   329  O O   . GLU A 1 49 ? -6.16691  14.38791  -11.62552 1.000 29.21176 ? 48  GLU A O   1 
ATOM   330  C CB  . GLU A 1 49 ? -3.60816  15.33492  -10.28449 1.000 35.36008 ? 48  GLU A CB  1 
ATOM   331  C CG  . GLU A 1 49 ? -3.80049  16.80743  -10.52899 1.000 40.12566 ? 48  GLU A CG  1 
ATOM   332  C CD  . GLU A 1 49 ? -2.48153  17.51167  -10.75062 0.533 36.95353 ? 48  GLU A CD  1 
ATOM   333  O OE1 . GLU A 1 49 ? -1.71200  17.05127  -11.62240 0.664 41.78865 ? 48  GLU A OE1 1 
ATOM   334  O OE2 . GLU A 1 49 ? -2.20969  18.50863  -10.05187 0.461 37.80168 ? 48  GLU A OE2 1 
ATOM   335  N N   . ASP A 1 50 ? -5.28928  12.48612  -10.77253 1.000 29.89156 ? 49  ASP A N   1 
ATOM   336  C CA  . ASP A 1 50 ? -5.94522  11.63751  -11.76144 1.000 27.50684 ? 49  ASP A CA  1 
ATOM   337  C C   . ASP A 1 50 ? -7.45825  11.76651  -11.68051 1.000 24.78186 ? 49  ASP A C   1 
ATOM   338  O O   . ASP A 1 50 ? -8.14752  11.64353  -12.70216 1.000 25.33950 ? 49  ASP A O   1 
ATOM   339  C CB  . ASP A 1 50 ? -5.54331  10.17570  -11.55813 1.000 27.13404 ? 49  ASP A CB  1 
ATOM   340  C CG  . ASP A 1 50 ? -4.09577  9.91038   -11.92035 1.000 31.74035 ? 49  ASP A CG  1 
ATOM   341  O OD1 . ASP A 1 50 ? -3.46714  10.78803  -12.54471 1.000 36.69187 ? 49  ASP A OD1 1 
ATOM   342  O OD2 . ASP A 1 50 ? -3.60706  8.81141   -11.59803 1.000 31.77065 ? 49  ASP A OD2 1 
ATOM   343  N N   . TRP A 1 51 ? -7.99594  12.04015  -10.48494 1.000 24.53376 ? 50  TRP A N   1 
ATOM   344  C CA  . TRP A 1 51 ? -9.44026  12.20747  -10.36886 1.000 25.01674 ? 50  TRP A CA  1 
ATOM   345  C C   . TRP A 1 51 ? -9.94790  13.41481  -11.14432 1.000 25.20954 ? 50  TRP A C   1 
ATOM   346  O O   . TRP A 1 51 ? -11.14426 13.49052  -11.45979 1.000 24.64369 ? 50  TRP A O   1 
ATOM   347  C CB  . TRP A 1 51 ? -9.83206  12.29877  -8.89487  1.000 19.63569 ? 50  TRP A CB  1 
ATOM   348  C CG  . TRP A 1 51 ? -9.92427  10.97172  -8.20683  1.000 21.47748 ? 50  TRP A CG  1 
ATOM   349  C CD1 . TRP A 1 51 ? -9.25189  10.56841  -7.09218  1.000 21.73631 ? 50  TRP A CD1 1 
ATOM   350  C CD2 . TRP A 1 51 ? -10.75412 9.86747   -8.58951  1.000 20.72857 ? 50  TRP A CD2 1 
ATOM   351  N NE1 . TRP A 1 51 ? -9.61490  9.28651   -6.74486  1.000 25.01693 ? 50  TRP A NE1 1 
ATOM   352  C CE2 . TRP A 1 51 ? -10.53932 8.83597   -7.64974  1.000 24.51416 ? 50  TRP A CE2 1 
ATOM   353  C CE3 . TRP A 1 51 ? -11.67265 9.65866   -9.63374  1.000 18.98140 ? 50  TRP A CE3 1 
ATOM   354  C CZ2 . TRP A 1 51 ? -11.19438 7.61572   -7.71846  1.000 22.01393 ? 50  TRP A CZ2 1 
ATOM   355  C CZ3 . TRP A 1 51 ? -12.32760 8.44554   -9.69063  1.000 21.01068 ? 50  TRP A CZ3 1 
ATOM   356  C CH2 . TRP A 1 51 ? -12.07699 7.43726   -8.74790  1.000 24.18737 ? 50  TRP A CH2 1 
ATOM   357  N N   . LEU A 1 52 ? -9.07381  14.36172  -11.47816 1.000 25.88510 ? 51  LEU A N   1 
ATOM   358  C CA  . LEU A 1 52 ? -9.49765  15.46271  -12.32687 1.000 23.85526 ? 51  LEU A CA  1 
ATOM   359  C C   . LEU A 1 52 ? -9.90989  14.96260  -13.70520 1.000 28.10694 ? 51  LEU A C   1 
ATOM   360  O O   . LEU A 1 52 ? -10.89328 15.44420  -14.28381 1.000 29.14525 ? 51  LEU A O   1 
ATOM   361  C CB  . LEU A 1 52 ? -8.37505  16.50298  -12.42621 1.000 27.65844 ? 51  LEU A CB  1 
ATOM   362  C CG  . LEU A 1 52 ? -8.61701  17.78216  -13.21706 1.000 29.84885 ? 51  LEU A CG  1 
ATOM   363  C CD1 . LEU A 1 52 ? -9.71930  18.61137  -12.58676 1.000 29.63433 ? 51  LEU A CD1 1 
ATOM   364  C CD2 . LEU A 1 52 ? -7.32115  18.56257  -13.25759 1.000 32.73090 ? 51  LEU A CD2 1 
ATOM   365  N N   . ARG A 1 53 ? -9.21123  13.94133  -14.21422 1.000 28.26344 ? 52  ARG A N   1 
ATOM   366  C CA  . ARG A 1 53 ? -9.54423  13.34260  -15.50167 1.000 29.40674 ? 52  ARG A CA  1 
ATOM   367  C C   . ARG A 1 53 ? -10.68634 12.34049  -15.38305 1.000 29.37481 ? 52  ARG A C   1 
ATOM   368  O O   . ARG A 1 53 ? -11.59612 12.33930  -16.21537 1.000 33.08435 ? 52  ARG A O   1 
ATOM   369  C CB  . ARG A 1 53 ? -8.30220  12.66053  -16.08802 1.000 32.25347 ? 52  ARG A CB  1 
ATOM   370  C CG  . ARG A 1 53 ? -8.55132  11.85793  -17.36140 1.000 34.01441 ? 52  ARG A CG  1 
ATOM   371  C CD  . ARG A 1 53 ? -7.23727  11.50354  -18.06943 1.000 40.69896 ? 52  ARG A CD  1 
ATOM   372  N NE  . ARG A 1 53 ? -6.42057  12.68306  -18.34275 1.000 49.99684 ? 52  ARG A NE  1 
ATOM   373  C CZ  . ARG A 1 53 ? -5.11553  12.65760  -18.58069 1.000 50.92190 ? 52  ARG A CZ  1 
ATOM   374  N N   . TRP A 1 54 ? -10.67529 11.51167  -14.34112 1.000 23.88672 ? 53  TRP A N   1 
ATOM   375  C CA  . TRP A 1 54 ? -11.53913 10.33713  -14.28356 1.000 26.28738 ? 53  TRP A CA  1 
ATOM   376  C C   . TRP A 1 54 ? -12.77995 10.50206  -13.42164 1.000 26.49901 ? 53  TRP A C   1 
ATOM   377  O O   . TRP A 1 54 ? -13.68123 9.65788   -13.50806 1.000 26.52110 ? 53  TRP A O   1 
ATOM   378  C CB  . TRP A 1 54 ? -10.74178 9.13002   -13.78343 1.000 25.26630 ? 53  TRP A CB  1 
ATOM   379  C CG  . TRP A 1 54 ? -9.67355  8.75153   -14.72819 1.000 24.98256 ? 53  TRP A CG  1 
ATOM   380  C CD1 . TRP A 1 54 ? -8.37698  9.19282   -14.73509 1.000 26.00440 ? 53  TRP A CD1 1 
ATOM   381  C CD2 . TRP A 1 54 ? -9.81312  7.89882   -15.86261 1.000 25.95237 ? 53  TRP A CD2 1 
ATOM   382  N NE1 . TRP A 1 54 ? -7.69439  8.63378   -15.79081 1.000 29.56949 ? 53  TRP A NE1 1 
ATOM   383  C CE2 . TRP A 1 54 ? -8.55680  7.83987   -16.50182 1.000 30.33216 ? 53  TRP A CE2 1 
ATOM   384  C CE3 . TRP A 1 54 ? -10.87679 7.16632   -16.39547 1.000 29.11909 ? 53  TRP A CE3 1 
ATOM   385  C CZ2 . TRP A 1 54 ? -8.33756  7.07302   -17.64588 1.000 33.97937 ? 53  TRP A CZ2 1 
ATOM   386  C CZ3 . TRP A 1 54 ? -10.65430 6.40634   -17.52646 1.000 29.04478 ? 53  TRP A CZ3 1 
ATOM   387  C CH2 . TRP A 1 54 ? -9.39601  6.36603   -18.14045 1.000 32.81867 ? 53  TRP A CH2 1 
ATOM   388  N N   . GLY A 1 55 ? -12.85230 11.54378  -12.59163 1.000 23.19670 ? 54  GLY A N   1 
ATOM   389  C CA  . GLY A 1 55 ? -13.96787 11.69618  -11.67766 1.000 23.26636 ? 54  GLY A CA  1 
ATOM   390  C C   . GLY A 1 55 ? -15.29009 11.97447  -12.35633 1.000 25.92561 ? 54  GLY A C   1 
ATOM   391  O O   . GLY A 1 55 ? -16.34009 11.72315  -11.75301 1.000 27.77938 ? 54  GLY A O   1 
ATOM   392  N N   . THR A 1 56 ? -15.27100 12.48594  -13.58622 1.000 26.29945 ? 55  THR A N   1 
ATOM   393  C CA  . THR A 1 56 ? -16.50933 12.72206  -14.32091 1.000 27.35958 ? 55  THR A CA  1 
ATOM   394  C C   . THR A 1 56 ? -16.78432 11.65862  -15.37555 1.000 25.66979 ? 55  THR A C   1 
ATOM   395  O O   . THR A 1 56 ? -17.73543 11.80474  -16.15246 1.000 27.28779 ? 55  THR A O   1 
ATOM   396  C CB  . THR A 1 56 ? -16.51089 14.10377  -14.97096 1.000 29.73325 ? 55  THR A CB  1 
ATOM   397  O OG1 . THR A 1 56 ? -15.32529 14.26562  -15.75064 1.000 34.86170 ? 55  THR A OG1 1 
ATOM   398  C CG2 . THR A 1 56 ? -16.56469 15.18995  -13.89959 1.000 37.16728 ? 55  THR A CG2 1 
ATOM   399  N N   . ASP A 1 57 ? -15.99270 10.59694  -15.41360 1.000 22.38405 ? 56  ASP A N   1 
ATOM   400  C CA  . ASP A 1 57 ? -16.29845 9.47299   -16.28548 1.000 25.55778 ? 56  ASP A CA  1 
ATOM   401  C C   . ASP A 1 57 ? -17.65812 8.89258   -15.92450 1.000 25.25604 ? 56  ASP A C   1 
ATOM   402  O O   . ASP A 1 57 ? -17.98961 8.72706   -14.74822 1.000 23.13241 ? 56  ASP A O   1 
ATOM   403  C CB  . ASP A 1 57 ? -15.20619 8.41813   -16.15667 1.000 23.91405 ? 56  ASP A CB  1 
ATOM   404  C CG  . ASP A 1 57 ? -15.37123 7.28826   -17.13510 1.000 26.22257 ? 56  ASP A CG  1 
ATOM   405  O OD1 . ASP A 1 57 ? -16.20544 6.40024   -16.86283 1.000 26.91210 ? 56  ASP A OD1 1 
ATOM   406  O OD2 . ASP A 1 57 ? -14.64804 7.26499   -18.15716 1.000 28.36876 ? 56  ASP A OD2 1 
ATOM   407  N N   . SER A 1 58 ? -18.46396 8.58703   -16.94474 1.000 22.58194 ? 57  SER A N   1 
ATOM   408  C CA  . SER A 1 58 ? -19.82577 8.15915   -16.64559 1.000 24.51031 ? 57  SER A CA  1 
ATOM   409  C C   . SER A 1 58 ? -19.85868 6.85870   -15.84713 1.000 21.75569 ? 57  SER A C   1 
ATOM   410  O O   . SER A 1 58 ? -20.82115 6.61944   -15.09532 1.000 20.92941 ? 57  SER A O   1 
ATOM   411  C CB  . SER A 1 58 ? -20.62047 8.01029   -17.94012 1.000 28.05629 ? 57  SER A CB  1 
ATOM   412  O OG  . SER A 1 58 ? -20.13987 6.89879   -18.66571 1.000 38.62004 ? 57  SER A OG  1 
ATOM   413  N N   . ARG A 1 59 ? -18.83364 6.00621   -15.98611 1.000 21.66026 ? 58  ARG A N   1 
ATOM   414  C CA  . ARG A 1 59 ? -18.79063 4.76693   -15.21394 1.000 19.41829 ? 58  ARG A CA  1 
ATOM   415  C C   . ARG A 1 59 ? -18.52232 5.05098   -13.74087 1.000 17.98458 ? 58  ARG A C   1 
ATOM   416  O O   . ARG A 1 59 ? -19.07262 4.37562   -12.85900 1.000 22.12508 ? 58  ARG A O   1 
ATOM   417  C CB  . ARG A 1 59 ? -17.72926 3.82483   -15.79107 1.000 22.43820 ? 58  ARG A CB  1 
ATOM   418  C CG  . ARG A 1 59 ? -18.02077 3.37975   -17.23504 1.000 21.35153 ? 58  ARG A CG  1 
ATOM   419  C CD  . ARG A 1 59 ? -16.77390 2.76799   -17.84046 1.000 21.88571 ? 58  ARG A CD  1 
ATOM   420  N NE  . ARG A 1 59 ? -15.78160 3.79210   -18.15793 1.000 21.86578 ? 58  ARG A NE  1 
ATOM   421  C CZ  . ARG A 1 59 ? -14.57607 3.54348   -18.66006 1.000 26.59291 ? 58  ARG A CZ  1 
ATOM   422  N NH1 . ARG A 1 59 ? -14.19223 2.31156   -18.96372 1.000 26.99599 ? 58  ARG A NH1 1 
ATOM   423  N NH2 . ARG A 1 59 ? -13.72559 4.55380   -18.84319 1.000 25.86083 ? 58  ARG A NH2 1 
ATOM   424  N N   . VAL A 1 60 ? -17.67573 6.04577   -13.46369 1.000 19.36042 ? 59  VAL A N   1 
ATOM   425  C CA  . VAL A 1 60 ? -17.41291 6.45484   -12.08435 1.000 20.25555 ? 59  VAL A CA  1 
ATOM   426  C C   . VAL A 1 60 ? -18.65089 7.08272   -11.46815 1.000 17.78274 ? 59  VAL A C   1 
ATOM   427  O O   . VAL A 1 60 ? -19.04002 6.74907   -10.34493 1.000 20.86550 ? 59  VAL A O   1 
ATOM   428  C CB  . VAL A 1 60 ? -16.21421 7.41512   -12.04697 1.000 19.77767 ? 59  VAL A CB  1 
ATOM   429  C CG1 . VAL A 1 60 ? -16.02568 7.98306   -10.64234 1.000 19.99026 ? 59  VAL A CG1 1 
ATOM   430  C CG2 . VAL A 1 60 ? -14.94674 6.68069   -12.50393 1.000 21.83995 ? 59  VAL A CG2 1 
ATOM   431  N N   . LYS A 1 61 ? -19.32692 7.95995   -12.21178 1.000 19.17454 ? 60  LYS A N   1 
ATOM   432  C CA  . LYS A 1 61 ? -20.53735 8.57224   -11.67619 1.000 21.78201 ? 60  LYS A CA  1 
ATOM   433  C C   . LYS A 1 61 ? -21.59888 7.52312   -11.38192 1.000 20.76572 ? 60  LYS A C   1 
ATOM   434  O O   . LYS A 1 61 ? -22.30866 7.61331   -10.37704 1.000 20.67700 ? 60  LYS A O   1 
ATOM   435  C CB  . LYS A 1 61 ? -21.06869 9.61617   -12.65384 1.000 22.92692 ? 60  LYS A CB  1 
ATOM   436  C CG  . LYS A 1 61 ? -20.19201 10.85661  -12.78748 1.000 23.43217 ? 60  LYS A CG  1 
ATOM   437  C CD  . LYS A 1 61 ? -20.85799 11.82087  -13.75024 1.000 29.59214 ? 60  LYS A CD  1 
ATOM   438  C CE  . LYS A 1 61 ? -19.98872 13.01129  -14.06145 1.000 34.78011 ? 60  LYS A CE  1 
ATOM   439  N NZ  . LYS A 1 61 ? -20.79559 14.14458  -14.59880 1.000 45.18270 ? 60  LYS A NZ  1 
ATOM   440  N N   . ALA A 1 62 ? -21.71870 6.51085   -12.23585 1.000 20.18557 ? 61  ALA A N   1 
ATOM   441  C CA  . ALA A 1 62 ? -22.71544 5.47900   -12.00700 1.000 19.61967 ? 61  ALA A CA  1 
ATOM   442  C C   . ALA A 1 62 ? -22.37630 4.64408   -10.78226 1.000 18.62277 ? 61  ALA A C   1 
ATOM   443  O O   . ALA A 1 62 ? -23.25214 4.35552   -9.96047  1.000 21.96224 ? 61  ALA A O   1 
ATOM   444  C CB  . ALA A 1 62 ? -22.84089 4.59567   -13.24545 1.000 19.71316 ? 61  ALA A CB  1 
ATOM   445  N N   . ALA A 1 63 ? -21.10389 4.23959   -10.64521 1.000 19.38347 ? 62  ALA A N   1 
ATOM   446  C CA  . ALA A 1 63 ? -20.70902 3.47335   -9.47300  1.000 20.87427 ? 62  ALA A CA  1 
ATOM   447  C C   . ALA A 1 63 ? -20.96143 4.25516   -8.18709  1.000 19.58938 ? 62  ALA A C   1 
ATOM   448  O O   . ALA A 1 63 ? -21.47582 3.70321   -7.20680  1.000 22.89495 ? 62  ALA A O   1 
ATOM   449  C CB  . ALA A 1 63 ? -19.23590 3.07302   -9.58003  1.000 22.19400 ? 62  ALA A CB  1 
ATOM   450  N N   . ALA A 1 64 ? -20.62851 5.54854   -8.18859  1.000 18.59314 ? 63  ALA A N   1 
ATOM   451  C CA  . ALA A 1 64 ? -20.83110 6.38482   -7.01635  1.000 18.30559 ? 63  ALA A CA  1 
ATOM   452  C C   . ALA A 1 64 ? -22.31281 6.52539   -6.68716  1.000 20.97000 ? 63  ALA A C   1 
ATOM   453  O O   . ALA A 1 64 ? -22.70592 6.41839   -5.52750  1.000 22.64885 ? 63  ALA A O   1 
ATOM   454  C CB  . ALA A 1 64 ? -20.18682 7.74584   -7.23289  1.000 20.06782 ? 63  ALA A CB  1 
ATOM   455  N N   . LEU A 1 65 ? -23.15192 6.75538   -7.69674  1.000 21.82274 ? 64  LEU A N   1 
ATOM   456  C CA  . LEU A 1 65 ? -24.57242 6.92167   -7.41643  1.000 19.77865 ? 64  LEU A CA  1 
ATOM   457  C C   . LEU A 1 65 ? -25.16968 5.63971   -6.84476  1.000 22.01155 ? 64  LEU A C   1 
ATOM   458  O O   . LEU A 1 65 ? -26.03949 5.69199   -5.96493  1.000 24.01230 ? 64  LEU A O   1 
ATOM   459  C CB  . LEU A 1 65 ? -25.30423 7.35498   -8.68697  1.000 18.99202 ? 64  LEU A CB  1 
ATOM   460  C CG  . LEU A 1 65 ? -26.79591 7.50419   -8.44276  1.000 26.77212 ? 64  LEU A CG  1 
ATOM   461  C CD1 . LEU A 1 65 ? -27.01837 8.73186   -7.60540  1.000 31.14349 ? 64  LEU A CD1 1 
ATOM   462  C CD2 . LEU A 1 65 ? -27.48780 7.65472   -9.76807  1.000 34.85624 ? 64  LEU A CD2 1 
ATOM   463  N N   . GLU A 1 66 ? -24.71213 4.48123   -7.32551  1.000 21.63570 ? 65  GLU A N   1 
ATOM   464  C CA  . GLU A 1 66 ? -25.19466 3.19870   -6.80779  1.000 22.76861 ? 65  GLU A CA  1 
ATOM   465  C C   . GLU A 1 66 ? -24.97142 3.09193   -5.30751  1.000 23.81276 ? 65  GLU A C   1 
ATOM   466  O O   . GLU A 1 66 ? -25.88696 2.74559   -4.55034  1.000 26.40858 ? 65  GLU A O   1 
ATOM   467  C CB  . GLU A 1 66 ? -24.50023 2.04656   -7.52625  1.000 26.24218 ? 65  GLU A CB  1 
ATOM   468  C CG  . GLU A 1 66 ? -24.84225 0.65608   -6.98279  1.000 31.94323 ? 65  GLU A CG  1 
ATOM   469  C CD  . GLU A 1 66 ? -26.30015 0.25338   -7.15725  0.218 32.75987 ? 65  GLU A CD  1 
ATOM   470  O OE1 . GLU A 1 66 ? -26.89159 0.58409   -8.20124  0.758 37.07628 ? 65  GLU A OE1 1 
ATOM   471  O OE2 . GLU A 1 66 ? -26.85046 -0.42553  -6.25924  0.711 37.07667 ? 65  GLU A OE2 1 
ATOM   472  N N   . MET A 1 67 ? -23.76736 3.43124   -4.85647  1.000 23.40281 ? 66  MET A N   1 
ATOM   473  C CA  . MET A 1 67 ? -23.43311 3.37802   -3.43922  1.000 21.98654 ? 66  MET A CA  1 
ATOM   474  C C   . MET A 1 67 ? -24.12178 4.48074   -2.65163  1.000 21.18195 ? 66  MET A C   1 
ATOM   475  O O   . MET A 1 67 ? -24.55566 4.25202   -1.52084  1.000 22.88866 ? 66  MET A O   1 
ATOM   476  C CB  . MET A 1 67 ? -21.91099 3.45469   -3.30617  1.000 22.99242 ? 66  MET A CB  1 
ATOM   477  C CG  . MET A 1 67 ? -21.30193 2.10774   -3.68612  1.000 27.19208 ? 66  MET A CG  1 
ATOM   478  S SD  . MET A 1 67 ? -19.61197 1.81448   -3.14350  0.728 31.68668 ? 66  MET A SD  1 
ATOM   479  C CE  . MET A 1 67 ? -19.03426 3.08358   -4.22064  1.000 20.83796 ? 66  MET A CE  1 
ATOM   480  N N   . GLU A 1 68 ? -24.24787 5.66749   -3.24546  1.000 21.80210 ? 67  GLU A N   1 
ATOM   481  C CA  . GLU A 1 68 ? -24.80315 6.81772   -2.54635  1.000 22.60638 ? 67  GLU A CA  1 
ATOM   482  C C   . GLU A 1 68 ? -26.25611 6.56915   -2.14969  1.000 27.13127 ? 67  GLU A C   1 
ATOM   483  O O   . GLU A 1 68 ? -26.74781 7.19356   -1.20273  1.000 30.45250 ? 67  GLU A O   1 
ATOM   484  C CB  . GLU A 1 68 ? -24.68522 8.05313   -3.44051  1.000 26.85246 ? 67  GLU A CB  1 
ATOM   485  C CG  . GLU A 1 68 ? -23.52674 8.96133   -3.10462  1.000 32.10610 ? 67  GLU A CG  1 
ATOM   486  C CD  . GLU A 1 68 ? -23.57630 10.29731  -3.82369  0.092 32.33227 ? 67  GLU A CD  1 
ATOM   487  O OE1 . GLU A 1 68 ? -24.32895 10.42958  -4.81253  0.758 32.32918 ? 67  GLU A OE1 1 
ATOM   488  O OE2 . GLU A 1 68 ? -22.83709 11.21351  -3.40162  0.702 43.16876 ? 67  GLU A OE2 1 
ATOM   489  N N   . GLN A 1 69 ? -26.93906 5.64609   -2.83445  1.000 26.10600 ? 68  GLN A N   1 
ATOM   490  C CA  . GLN A 1 69 ? -28.29820 5.27513   -2.44264  1.000 27.15517 ? 68  GLN A CA  1 
ATOM   491  C C   . GLN A 1 69 ? -28.36320 4.80863   -0.99937  1.000 27.98530 ? 68  GLN A C   1 
ATOM   492  O O   . GLN A 1 69 ? -29.40234 4.95527   -0.34350  1.000 31.02105 ? 68  GLN A O   1 
ATOM   493  C CB  . GLN A 1 69 ? -28.82307 4.14374   -3.31682  1.000 26.73525 ? 68  GLN A CB  1 
ATOM   494  C CG  . GLN A 1 69 ? -28.91611 4.39744   -4.78428  1.000 31.15421 ? 68  GLN A CG  1 
ATOM   495  C CD  . GLN A 1 69 ? -29.36345 3.15299   -5.50742  1.000 33.41763 ? 68  GLN A CD  1 
ATOM   496  O OE1 . GLN A 1 69 ? -30.54575 2.99630   -5.81451  1.000 40.26031 ? 68  GLN A OE1 1 
ATOM   497  N NE2 . GLN A 1 69 ? -28.42717 2.24158   -5.75966  1.000 31.52950 ? 68  GLN A NE2 1 
ATOM   498  N N   . TYR A 1 70 ? -27.27932 4.21680   -0.49483  1.000 24.78066 ? 69  TYR A N   1 
ATOM   499  C CA  . TYR A 1 70 ? -27.29234 3.50620   0.77060   1.000 27.42040 ? 69  TYR A CA  1 
ATOM   500  C C   . TYR A 1 70 ? -26.32257 4.06182   1.80208   1.000 27.63941 ? 69  TYR A C   1 
ATOM   501  O O   . TYR A 1 70 ? -26.50170 3.79007   2.99876   1.000 30.70819 ? 69  TYR A O   1 
ATOM   502  C CB  . TYR A 1 70 ? -26.97523 2.01678   0.54465   1.000 26.26880 ? 69  TYR A CB  1 
ATOM   503  C CG  . TYR A 1 70 ? -27.82510 1.38905   -0.52572  1.000 25.77321 ? 69  TYR A CG  1 
ATOM   504  C CD1 . TYR A 1 70 ? -29.17958 1.20470   -0.33058  1.000 29.26804 ? 69  TYR A CD1 1 
ATOM   505  C CD2 . TYR A 1 70 ? -27.26972 0.98712   -1.73551  1.000 22.95408 ? 69  TYR A CD2 1 
ATOM   506  C CE1 . TYR A 1 70 ? -29.97019 0.63572   -1.30542  1.000 28.40555 ? 69  TYR A CE1 1 
ATOM   507  C CE2 . TYR A 1 70 ? -28.03947 0.41860   -2.71009  1.000 24.56586 ? 69  TYR A CE2 1 
ATOM   508  C CZ  . TYR A 1 70 ? -29.39424 0.24925   -2.49261  1.000 27.60421 ? 69  TYR A CZ  1 
ATOM   509  O OH  . TYR A 1 70 ? -30.15960 -0.31230  -3.47881  1.000 34.59170 ? 69  TYR A OH  1 
ATOM   510  N N   . ALA A 1 71 ? -25.31500 4.82832   1.39139   1.000 26.94108 ? 70  ALA A N   1 
ATOM   511  C CA  . ALA A 1 71 ? -24.31394 5.30890   2.33050   1.000 26.18400 ? 70  ALA A CA  1 
ATOM   512  C C   . ALA A 1 71 ? -23.62722 6.53869   1.76008   1.000 23.15717 ? 70  ALA A C   1 
ATOM   513  O O   . ALA A 1 71 ? -23.58541 6.73645   0.54564   1.000 24.23008 ? 70  ALA A O   1 
ATOM   514  C CB  . ALA A 1 71 ? -23.26971 4.23043   2.64210   1.000 26.57733 ? 70  ALA A CB  1 
ATOM   515  N N   . TYR A 1 72 ? -23.11444 7.37241   2.65969   1.000 24.90434 ? 71  TYR A N   1 
ATOM   516  C CA  . TYR A 1 72 ? -22.19408 8.42840   2.27298   1.000 22.59646 ? 71  TYR A CA  1 
ATOM   517  C C   . TYR A 1 72 ? -21.06560 7.84368   1.43006   1.000 23.36805 ? 71  TYR A C   1 
ATOM   518  O O   . TYR A 1 72 ? -20.45506 6.84496   1.81459   1.000 23.21033 ? 71  TYR A O   1 
ATOM   519  C CB  . TYR A 1 72 ? -21.63594 9.11593   3.52736   1.000 26.45167 ? 71  TYR A CB  1 
ATOM   520  C CG  . TYR A 1 72 ? -20.54867 10.12606  3.22217   1.000 25.19773 ? 71  TYR A CG  1 
ATOM   521  C CD1 . TYR A 1 72 ? -20.86081 11.42900  2.84576   1.000 28.36224 ? 71  TYR A CD1 1 
ATOM   522  C CD2 . TYR A 1 72 ? -19.20453 9.77395   3.29108   1.000 22.39419 ? 71  TYR A CD2 1 
ATOM   523  C CE1 . TYR A 1 72 ? -19.85977 12.35493  2.54395   1.000 24.86552 ? 71  TYR A CE1 1 
ATOM   524  C CE2 . TYR A 1 72 ? -18.19296 10.69415  2.98050   1.000 25.66007 ? 71  TYR A CE2 1 
ATOM   525  C CZ  . TYR A 1 72 ? -18.53091 11.97896  2.61130   1.000 27.15586 ? 71  TYR A CZ  1 
ATOM   526  O OH  . TYR A 1 72 ? -17.53633 12.87588  2.30789   1.000 24.52303 ? 71  TYR A OH  1 
ATOM   527  N N   . THR A 1 73 ? -20.78573 8.47583   0.28495   1.000 22.84577 ? 72  THR A N   1 
ATOM   528  C CA  . THR A 1 73 ? -19.78438 7.99530   -0.66482  1.000 20.47929 ? 72  THR A CA  1 
ATOM   529  C C   . THR A 1 73 ? -18.81237 9.09933   -1.05117  1.000 22.74310 ? 72  THR A C   1 
ATOM   530  O O   . THR A 1 73 ? -19.20797 10.25044  -1.25820  1.000 24.42014 ? 72  THR A O   1 
ATOM   531  C CB  . THR A 1 73 ? -20.46152 7.43400   -1.92542  1.000 24.31401 ? 72  THR A CB  1 
ATOM   532  O OG1 . THR A 1 73 ? -21.40860 6.43052   -1.53330  1.000 26.20422 ? 72  THR A OG1 1 
ATOM   533  C CG2 . THR A 1 73 ? -19.44294 6.83452   -2.88724  1.000 24.97670 ? 72  THR A CG2 1 
ATOM   534  N N   . SER A 1 74 ? -17.53234 8.74653   -1.17722  1.000 21.84166 ? 73  SER A N   1 
ATOM   535  C CA  . SER A 1 74 ? -16.54637 9.72689   -1.61496  1.000 23.11030 ? 73  SER A CA  1 
ATOM   536  C C   . SER A 1 74 ? -15.47017 9.09708   -2.48278  1.000 25.48506 ? 73  SER A C   1 
ATOM   537  O O   . SER A 1 74 ? -15.24164 7.88444   -2.45755  1.000 21.85569 ? 73  SER A O   1 
ATOM   538  C CB  . SER A 1 74 ? -15.86641 10.42743  -0.43384  1.000 29.24200 ? 73  SER A CB  1 
ATOM   539  O OG  . SER A 1 74 ? -14.86380 11.31758  -0.91885  1.000 33.63830 ? 73  SER A OG  1 
ATOM   540  N N   . VAL A 1 75 ? -14.81869 9.94535   -3.26556  1.000 24.60915 ? 74  VAL A N   1 
ATOM   541  C CA  . VAL A 1 75 ? -13.64908 9.53862   -4.02643  1.000 22.14484 ? 74  VAL A CA  1 
ATOM   542  C C   . VAL A 1 75 ? -12.44321 9.67339   -3.11641  1.000 24.06446 ? 74  VAL A C   1 
ATOM   543  O O   . VAL A 1 75 ? -12.36917 10.56982  -2.25975  1.000 27.22678 ? 74  VAL A O   1 
ATOM   544  C CB  . VAL A 1 75 ? -13.47981 10.36113  -5.32558  1.000 29.89266 ? 74  VAL A CB  1 
ATOM   545  C CG1 . VAL A 1 75 ? -14.81218 10.52314  -6.03941  1.000 30.66938 ? 74  VAL A CG1 1 
ATOM   546  C CG2 . VAL A 1 75 ? -12.85358 11.69842  -5.05561  1.000 31.94477 ? 74  VAL A CG2 1 
ATOM   547  N N   . GLY A 1 76 ? -11.50187 8.76317   -3.27185  1.000 22.85419 ? 75  GLY A N   1 
ATOM   548  C CA  . GLY A 1 76 ? -10.30956 8.85803   -2.46836  1.000 23.48950 ? 75  GLY A CA  1 
ATOM   549  C C   . GLY A 1 76 ? -9.26298  7.87058   -2.91482  1.000 22.25938 ? 75  GLY A C   1 
ATOM   550  O O   . GLY A 1 76 ? -9.12374  7.57551   -4.11746  1.000 23.15628 ? 75  GLY A O   1 
ATOM   551  N N   . MET A 1 77 ? -8.53811  7.34995   -1.92116  1.000 24.90756 ? 76  MET A N   1 
ATOM   552  C CA  . MET A 1 77 ? -7.36144  6.52141   -2.14037  1.000 27.00966 ? 76  MET A CA  1 
ATOM   553  C C   . MET A 1 77 ? -7.30636  5.48189   -1.03365  1.000 26.32491 ? 76  MET A C   1 
ATOM   554  O O   . MET A 1 77 ? -7.42757  5.82501   0.15004   1.000 25.28123 ? 76  MET A O   1 
ATOM   555  C CB  . MET A 1 77 ? -6.10681  7.40839   -2.14082  1.000 28.73306 ? 76  MET A CB  1 
ATOM   556  C CG  . MET A 1 77 ? -4.78496  6.73767   -2.06794  1.000 34.97093 ? 76  MET A CG  1 
ATOM   557  S SD  . MET A 1 77 ? -4.46260  6.03874   -3.68218  0.500 28.58641 ? 76  MET A SD  1 
ATOM   558  C CE  . MET A 1 77 ? -3.07864  5.06253   -3.22340  1.000 33.80813 ? 76  MET A CE  1 
ATOM   559  N N   . ALA A 1 78 ? -7.16439  4.21013   -1.40995  1.000 25.55399 ? 77  ALA A N   1 
ATOM   560  C CA  . ALA A 1 78 ? -7.01366  3.13434   -0.44150  1.000 25.93799 ? 77  ALA A CA  1 
ATOM   561  C C   . ALA A 1 78 ? -5.54327  2.75908   -0.35550  1.000 29.30930 ? 77  ALA A C   1 
ATOM   562  O O   . ALA A 1 78 ? -4.86163  2.65344   -1.37653  1.000 28.97015 ? 77  ALA A O   1 
ATOM   563  C CB  . ALA A 1 78 ? -7.84458  1.90894   -0.82226  1.000 26.17351 ? 77  ALA A CB  1 
ATOM   564  N N   . SER A 1 79 ? -5.05951  2.58445   0.87032   1.000 25.48240 ? 78  SER A N   1 
ATOM   565  C CA  . SER A 1 79 ? -3.68539  2.15970   1.10472   1.000 30.18124 ? 78  SER A CA  1 
ATOM   566  C C   . SER A 1 79 ? -3.59298  1.60140   2.51170   1.000 28.57855 ? 78  SER A C   1 
ATOM   567  O O   . SER A 1 79 ? -4.13318  2.19175   3.44551   1.000 29.86466 ? 78  SER A O   1 
ATOM   568  C CB  . SER A 1 79 ? -2.69807  3.31955   0.93909   1.000 33.72472 ? 78  SER A CB  1 
ATOM   569  O OG  . SER A 1 79 ? -1.36653  2.82821   0.89049   1.000 41.48152 ? 78  SER A OG  1 
ATOM   570  N N   . CYS A 1 80 ? -2.90849  0.46399   2.65752   1.000 30.16230 ? 79  CYS A N   1 
ATOM   571  C CA  . CYS A 1 80 ? -2.61992  -0.08529  3.98127   1.000 32.64242 ? 79  CYS A CA  1 
ATOM   572  C C   . CYS A 1 80 ? -3.88359  -0.18823  4.83537   1.000 33.13820 ? 79  CYS A C   1 
ATOM   573  O O   . CYS A 1 80 ? -3.90289  0.19291   6.00614   1.000 34.14947 ? 79  CYS A O   1 
ATOM   574  C CB  . CYS A 1 80 ? -1.54899  0.75467   4.67815   1.000 34.61294 ? 79  CYS A CB  1 
ATOM   575  S SG  . CYS A 1 80 ? -0.66416  -0.09702  6.00715   0.398 26.75348 ? 79  CYS A SG  1 
ATOM   576  N N   . TRP A 1 81 ? -4.96405  -0.67652  4.22061   1.000 28.19190 ? 80  TRP A N   1 
ATOM   577  C CA  . TRP A 1 81 ? -6.23343  -0.98459  4.87312   1.000 30.39458 ? 80  TRP A CA  1 
ATOM   578  C C   . TRP A 1 81 ? -6.94149  0.25008   5.41157   1.000 27.75373 ? 80  TRP A C   1 
ATOM   579  O O   . TRP A 1 81 ? -7.79886  0.13524   6.29696   1.000 30.94434 ? 80  TRP A O   1 
ATOM   580  C CB  . TRP A 1 81 ? -6.05099  -2.01882  5.99236   1.000 31.72210 ? 80  TRP A CB  1 
ATOM   581  C CG  . TRP A 1 81 ? -5.99608  -3.39710  5.45852   1.000 36.02008 ? 80  TRP A CG  1 
ATOM   582  C CD1 . TRP A 1 81 ? -4.87843  -4.10203  5.10835   1.000 40.34199 ? 80  TRP A CD1 1 
ATOM   583  C CD2 . TRP A 1 81 ? -7.11153  -4.23809  5.16142   1.000 38.39361 ? 80  TRP A CD2 1 
ATOM   584  N NE1 . TRP A 1 81 ? -5.23384  -5.33783  4.62705   1.000 40.31730 ? 80  TRP A NE1 1 
ATOM   585  C CE2 . TRP A 1 81 ? -6.59925  -5.44616  4.64928   1.000 38.45231 ? 80  TRP A CE2 1 
ATOM   586  C CE3 . TRP A 1 81 ? -8.49718  -4.09007  5.28613   1.000 38.11861 ? 80  TRP A CE3 1 
ATOM   587  C CZ2 . TRP A 1 81 ? -7.42489  -6.50155  4.26506   1.000 39.02571 ? 80  TRP A CZ2 1 
ATOM   588  C CZ3 . TRP A 1 81 ? -9.31439  -5.13410  4.90347   1.000 37.59372 ? 80  TRP A CZ3 1 
ATOM   589  C CH2 . TRP A 1 81 ? -8.77563  -6.32659  4.40172   1.000 39.81833 ? 80  TRP A CH2 1 
ATOM   590  N N   . GLU A 1 82 ? -6.61007  1.41933   4.87902   1.000 31.45745 ? 81  GLU A N   1 
ATOM   591  C CA  . GLU A 1 82 ? -7.27325  2.66764   5.21626   1.000 31.16710 ? 81  GLU A CA  1 
ATOM   592  C C   . GLU A 1 82 ? -7.73032  3.34864   3.93345   1.000 29.57639 ? 81  GLU A C   1 
ATOM   593  O O   . GLU A 1 82 ? -7.11732  3.19038   2.87550   1.000 29.64189 ? 81  GLU A O   1 
ATOM   594  C CB  . GLU A 1 82 ? -6.34853  3.60938   5.99669   1.000 35.37374 ? 81  GLU A CB  1 
ATOM   595  C CG  . GLU A 1 82 ? -5.99528  3.13504   7.40453   1.000 34.26957 ? 81  GLU A CG  1 
ATOM   596  C CD  . GLU A 1 82 ? -5.10014  4.12412   8.13625   1.000 36.77907 ? 81  GLU A CD  1 
ATOM   597  N N   . PHE A 1 83 ? -8.81004  4.11751   4.03848   1.000 25.94501 ? 82  PHE A N   1 
ATOM   598  C CA  . PHE A 1 83 ? -9.27758  4.96110   2.95039   1.000 24.95418 ? 82  PHE A CA  1 
ATOM   599  C C   . PHE A 1 83 ? -9.10628  6.41862   3.36082   1.000 25.11367 ? 82  PHE A C   1 
ATOM   600  O O   . PHE A 1 83 ? -9.49607  6.80278   4.46743   1.000 29.83124 ? 82  PHE A O   1 
ATOM   601  C CB  . PHE A 1 83 ? -10.74264 4.64877   2.62695   1.000 25.14104 ? 82  PHE A CB  1 
ATOM   602  C CG  . PHE A 1 83 ? -11.38436 5.62426   1.66171   1.000 22.15151 ? 82  PHE A CG  1 
ATOM   603  C CD1 . PHE A 1 83 ? -11.13605 5.52805   0.30744   1.000 21.08302 ? 82  PHE A CD1 1 
ATOM   604  C CD2 . PHE A 1 83 ? -12.20521 6.64431   2.13316   1.000 23.61847 ? 82  PHE A CD2 1 
ATOM   605  C CE1 . PHE A 1 83 ? -11.70779 6.42628   -0.58954  1.000 22.78607 ? 82  PHE A CE1 1 
ATOM   606  C CE2 . PHE A 1 83 ? -12.78884 7.54447   1.24653   1.000 21.58790 ? 82  PHE A CE2 1 
ATOM   607  C CZ  . PHE A 1 83 ? -12.52820 7.43649   -0.11952  1.000 22.11616 ? 82  PHE A CZ  1 
ATOM   608  N N   . VAL A 1 84 ? -8.50562  7.20702   2.47914   1.000 24.97988 ? 83  VAL A N   1 
ATOM   609  C CA  . VAL A 1 84 ? -8.32545  8.64401   2.66062   1.000 28.54412 ? 83  VAL A CA  1 
ATOM   610  C C   . VAL A 1 84 ? -9.19342  9.36875   1.63989   1.000 28.76289 ? 83  VAL A C   1 
ATOM   611  O O   . VAL A 1 84 ? -9.07368  9.12856   0.43209   1.000 27.12065 ? 83  VAL A O   1 
ATOM   612  C CB  . VAL A 1 84 ? -6.84922  9.04166   2.49515   1.000 36.85901 ? 83  VAL A CB  1 
ATOM   613  C CG1 . VAL A 1 84 ? -6.66370  10.52159  2.77939   1.000 37.32789 ? 83  VAL A CG1 1 
ATOM   614  C CG2 . VAL A 1 84 ? -5.96927  8.19171   3.40482   1.000 37.41022 ? 83  VAL A CG2 1 
ATOM   615  N N   . GLU A 1 85 ? -10.03066 10.28301  2.12017   1.000 28.45034 ? 84  GLU A N   1 
ATOM   616  C CA  . GLU A 1 85 ? -10.90669 11.04290  1.24370   1.000 28.03253 ? 84  GLU A CA  1 
ATOM   617  C C   . GLU A 1 85 ? -10.13174 12.08397  0.44856   1.000 33.78462 ? 84  GLU A C   1 
ATOM   618  O O   . GLU A 1 85 ? -9.25616  12.77369  0.98091   1.000 36.92958 ? 84  GLU A O   1 
ATOM   619  C CB  . GLU A 1 85 ? -11.99467 11.73361  2.05831   1.000 33.92425 ? 84  GLU A CB  1 
ATOM   620  C CG  . GLU A 1 85 ? -13.35724 11.27581  1.67418   1.000 41.93329 ? 84  GLU A CG  1 
ATOM   621  C CD  . GLU A 1 85 ? -14.47015 11.91095  2.47465   1.000 36.74692 ? 84  GLU A CD  1 
ATOM   622  O OE1 . GLU A 1 85 ? -14.60123 11.59548  3.67208   1.000 44.52212 ? 84  GLU A OE1 1 
ATOM   623  O OE2 . GLU A 1 85 ? -15.23193 12.70700  1.88608   1.000 42.47191 ? 84  GLU A OE2 1 
ATOM   624  N N   . LEU A 1 86 ? -10.48350 12.21289  -0.82860  1.000 29.58556 ? 85  LEU A N   1 
ATOM   625  C CA  . LEU A 1 86 ? -9.93280  13.24277  -1.70603  1.000 35.53140 ? 85  LEU A CA  1 
ATOM   626  C C   . LEU A 1 86 ? -11.05297 14.13451  -2.23831  0.348 34.52000 ? 85  LEU A C   1 
ATOM   627  O O   . LEU A 1 86 ? -12.23150 13.75814  -2.24887  0.802 36.36783 ? 85  LEU A O   1 
ATOM   628  C CB  . LEU A 1 86 ? -9.17804  12.61235  -2.87787  1.000 35.59161 ? 85  LEU A CB  1 
ATOM   629  C CG  . LEU A 1 86 ? -7.92553  11.81924  -2.52831  1.000 35.44738 ? 85  LEU A CG  1 
ATOM   630  C CD1 . LEU A 1 86 ? -7.38374  11.07556  -3.75004  1.000 35.69104 ? 85  LEU A CD1 1 
ATOM   631  C CD2 . LEU A 1 86 ? -6.87819  12.75433  -1.94961  1.000 40.61975 ? 85  LEU A CD2 1 
ATOM   632  O OXT . LEU A 1 86 ? -10.80315 15.25060  -2.68907  0.518 38.11088 ? 85  LEU A OXT 1 
ATOM   633  N N   . LYS B 1 4  ? 14.98986  8.64237   0.53789   1.000 53.66542 ? 3   LYS B N   1 
ATOM   634  C CA  . LYS B 1 4  ? 15.06705  8.15493   -0.83602  1.000 55.03749 ? 3   LYS B CA  1 
ATOM   635  C C   . LYS B 1 4  ? 14.01960  7.06582   -1.10000  1.000 46.97828 ? 3   LYS B C   1 
ATOM   636  O O   . LYS B 1 4  ? 13.77983  6.21204   -0.24286  1.000 47.68992 ? 3   LYS B O   1 
ATOM   637  C CB  . LYS B 1 4  ? 16.47322  7.62968   -1.13547  1.000 45.50035 ? 3   LYS B CB  1 
ATOM   638  C CG  . LYS B 1 4  ? 16.61164  7.08452   -2.53880  1.000 45.06069 ? 3   LYS B CG  1 
ATOM   639  C CD  . LYS B 1 4  ? 16.41028  8.18707   -3.56835  1.000 41.93220 ? 3   LYS B CD  1 
ATOM   640  C CE  . LYS B 1 4  ? 17.01607  7.81586   -4.90916  1.000 45.10791 ? 3   LYS B CE  1 
ATOM   641  N NZ  . LYS B 1 4  ? 15.96634  7.63661   -5.95508  1.000 49.65769 ? 3   LYS B NZ  1 
ATOM   642  N N   . THR B 1 5  ? 13.41744  7.09631   -2.29211  1.000 42.61175 ? 4   THR B N   1 
ATOM   643  C CA  . THR B 1 5  ? 12.29003  6.24321   -2.65474  1.000 41.03884 ? 4   THR B CA  1 
ATOM   644  C C   . THR B 1 5  ? 12.61155  5.42661   -3.90171  1.000 38.43809 ? 4   THR B C   1 
ATOM   645  O O   . THR B 1 5  ? 13.20127  5.94470   -4.85514  1.000 38.43197 ? 4   THR B O   1 
ATOM   646  C CB  . THR B 1 5  ? 11.03838  7.10337   -2.89025  1.000 45.87214 ? 4   THR B CB  1 
ATOM   647  O OG1 . THR B 1 5  ? 10.55674  7.58890   -1.62956  1.000 49.70974 ? 4   THR B OG1 1 
ATOM   648  C CG2 . THR B 1 5  ? 9.93609   6.31930   -3.58835  1.000 40.69177 ? 4   THR B CG2 1 
ATOM   649  N N   . TYR B 1 6  ? 12.21419  4.14642   -3.89430  1.000 32.17479 ? 5   TYR B N   1 
ATOM   650  C CA  . TYR B 1 6  ? 12.47042  3.22041   -4.99138  1.000 29.97975 ? 5   TYR B CA  1 
ATOM   651  C C   . TYR B 1 6  ? 11.21214  2.42507   -5.31500  1.000 29.82741 ? 5   TYR B C   1 
ATOM   652  O O   . TYR B 1 6  ? 10.55180  1.89688   -4.41101  1.000 33.59037 ? 5   TYR B O   1 
ATOM   653  C CB  . TYR B 1 6  ? 13.61116  2.24300   -4.64416  1.000 29.11218 ? 5   TYR B CB  1 
ATOM   654  C CG  . TYR B 1 6  ? 14.96464  2.88740   -4.43097  1.000 28.89067 ? 5   TYR B CG  1 
ATOM   655  C CD1 . TYR B 1 6  ? 15.77494  3.21267   -5.50648  1.000 31.64172 ? 5   TYR B CD1 1 
ATOM   656  C CD2 . TYR B 1 6  ? 15.44566  3.13680   -3.14651  1.000 31.16220 ? 5   TYR B CD2 1 
ATOM   657  C CE1 . TYR B 1 6  ? 17.02146  3.80289   -5.31047  1.000 33.51814 ? 5   TYR B CE1 1 
ATOM   658  C CE2 . TYR B 1 6  ? 16.68619  3.71728   -2.94382  1.000 32.47020 ? 5   TYR B CE2 1 
ATOM   659  C CZ  . TYR B 1 6  ? 17.47254  4.04469   -4.02926  1.000 31.63744 ? 5   TYR B CZ  1 
ATOM   660  O OH  . TYR B 1 6  ? 18.72052  4.61662   -3.84157  1.000 32.21701 ? 5   TYR B OH  1 
ATOM   661  N N   . LYS B 1 7  ? 10.88913  2.33295   -6.60118  1.000 32.26139 ? 6   LYS B N   1 
ATOM   662  C CA  . LYS B 1 7  ? 9.76540   1.51342   -7.02684  1.000 30.46816 ? 6   LYS B CA  1 
ATOM   663  C C   . LYS B 1 7  ? 10.03903  0.04941   -6.72696  1.000 31.78512 ? 6   LYS B C   1 
ATOM   664  O O   . LYS B 1 7  ? 11.15208  -0.44228  -6.92831  1.000 30.36236 ? 6   LYS B O   1 
ATOM   665  C CB  . LYS B 1 7  ? 9.50612   1.69614   -8.52349  1.000 34.20295 ? 6   LYS B CB  1 
ATOM   666  N N   . ILE B 1 8  ? 9.01396   -0.64859  -6.24228  1.000 32.33508 ? 7   ILE B N   1 
ATOM   667  C CA  . ILE B 1 8  ? 9.09206   -2.08342  -5.98306  1.000 34.12960 ? 7   ILE B CA  1 
ATOM   668  C C   . ILE B 1 8  ? 8.52131   -2.79395  -7.19723  1.000 39.01097 ? 7   ILE B C   1 
ATOM   669  O O   . ILE B 1 8  ? 7.35704   -2.57799  -7.55583  1.000 41.10965 ? 7   ILE B O   1 
ATOM   670  C CB  . ILE B 1 8  ? 8.32787   -2.47461  -4.71073  1.000 27.57037 ? 7   ILE B CB  1 
ATOM   671  C CG1 . ILE B 1 8  ? 8.95903   -1.82602  -3.48326  1.000 27.28286 ? 7   ILE B CG1 1 
ATOM   672  C CG2 . ILE B 1 8  ? 8.30609   -3.98341  -4.55300  1.000 29.25283 ? 7   ILE B CG2 1 
ATOM   673  C CD1 . ILE B 1 8  ? 8.08448   -1.88806  -2.23252  1.000 28.96141 ? 7   ILE B CD1 1 
ATOM   674  N N   . GLY B 1 9  ? 9.32985   -3.63247  -7.83295  1.000 38.94130 ? 8   GLY B N   1 
ATOM   675  C CA  . GLY B 1 9  ? 8.87535   -4.37946  -8.98708  1.000 44.31607 ? 8   GLY B CA  1 
ATOM   676  C C   . GLY B 1 9  ? 7.76028   -5.35777  -8.63760  1.000 46.63381 ? 8   GLY B C   1 
ATOM   677  O O   . GLY B 1 9  ? 7.34438   -5.50817  -7.48735  1.000 43.12399 ? 8   GLY B O   1 
ATOM   678  N N   . LYS B 1 10 ? 7.26820   -6.04584  -9.67394  1.000 47.55473 ? 9   LYS B N   1 
ATOM   679  C CA  . LYS B 1 10 ? 6.14380   -6.96285  -9.51452  1.000 44.59682 ? 9   LYS B CA  1 
ATOM   680  C C   . LYS B 1 10 ? 6.55771   -8.37808  -9.11647  1.000 45.13576 ? 9   LYS B C   1 
ATOM   681  O O   . LYS B 1 10 ? 5.71137   -9.13940  -8.62666  1.000 46.12088 ? 9   LYS B O   1 
ATOM   682  C CB  . LYS B 1 10 ? 5.32008   -7.01511  -10.80905 1.000 46.53584 ? 9   LYS B CB  1 
ATOM   683  N N   . ASN B 1 11 ? 7.82766   -8.74701  -9.30129  1.000 42.54199 ? 10  ASN B N   1 
ATOM   684  C CA  . ASN B 1 11 ? 8.34039   -10.05556 -8.91038  1.000 42.04340 ? 10  ASN B CA  1 
ATOM   685  C C   . ASN B 1 11 ? 9.30349   -9.96342  -7.73032  1.000 38.80821 ? 10  ASN B C   1 
ATOM   686  O O   . ASN B 1 11 ? 10.25201  -10.74659 -7.62998  1.000 34.42911 ? 10  ASN B O   1 
ATOM   687  C CB  . ASN B 1 11 ? 9.03279   -10.73301 -10.09005 1.000 45.23374 ? 10  ASN B CB  1 
ATOM   688  C CG  . ASN B 1 11 ? 8.08688   -11.01536 -11.23330 1.000 52.20256 ? 10  ASN B CG  1 
ATOM   689  O OD1 . ASN B 1 11 ? 8.22197   -10.45029 -12.31951 1.000 57.01529 ? 10  ASN B OD1 1 
ATOM   690  N ND2 . ASN B 1 11 ? 7.12483   -11.90129 -10.99935 1.000 54.84416 ? 10  ASN B ND2 1 
ATOM   691  N N   . ALA B 1 12 ? 9.06720   -9.01877  -6.82512  1.000 35.17693 ? 11  ALA B N   1 
ATOM   692  C CA  . ALA B 1 12 ? 9.99873   -8.73632  -5.74284  1.000 32.28738 ? 11  ALA B CA  1 
ATOM   693  C C   . ALA B 1 12 ? 9.52033   -9.23253  -4.38788  1.000 30.80854 ? 11  ALA B C   1 
ATOM   694  O O   . ALA B 1 12 ? 10.22151  -9.03853  -3.39024  1.000 29.24761 ? 11  ALA B O   1 
ATOM   695  C CB  . ALA B 1 12 ? 10.26555  -7.22965  -5.66978  1.000 28.74757 ? 11  ALA B CB  1 
ATOM   696  N N   . GLY B 1 13 ? 8.35465   -9.86181  -4.31227  1.000 28.60150 ? 12  GLY B N   1 
ATOM   697  C CA  . GLY B 1 13 ? 7.83414   -10.27824 -3.03242  1.000 25.27997 ? 12  GLY B CA  1 
ATOM   698  C C   . GLY B 1 13 ? 6.93282   -9.28390  -2.33835  1.000 22.31264 ? 12  GLY B C   1 
ATOM   699  O O   . GLY B 1 13 ? 6.74625   -9.40018  -1.12405  1.000 28.43068 ? 12  GLY B O   1 
ATOM   700  N N   . TYR B 1 14 ? 6.35727   -8.31222  -3.06472  1.000 26.57579 ? 13  TYR B N   1 
ATOM   701  C CA  . TYR B 1 14 ? 5.52618   -7.29454  -2.43133  1.000 29.64547 ? 13  TYR B CA  1 
ATOM   702  C C   . TYR B 1 14 ? 4.31736   -7.91922  -1.74386  1.000 28.52879 ? 13  TYR B C   1 
ATOM   703  O O   . TYR B 1 14 ? 3.70029   -8.86321  -2.25202  1.000 34.42296 ? 13  TYR B O   1 
ATOM   704  C CB  . TYR B 1 14 ? 5.06119   -6.24739  -3.45553  1.000 29.46678 ? 13  TYR B CB  1 
ATOM   705  C CG  . TYR B 1 14 ? 4.43555   -5.01439  -2.81481  1.000 30.27424 ? 13  TYR B CG  1 
ATOM   706  C CD1 . TYR B 1 14 ? 5.21393   -4.11549  -2.10363  1.000 29.47319 ? 13  TYR B CD1 1 
ATOM   707  C CD2 . TYR B 1 14 ? 3.06660   -4.75674  -2.91153  1.000 31.95320 ? 13  TYR B CD2 1 
ATOM   708  C CE1 . TYR B 1 14 ? 4.66093   -2.99576  -1.51144  1.000 27.80277 ? 13  TYR B CE1 1 
ATOM   709  C CE2 . TYR B 1 14 ? 2.50081   -3.62768  -2.32034  1.000 31.83446 ? 13  TYR B CE2 1 
ATOM   710  C CZ  . TYR B 1 14 ? 3.30457   -2.74859  -1.62304  1.000 31.70033 ? 13  TYR B CZ  1 
ATOM   711  O OH  . TYR B 1 14 ? 2.79094   -1.62013  -1.00969  1.000 33.40316 ? 13  TYR B OH  1 
ATOM   712  N N   . ASP B 1 15 ? 3.97342   -7.37523  -0.58315  1.000 28.95196 ? 14  ASP B N   1 
ATOM   713  C CA  . ASP B 1 15 ? 2.84823   -7.87174  0.19824   1.000 26.10079 ? 14  ASP B CA  1 
ATOM   714  C C   . ASP B 1 15 ? 2.23519   -6.72574  0.99912   1.000 29.65249 ? 14  ASP B C   1 
ATOM   715  O O   . ASP B 1 15 ? 1.92921   -6.86490  2.18749   1.000 30.48159 ? 14  ASP B O   1 
ATOM   716  C CB  . ASP B 1 15 ? 3.27945   -9.03610  1.09964   1.000 30.43801 ? 14  ASP B CB  1 
ATOM   717  C CG  . ASP B 1 15 ? 2.12421   -9.66238  1.85892   1.000 36.83116 ? 14  ASP B CG  1 
ATOM   718  O OD1 . ASP B 1 15 ? 1.03137   -9.81798  1.27202   1.000 37.40707 ? 14  ASP B OD1 1 
ATOM   719  O OD2 . ASP B 1 15 ? 2.31596   -10.01145 3.04446   1.000 39.42798 ? 14  ASP B OD2 1 
ATOM   720  N N   . GLY B 1 16 ? 2.03751   -5.58219  0.35037   1.000 27.92896 ? 15  GLY B N   1 
ATOM   721  C CA  . GLY B 1 16 ? 1.44436   -4.45353  1.01821   1.000 28.90799 ? 15  GLY B CA  1 
ATOM   722  C C   . GLY B 1 16 ? 2.42413   -3.70732  1.89874   1.000 31.61945 ? 15  GLY B C   1 
ATOM   723  O O   . GLY B 1 16 ? 3.64240   -3.93455  1.88841   1.000 29.36370 ? 15  GLY B O   1 
ATOM   724  N N   . CYS B 1 17 ? 1.86099   -2.79655  2.68533   1.000 29.39172 ? 16  CYS B N   1 
ATOM   725  C CA  . CYS B 1 17 ? 2.65535   -1.94534  3.55666   1.000 29.74612 ? 16  CYS B CA  1 
ATOM   726  C C   . CYS B 1 17 ? 3.35718   -2.79264  4.61014   1.000 28.26246 ? 16  CYS B C   1 
ATOM   727  O O   . CYS B 1 17 ? 2.89911   -3.88253  4.96884   1.000 28.12626 ? 16  CYS B O   1 
ATOM   728  C CB  . CYS B 1 17 ? 1.77231   -0.88998  4.23442   1.000 29.84671 ? 16  CYS B CB  1 
ATOM   729  S SG  . CYS B 1 17 ? 0.36722   -1.61023  5.11333   0.571 31.13963 ? 16  CYS B SG  1 
ATOM   730  N N   . GLY B 1 18 ? 4.49004   -2.29472  5.08034   1.000 29.32545 ? 17  GLY B N   1 
ATOM   731  C CA  . GLY B 1 18 ? 5.16967   -2.90342  6.20341   1.000 27.05777 ? 17  GLY B CA  1 
ATOM   732  C C   . GLY B 1 18 ? 6.64287   -2.57816  6.19558   1.000 22.84999 ? 17  GLY B C   1 
ATOM   733  O O   . GLY B 1 18 ? 7.23985   -2.29170  5.15691   1.000 25.68170 ? 17  GLY B O   1 
ATOM   734  N N   . LEU B 1 19 ? 7.23095   -2.62365  7.39056   1.000 20.82621 ? 18  LEU B N   1 
ATOM   735  C CA  . LEU B 1 19 ? 8.67993   -2.51544  7.50187   1.000 19.93906 ? 18  LEU B CA  1 
ATOM   736  C C   . LEU B 1 19 ? 9.33787   -3.68669  6.78985   1.000 21.36110 ? 18  LEU B C   1 
ATOM   737  O O   . LEU B 1 19 ? 8.88005   -4.83638  6.90053   1.000 20.64377 ? 18  LEU B O   1 
ATOM   738  C CB  . LEU B 1 19 ? 9.09699   -2.48689  8.96739   1.000 21.36090 ? 18  LEU B CB  1 
ATOM   739  C CG  . LEU B 1 19 ? 8.55786   -1.35144  9.85235   1.000 21.76947 ? 18  LEU B CG  1 
ATOM   740  C CD1 . LEU B 1 19 ? 9.03735   -1.49542  11.30303  1.000 24.82568 ? 18  LEU B CD1 1 
ATOM   741  C CD2 . LEU B 1 19 ? 8.92364   0.03629   9.29114   1.000 25.77127 ? 18  LEU B CD2 1 
ATOM   742  N N   . CYS B 1 20 ? 10.41238  -3.39728  6.05130   1.000 18.21114 ? 19  CYS B N   1 
ATOM   743  C CA  . CYS B 1 20 ? 11.04934  -4.44842  5.27423   1.000 19.91372 ? 19  CYS B CA  1 
ATOM   744  C C   . CYS B 1 20 ? 12.49808  -4.10201  4.96704   1.000 23.37911 ? 19  CYS B C   1 
ATOM   745  O O   . CYS B 1 20 ? 12.93835  -2.95967  5.10393   1.000 21.45771 ? 19  CYS B O   1 
ATOM   746  C CB  . CYS B 1 20 ? 10.30074  -4.69826  3.96438   1.000 20.81663 ? 19  CYS B CB  1 
ATOM   747  S SG  . CYS B 1 20 ? 10.26019  -3.25338  2.88808   1.000 25.37954 ? 19  CYS B SG  1 
ATOM   748  N N   . LEU B 1 21 ? 13.23062  -5.12921  4.55989   1.000 19.52752 ? 20  LEU B N   1 
ATOM   749  C CA  . LEU B 1 21 ? 14.51352  -4.99651  3.89456   1.000 20.16724 ? 20  LEU B CA  1 
ATOM   750  C C   . LEU B 1 21 ? 14.26435  -4.95815  2.40086   1.000 21.31979 ? 20  LEU B C   1 
ATOM   751  O O   . LEU B 1 21 ? 13.34897  -5.62021  1.90084   1.000 23.61326 ? 20  LEU B O   1 
ATOM   752  C CB  . LEU B 1 21 ? 15.41149  -6.19261  4.22832   1.000 22.03861 ? 20  LEU B CB  1 
ATOM   753  C CG  . LEU B 1 21 ? 15.74516  -6.44114  5.69178   1.000 21.90566 ? 20  LEU B CG  1 
ATOM   754  C CD1 . LEU B 1 21 ? 16.49312  -7.77815  5.82578   1.000 22.29590 ? 20  LEU B CD1 1 
ATOM   755  C CD2 . LEU B 1 21 ? 16.57588  -5.32621  6.19913   1.000 28.56580 ? 20  LEU B CD2 1 
ATOM   756  N N   . ALA B 1 22 ? 15.07478  -4.20003  1.67922   1.000 19.93144 ? 21  ALA B N   1 
ATOM   757  C CA  . ALA B 1 22 ? 14.97791  -4.19984  0.22881   1.000 20.89591 ? 21  ALA B CA  1 
ATOM   758  C C   . ALA B 1 22 ? 16.35791  -4.28871  -0.40204  1.000 22.57253 ? 21  ALA B C   1 
ATOM   759  O O   . ALA B 1 22 ? 17.31414  -3.67283  0.08444   1.000 23.47638 ? 21  ALA B O   1 
ATOM   760  C CB  . ALA B 1 22 ? 14.24731  -2.94036  -0.26086  1.000 21.30128 ? 21  ALA B CB  1 
ATOM   761  N N   . ALA B 1 23 ? 16.47248  -5.08896  -1.46371  1.000 18.90780 ? 22  ALA B N   1 
ATOM   762  C CA  . ALA B 1 23 ? 17.64298  -5.07807  -2.32215  1.000 20.51756 ? 22  ALA B CA  1 
ATOM   763  C C   . ALA B 1 23 ? 17.36586  -4.13640  -3.49026  1.000 22.69621 ? 22  ALA B C   1 
ATOM   764  O O   . ALA B 1 23 ? 16.31378  -4.22981  -4.13015  1.000 23.80938 ? 22  ALA B O   1 
ATOM   765  C CB  . ALA B 1 23 ? 17.96216  -6.48682  -2.83526  1.000 23.52607 ? 22  ALA B CB  1 
ATOM   766  N N   . ILE B 1 24 ? 18.29093  -3.21337  -3.74301  1.000 23.72401 ? 23  ILE B N   1 
ATOM   767  C CA  . ILE B 1 24 ? 18.11096  -2.15932  -4.74002  1.000 25.60106 ? 23  ILE B CA  1 
ATOM   768  C C   . ILE B 1 24 ? 19.10643  -2.35407  -5.87386  1.000 26.97110 ? 23  ILE B C   1 
ATOM   769  O O   . ILE B 1 24 ? 20.30638  -2.53243  -5.63672  1.000 29.48709 ? 23  ILE B O   1 
ATOM   770  C CB  . ILE B 1 24 ? 18.27669  -0.76344  -4.11855  1.000 27.07329 ? 23  ILE B CB  1 
ATOM   771  C CG1 . ILE B 1 24 ? 17.49276  -0.64543  -2.81331  1.000 28.14542 ? 23  ILE B CG1 1 
ATOM   772  C CG2 . ILE B 1 24 ? 17.81888  0.31638   -5.09753  1.000 28.79313 ? 23  ILE B CG2 1 
ATOM   773  C CD1 . ILE B 1 24 ? 16.04404  -0.74140  -2.99538  1.000 26.42551 ? 23  ILE B CD1 1 
ATOM   774  N N   . SER B 1 25 ? 18.61835  -2.27668  -7.10913  1.000 29.27602 ? 24  SER B N   1 
ATOM   775  C CA  . SER B 1 25 ? 19.51082  -2.38321  -8.25382  1.000 29.71075 ? 24  SER B CA  1 
ATOM   776  C C   . SER B 1 25 ? 18.93077  -1.56058  -9.39111  1.000 31.21172 ? 24  SER B C   1 
ATOM   777  O O   . SER B 1 25 ? 17.75002  -1.70768  -9.71839  1.000 31.62743 ? 24  SER B O   1 
ATOM   778  C CB  . SER B 1 25 ? 19.70269  -3.83840  -8.68397  1.000 35.00922 ? 24  SER B CB  1 
ATOM   779  O OG  . SER B 1 25 ? 20.60515  -3.91544  -9.77340  1.000 39.97127 ? 24  SER B OG  1 
ATOM   780  N N   . GLU B 1 26 ? 19.76565  -0.68930  -9.96654  1.000 36.15925 ? 25  GLU B N   1 
ATOM   781  C CA  . GLU B 1 26 ? 19.37280  0.19820   -11.06322 1.000 33.04422 ? 25  GLU B CA  1 
ATOM   782  C C   . GLU B 1 26 ? 18.07348  0.93412   -10.73711 1.000 35.45292 ? 25  GLU B C   1 
ATOM   783  O O   . GLU B 1 26 ? 17.11757  0.93807   -11.51610 1.000 41.43173 ? 25  GLU B O   1 
ATOM   784  C CB  . GLU B 1 26 ? 19.25414  -0.57901  -12.37645 1.000 38.80234 ? 25  GLU B CB  1 
ATOM   785  N N   . ASN B 1 27 ? 18.03419  1.53191   -9.54596  1.000 34.76048 ? 26  ASN B N   1 
ATOM   786  C CA  . ASN B 1 27 ? 16.95867  2.41901   -9.11154  1.000 34.90859 ? 26  ASN B CA  1 
ATOM   787  C C   . ASN B 1 27 ? 15.63521  1.70629   -8.84892  1.000 31.02799 ? 26  ASN B C   1 
ATOM   788  O O   . ASN B 1 27 ? 14.58595  2.35413   -8.82212  1.000 34.69048 ? 26  ASN B O   1 
ATOM   789  C CB  . ASN B 1 27 ? 16.73692  3.55031   -10.12109 1.000 35.61367 ? 26  ASN B CB  1 
ATOM   790  C CG  . ASN B 1 27 ? 16.21256  4.81039   -9.47544  1.000 39.84391 ? 26  ASN B CG  1 
ATOM   791  O OD1 . ASN B 1 27 ? 16.54934  5.12784   -8.33660  1.000 41.33529 ? 26  ASN B OD1 1 
ATOM   792  N ND2 . ASN B 1 27 ? 15.35952  5.52995   -10.19812 1.000 43.45924 ? 26  ASN B ND2 1 
ATOM   793  N N   . GLU B 1 28 ? 15.64021  0.39119   -8.62383  1.000 31.81563 ? 27  GLU B N   1 
ATOM   794  C CA  . GLU B 1 28 ? 14.41849  -0.33787  -8.30446  1.000 32.21396 ? 27  GLU B CA  1 
ATOM   795  C C   . GLU B 1 28 ? 14.68025  -1.30796  -7.15929  1.000 26.73558 ? 27  GLU B C   1 
ATOM   796  O O   . GLU B 1 28 ? 15.77736  -1.86073  -7.04991  1.000 28.13490 ? 27  GLU B O   1 
ATOM   797  C CB  . GLU B 1 28 ? 13.89096  -1.11037  -9.52858  1.000 32.33212 ? 27  GLU B CB  1 
ATOM   798  C CG  . GLU B 1 28 ? 12.61323  -1.89939  -9.28004  1.000 35.93775 ? 27  GLU B CG  1 
ATOM   799  N N   . ALA B 1 29 ? 13.67931  -1.47856  -6.29123  1.000 26.64390 ? 28  ALA B N   1 
ATOM   800  C CA  . ALA B 1 29 ? 13.72202  -2.50955  -5.25585  1.000 22.94680 ? 28  ALA B CA  1 
ATOM   801  C C   . ALA B 1 29 ? 13.33262  -3.83137  -5.90562  1.000 27.62762 ? 28  ALA B C   1 
ATOM   802  O O   . ALA B 1 29 ? 12.16039  -4.03940  -6.24313  1.000 30.04959 ? 28  ALA B O   1 
ATOM   803  C CB  . ALA B 1 29 ? 12.78467  -2.16118  -4.10221  1.000 25.34713 ? 28  ALA B CB  1 
ATOM   804  N N   . ILE B 1 30 ? 14.31994  -4.71172  -6.10860  1.000 24.54489 ? 29  ILE B N   1 
ATOM   805  C CA  . ILE B 1 30 ? 14.09721  -5.96459  -6.83837  1.000 28.04635 ? 29  ILE B CA  1 
ATOM   806  C C   . ILE B 1 30 ? 13.79306  -7.14737  -5.92935  1.000 30.07540 ? 29  ILE B C   1 
ATOM   807  O O   . ILE B 1 30 ? 13.39761  -8.21630  -6.43127  1.000 27.79446 ? 29  ILE B O   1 
ATOM   808  C CB  . ILE B 1 30 ? 15.29242  -6.31587  -7.74932  1.000 27.36454 ? 29  ILE B CB  1 
ATOM   809  C CG1 . ILE B 1 30 ? 16.61672  -6.32665  -6.98425  1.000 28.26780 ? 29  ILE B CG1 1 
ATOM   810  C CG2 . ILE B 1 30 ? 15.39253  -5.33697  -8.90649  1.000 32.71511 ? 29  ILE B CG2 1 
ATOM   811  C CD1 . ILE B 1 30 ? 17.75742  -6.86416  -7.82196  1.000 31.02146 ? 29  ILE B CD1 1 
ATOM   812  N N   . LYS B 1 31 ? 13.96604  -7.00313  -4.61998  1.000 24.53341 ? 30  LYS B N   1 
ATOM   813  C CA  . LYS B 1 31 ? 13.51441  -8.00772  -3.67040  1.000 22.65333 ? 30  LYS B CA  1 
ATOM   814  C C   . LYS B 1 31 ? 13.20296  -7.28458  -2.37555  1.000 26.54232 ? 30  LYS B C   1 
ATOM   815  O O   . LYS B 1 31 ? 13.92747  -6.36307  -1.99559  1.000 22.65488 ? 30  LYS B O   1 
ATOM   816  C CB  . LYS B 1 31 ? 14.56129  -9.10784  -3.45766  1.000 26.19132 ? 30  LYS B CB  1 
ATOM   817  C CG  . LYS B 1 31 ? 14.12726  -10.18041 -2.48235  1.000 28.90560 ? 30  LYS B CG  1 
ATOM   818  C CD  . LYS B 1 31 ? 14.97786  -11.42624 -2.58042  1.000 30.45193 ? 30  LYS B CD  1 
ATOM   819  C CE  . LYS B 1 31 ? 14.42791  -12.52204 -1.66851  1.000 35.21002 ? 30  LYS B CE  1 
ATOM   820  N NZ  . LYS B 1 31 ? 15.29314  -13.74269 -1.65495  1.000 35.48842 ? 30  LYS B NZ  1 
ATOM   821  N N   . VAL B 1 32 ? 12.10088  -7.65731  -1.73134  1.000 21.16967 ? 31  VAL B N   1 
ATOM   822  C CA  . VAL B 1 32 ? 11.77547  -7.13719  -0.40912  1.000 23.97749 ? 31  VAL B CA  1 
ATOM   823  C C   . VAL B 1 32 ? 11.51459  -8.32687  0.50421   1.000 26.73972 ? 31  VAL B C   1 
ATOM   824  O O   . VAL B 1 32 ? 11.02049  -9.37384  0.07017   1.000 25.97172 ? 31  VAL B O   1 
ATOM   825  C CB  . VAL B 1 32 ? 10.57240  -6.16249  -0.41332  1.000 25.68049 ? 31  VAL B CB  1 
ATOM   826  C CG1 . VAL B 1 32 ? 10.87684  -4.92299  -1.27717  1.000 26.53657 ? 31  VAL B CG1 1 
ATOM   827  C CG2 . VAL B 1 32 ? 9.28323   -6.85119  -0.87433  1.000 26.28632 ? 31  VAL B CG2 1 
ATOM   828  N N   . LYS B 1 33 ? 11.88610  -8.17311  1.77147   1.000 21.23244 ? 32  LYS B N   1 
ATOM   829  C CA  . LYS B 1 33 ? 11.62503  -9.16595  2.80736   1.000 21.54397 ? 32  LYS B CA  1 
ATOM   830  C C   . LYS B 1 33 ? 11.06743  -8.43259  4.01554   1.000 20.19620 ? 32  LYS B C   1 
ATOM   831  O O   . LYS B 1 33 ? 11.72737  -7.54460  4.55056   1.000 21.10050 ? 32  LYS B O   1 
ATOM   832  C CB  . LYS B 1 33 ? 12.90167  -9.93236  3.18194   1.000 22.38893 ? 32  LYS B CB  1 
ATOM   833  C CG  . LYS B 1 33 ? 13.45509  -10.84190 2.11564   1.000 28.43092 ? 32  LYS B CG  1 
ATOM   834  C CD  . LYS B 1 33 ? 14.67902  -11.61318 2.62180   1.000 29.28961 ? 32  LYS B CD  1 
ATOM   835  N N   . TYR B 1 34 ? 9.85382   -8.78477  4.43490   1.000 20.15662 ? 33  TYR B N   1 
ATOM   836  C CA  . TYR B 1 34 ? 9.17057   -8.04366  5.48415   1.000 22.28085 ? 33  TYR B CA  1 
ATOM   837  C C   . TYR B 1 34 ? 9.62529   -8.47485  6.86463   1.000 21.05794 ? 33  TYR B C   1 
ATOM   838  O O   . TYR B 1 34 ? 9.78487   -9.66704  7.14015   1.000 21.93041 ? 33  TYR B O   1 
ATOM   839  C CB  . TYR B 1 34 ? 7.65988   -8.22891  5.37857   1.000 24.18486 ? 33  TYR B CB  1 
ATOM   840  C CG  . TYR B 1 34 ? 7.09946   -7.52416  4.18225   1.000 21.37562 ? 33  TYR B CG  1 
ATOM   841  C CD1 . TYR B 1 34 ? 7.09546   -8.13641  2.93705   1.000 21.90297 ? 33  TYR B CD1 1 
ATOM   842  C CD2 . TYR B 1 34 ? 6.60174   -6.22523  4.29542   1.000 25.67986 ? 33  TYR B CD2 1 
ATOM   843  C CE1 . TYR B 1 34 ? 6.57455   -7.48063  1.81766   1.000 24.48779 ? 33  TYR B CE1 1 
ATOM   844  C CE2 . TYR B 1 34 ? 6.10287   -5.56460  3.20028   1.000 27.51941 ? 33  TYR B CE2 1 
ATOM   845  C CZ  . TYR B 1 34 ? 6.08525   -6.19498  1.97045   1.000 24.76373 ? 33  TYR B CZ  1 
ATOM   846  O OH  . TYR B 1 34 ? 5.57733   -5.52769  0.88229   1.000 27.84338 ? 33  TYR B OH  1 
ATOM   847  N N   . LEU B 1 35 ? 9.78322   -7.49293  7.74825   1.000 18.38714 ? 34  LEU B N   1 
ATOM   848  C CA  . LEU B 1 35 ? 10.09697  -7.78213  9.14328   1.000 19.02419 ? 34  LEU B CA  1 
ATOM   849  C C   . LEU B 1 35 ? 9.11950   -8.78637  9.76318   1.000 21.23101 ? 34  LEU B C   1 
ATOM   850  O O   . LEU B 1 35 ? 9.53442   -9.68857  10.50390  1.000 22.20963 ? 34  LEU B O   1 
ATOM   851  C CB  . LEU B 1 35 ? 10.13127  -6.46970  9.94344   1.000 20.76908 ? 34  LEU B CB  1 
ATOM   852  C CG  . LEU B 1 35 ? 10.40654  -6.61001  11.43797  1.000 24.30850 ? 34  LEU B CG  1 
ATOM   853  C CD1 . LEU B 1 35 ? 11.76411  -7.26594  11.65127  1.000 24.27891 ? 34  LEU B CD1 1 
ATOM   854  C CD2 . LEU B 1 35 ? 10.35038  -5.25632  12.13677  1.000 24.59183 ? 34  LEU B CD2 1 
ATOM   855  N N   . ARG B 1 36 ? 7.81549   -8.64711  9.49110   1.000 21.08112 ? 35  ARG B N   1 
ATOM   856  C CA  . ARG B 1 36 ? 6.83963   -9.56225  10.09502  1.000 23.17639 ? 35  ARG B CA  1 
ATOM   857  C C   . ARG B 1 36 ? 6.99871   -11.00600 9.62441   1.000 25.18715 ? 35  ARG B C   1 
ATOM   858  O O   . ARG B 1 36 ? 6.49263   -11.92206 10.28877  1.000 24.94057 ? 35  ARG B O   1 
ATOM   859  C CB  . ARG B 1 36 ? 5.42054   -9.09129  9.79477   1.000 26.10969 ? 35  ARG B CB  1 
ATOM   860  C CG  . ARG B 1 36 ? 5.11238   -9.09083  8.32614   1.000 24.24067 ? 35  ARG B CG  1 
ATOM   861  C CD  . ARG B 1 36 ? 3.67423   -8.69260  8.07082   1.000 29.42185 ? 35  ARG B CD  1 
ATOM   862  N NE  . ARG B 1 36 ? 3.42087   -8.64653  6.63911   1.000 30.11841 ? 35  ARG B NE  1 
ATOM   863  C CZ  . ARG B 1 36 ? 3.37401   -7.53319  5.91982   1.000 27.88924 ? 35  ARG B CZ  1 
ATOM   864  N NH1 . ARG B 1 36 ? 3.51275   -6.33872  6.47791   1.000 30.45907 ? 35  ARG B NH1 1 
ATOM   865  N NH2 . ARG B 1 36 ? 3.20098   -7.62155  4.60682   1.000 30.78736 ? 35  ARG B NH2 1 
ATOM   866  N N   . ASP B 1 37 ? 7.67122   -11.23364 8.50229   1.000 24.63846 ? 36  ASP B N   1 
ATOM   867  C CA  . ASP B 1 37 ? 7.95729   -12.59069 8.06236   1.000 24.30582 ? 36  ASP B CA  1 
ATOM   868  C C   . ASP B 1 37 ? 9.29275   -13.08129 8.59497   1.000 26.51597 ? 36  ASP B C   1 
ATOM   869  O O   . ASP B 1 37 ? 9.40136   -14.22720 9.04745   1.000 27.14164 ? 36  ASP B O   1 
ATOM   870  C CB  . ASP B 1 37 ? 7.94789   -12.65487 6.54384   1.000 23.48173 ? 36  ASP B CB  1 
ATOM   871  C CG  . ASP B 1 37 ? 6.59431   -12.27636 5.95319   1.000 32.11843 ? 36  ASP B CG  1 
ATOM   872  O OD1 . ASP B 1 37 ? 5.55569   -12.55549 6.59767   1.000 33.36001 ? 36  ASP B OD1 1 
ATOM   873  O OD2 . ASP B 1 37 ? 6.57073   -11.68948 4.85421   1.000 29.46088 ? 36  ASP B OD2 1 
ATOM   874  N N   . ILE B 1 38 ? 10.30902  -12.21630 8.56086   1.000 19.25815 ? 37  ILE B N   1 
ATOM   875  C CA  . ILE B 1 38 ? 11.60799  -12.57525 9.11713   1.000 19.99138 ? 37  ILE B CA  1 
ATOM   876  C C   . ILE B 1 38 ? 11.47688  -12.87408 10.60728  1.000 22.81533 ? 37  ILE B C   1 
ATOM   877  O O   . ILE B 1 38 ? 12.11006  -13.80534 11.12661  1.000 22.31919 ? 37  ILE B O   1 
ATOM   878  C CB  . ILE B 1 38 ? 12.62531  -11.44055 8.86427   1.000 19.23507 ? 37  ILE B CB  1 
ATOM   879  C CG1 . ILE B 1 38 ? 12.78598  -11.12541 7.37085   1.000 20.09372 ? 37  ILE B CG1 1 
ATOM   880  C CG2 . ILE B 1 38 ? 13.97096  -11.75353 9.55499   1.000 21.40232 ? 37  ILE B CG2 1 
ATOM   881  C CD1 . ILE B 1 38 ? 13.43268  -9.74686  7.09880   1.000 22.31839 ? 37  ILE B CD1 1 
ATOM   882  N N   . CYS B 1 39 ? 10.66644  -12.08105 11.32070  1.000 20.72742 ? 38  CYS B N   1 
ATOM   883  C CA  . CYS B 1 39 ? 10.50360  -12.15345 12.77277  1.000 20.42790 ? 38  CYS B CA  1 
ATOM   884  C C   . CYS B 1 39 ? 9.02078   -12.33957 13.06220  1.000 26.13072 ? 38  CYS B C   1 
ATOM   885  O O   . CYS B 1 39 ? 8.28890   -11.35704 13.24364  1.000 23.23890 ? 38  CYS B O   1 
ATOM   886  C CB  . CYS B 1 39 ? 11.01103  -10.88020 13.44607  1.000 21.77679 ? 38  CYS B CB  1 
ATOM   887  S SG  . CYS B 1 39 ? 12.77674  -10.64842 13.21991  1.000 23.86636 ? 38  CYS B SG  1 
ATOM   888  N N   . PRO B 1 40 ? 8.52854   -13.57069 13.10423  1.000 24.26398 ? 39  PRO B N   1 
ATOM   889  C CA  . PRO B 1 40 ? 7.08934   -13.76913 13.34377  1.000 25.57217 ? 39  PRO B CA  1 
ATOM   890  C C   . PRO B 1 40 ? 6.59869   -13.22115 14.66918  1.000 26.66608 ? 39  PRO B C   1 
ATOM   891  O O   . PRO B 1 40 ? 5.38417   -13.00443 14.80212  1.000 27.78459 ? 39  PRO B O   1 
ATOM   892  C CB  . PRO B 1 40 ? 6.92723   -15.29623 13.27790  1.000 28.05630 ? 39  PRO B CB  1 
ATOM   893  C CG  . PRO B 1 40 ? 8.10602   -15.78943 12.56371  1.000 28.62660 ? 39  PRO B CG  1 
ATOM   894  C CD  . PRO B 1 40 ? 9.22318   -14.82154 12.76225  1.000 24.39251 ? 39  PRO B CD  1 
ATOM   895  N N   . ASP B 1 41 ? 7.48292   -12.99887 15.64958  1.000 24.78242 ? 40  ASP B N   1 
ATOM   896  C CA  . ASP B 1 41 ? 7.10303   -12.43206 16.93568  1.000 28.38034 ? 40  ASP B CA  1 
ATOM   897  C C   . ASP B 1 41 ? 7.03579   -10.90664 16.91177  1.000 30.69802 ? 40  ASP B C   1 
ATOM   898  O O   . ASP B 1 41 ? 6.71988   -10.29926 17.94392  1.000 31.05621 ? 40  ASP B O   1 
ATOM   899  C CB  . ASP B 1 41 ? 8.05596   -12.90926 18.05042  1.000 28.34722 ? 40  ASP B CB  1 
ATOM   900  C CG  . ASP B 1 41 ? 9.52801   -12.64584 17.74898  1.000 28.00993 ? 40  ASP B CG  1 
ATOM   901  O OD1 . ASP B 1 41 ? 9.93877   -12.73310 16.57969  1.000 31.21087 ? 40  ASP B OD1 1 
ATOM   902  O OD2 . ASP B 1 41 ? 10.28022  -12.36858 18.70905  1.000 34.17806 ? 40  ASP B OD2 1 
ATOM   903  N N   . TYR B 1 42 ? 7.32000   -10.27471 15.77039  1.000 26.41169 ? 41  TYR B N   1 
ATOM   904  C CA  . TYR B 1 42 ? 7.15990   -8.83177  15.65933  1.000 27.98981 ? 41  TYR B CA  1 
ATOM   905  C C   . TYR B 1 42 ? 5.68619   -8.46842  15.78218  1.000 32.38822 ? 41  TYR B C   1 
ATOM   906  O O   . TYR B 1 42 ? 4.84006   -9.03416  15.08724  1.000 34.58155 ? 41  TYR B O   1 
ATOM   907  C CB  . TYR B 1 42 ? 7.71863   -8.33065  14.32755  1.000 24.80170 ? 41  TYR B CB  1 
ATOM   908  C CG  . TYR B 1 42 ? 7.37881   -6.88695  14.03865  1.000 24.39910 ? 41  TYR B CG  1 
ATOM   909  C CD1 . TYR B 1 42 ? 7.88869   -5.86541  14.83343  1.000 23.88319 ? 41  TYR B CD1 1 
ATOM   910  C CD2 . TYR B 1 42 ? 6.54211   -6.55063  12.98009  1.000 29.34210 ? 41  TYR B CD2 1 
ATOM   911  C CE1 . TYR B 1 42 ? 7.56992   -4.54203  14.57096  1.000 25.38183 ? 41  TYR B CE1 1 
ATOM   912  C CE2 . TYR B 1 42 ? 6.21785   -5.22656  12.71397  1.000 27.90513 ? 41  TYR B CE2 1 
ATOM   913  C CZ  . TYR B 1 42 ? 6.74903   -4.22939  13.50750  1.000 25.69884 ? 41  TYR B CZ  1 
ATOM   914  O OH  . TYR B 1 42 ? 6.41265   -2.91084  13.24562  1.000 27.76921 ? 41  TYR B OH  1 
ATOM   915  N N   . ASP B 1 43 ? 5.38062   -7.51955  16.67068  1.000 38.32858 ? 42  ASP B N   1 
ATOM   916  C CA  . ASP B 1 43 ? 3.99663   -7.14721  16.94824  1.000 37.60299 ? 42  ASP B CA  1 
ATOM   917  C C   . ASP B 1 43 ? 3.79287   -5.63726  16.90810  1.000 40.47047 ? 42  ASP B C   1 
ATOM   918  O O   . ASP B 1 43 ? 2.84816   -5.12801  17.51985  1.000 45.28189 ? 42  ASP B O   1 
ATOM   919  C CB  . ASP B 1 43 ? 3.55101   -7.70429  18.30464  1.000 41.03555 ? 42  ASP B CB  1 
ATOM   920  N N   . GLY B 1 44 ? 4.65596   -4.90876  16.20273  1.000 34.89695 ? 43  GLY B N   1 
ATOM   921  C CA  . GLY B 1 44 ? 4.55282   -3.46687  16.13583  1.000 34.88468 ? 43  GLY B CA  1 
ATOM   922  C C   . GLY B 1 44 ? 3.61147   -3.00406  15.03927  1.000 33.00695 ? 43  GLY B C   1 
ATOM   923  O O   . GLY B 1 44 ? 3.06950   -3.78781  14.26265  1.000 38.12679 ? 43  GLY B O   1 
ATOM   924  N N   . ASP B 1 45 ? 3.42514   -1.68513  14.97942  1.000 37.00792 ? 44  ASP B N   1 
ATOM   925  C CA  . ASP B 1 45 ? 2.55034   -1.07664  13.98556  1.000 37.29841 ? 44  ASP B CA  1 
ATOM   926  C C   . ASP B 1 45 ? 3.33744   -0.39118  12.87106  1.000 39.68633 ? 44  ASP B C   1 
ATOM   927  O O   . ASP B 1 45 ? 2.90757   0.63572   12.34048  1.000 38.13865 ? 44  ASP B O   1 
ATOM   928  C CB  . ASP B 1 45 ? 1.58273   -0.09310  14.64545  1.000 43.22440 ? 44  ASP B CB  1 
ATOM   929  C CG  . ASP B 1 45 ? 0.20419   -0.11801  14.00354  1.000 43.22091 ? 44  ASP B CG  1 
ATOM   930  N N   . ASP B 1 46 ? 4.49496   -0.95036  12.50885  1.000 31.91537 ? 45  ASP B N   1 
ATOM   931  C CA  . ASP B 1 46 ? 5.25126   -0.50896  11.33367  1.000 32.22205 ? 45  ASP B CA  1 
ATOM   932  C C   . ASP B 1 46 ? 5.72837   0.93715   11.46253  1.000 28.37217 ? 45  ASP B C   1 
ATOM   933  O O   . ASP B 1 46 ? 5.73108   1.69503   10.48657  1.000 33.47320 ? 45  ASP B O   1 
ATOM   934  C CB  . ASP B 1 46 ? 4.43325   -0.69103  10.05236  1.000 33.20480 ? 45  ASP B CB  1 
ATOM   935  C CG  . ASP B 1 46 ? 4.18553   -2.14812  9.72706   1.000 40.69488 ? 45  ASP B CG  1 
ATOM   936  O OD1 . ASP B 1 46 ? 3.00187   -2.54977  9.68271   1.000 38.83888 ? 45  ASP B OD1 1 
ATOM   937  O OD2 . ASP B 1 46 ? 5.16723   -2.89210  9.52588   1.000 37.69516 ? 45  ASP B OD2 1 
ATOM   938  N N   . LYS B 1 47 ? 6.14976   1.31471   12.66533  1.000 31.57404 ? 46  LYS B N   1 
ATOM   939  C CA  . LYS B 1 47 ? 6.75885   2.61693   12.89575  1.000 33.56037 ? 46  LYS B CA  1 
ATOM   940  C C   . LYS B 1 47 ? 8.25617   2.52159   12.62394  1.000 33.00645 ? 46  LYS B C   1 
ATOM   941  O O   . LYS B 1 47 ? 8.89229   1.50666   12.93118  1.000 29.91399 ? 46  LYS B O   1 
ATOM   942  C CB  . LYS B 1 47 ? 6.50109   3.08490   14.32862  1.000 34.36470 ? 46  LYS B CB  1 
ATOM   943  C CG  . LYS B 1 47 ? 5.02383   3.15287   14.69694  1.000 39.44271 ? 46  LYS B CG  1 
ATOM   944  C CD  . LYS B 1 47 ? 4.30056   4.22570   13.90068  1.000 42.75396 ? 46  LYS B CD  1 
ATOM   945  N N   . ALA B 1 48 ? 8.82147   3.58303   12.03823  1.000 31.24136 ? 47  ALA B N   1 
ATOM   946  C CA  . ALA B 1 48 ? 10.24754  3.55185   11.72257  1.000 31.99443 ? 47  ALA B CA  1 
ATOM   947  C C   . ALA B 1 48 ? 11.09110  3.29674   12.96326  1.000 30.12375 ? 47  ALA B C   1 
ATOM   948  O O   . ALA B 1 48 ? 12.12084  2.61399   12.88414  1.000 30.89268 ? 47  ALA B O   1 
ATOM   949  C CB  . ALA B 1 48 ? 10.66771  4.85823   11.04181  1.000 37.11798 ? 47  ALA B CB  1 
ATOM   950  N N   . GLU B 1 49 ? 10.66117  3.80527   14.12191  1.000 30.38552 ? 48  GLU B N   1 
ATOM   951  C CA  . GLU B 1 49 ? 11.39682  3.59202   15.36024  1.000 26.89182 ? 48  GLU B CA  1 
ATOM   952  C C   . GLU B 1 49 ? 11.47577  2.12481   15.75569  1.000 26.52931 ? 48  GLU B C   1 
ATOM   953  O O   . GLU B 1 49 ? 12.33290  1.76313   16.56018  1.000 27.12644 ? 48  GLU B O   1 
ATOM   954  C CB  . GLU B 1 49 ? 10.74863  4.36734   16.50839  1.000 32.16643 ? 48  GLU B CB  1 
ATOM   955  C CG  . GLU B 1 49 ? 11.73565  5.01426   17.44103  1.000 36.61162 ? 48  GLU B CG  1 
ATOM   956  C CD  . GLU B 1 49 ? 11.10467  6.12523   18.25964  0.583 34.85774 ? 48  GLU B CD  1 
ATOM   957  O OE1 . GLU B 1 49 ? 11.69921  7.21796   18.35600  0.415 35.15205 ? 48  GLU B OE1 1 
ATOM   958  O OE2 . GLU B 1 49 ? 10.01934  5.88912   18.82474  0.456 36.39077 ? 48  GLU B OE2 1 
ATOM   959  N N   . ASP B 1 50 ? 10.58591  1.27654   15.23229  1.000 25.91843 ? 49  ASP B N   1 
ATOM   960  C CA  . ASP B 1 50 ? 10.63749  -0.13888  15.57166  1.000 24.22251 ? 49  ASP B CA  1 
ATOM   961  C C   . ASP B 1 50 ? 11.96624  -0.76562  15.16181  1.000 25.66596 ? 49  ASP B C   1 
ATOM   962  O O   . ASP B 1 50 ? 12.38375  -1.77468  15.75625  1.000 22.97072 ? 49  ASP B O   1 
ATOM   963  C CB  . ASP B 1 50 ? 9.49100   -0.89599  14.90063  1.000 26.33840 ? 49  ASP B CB  1 
ATOM   964  C CG  . ASP B 1 50 ? 8.12711   -0.50841  15.44044  1.000 29.17431 ? 49  ASP B CG  1 
ATOM   965  O OD1 . ASP B 1 50 ? 8.04881   0.10219   16.53285  1.000 31.78465 ? 49  ASP B OD1 1 
ATOM   966  O OD2 . ASP B 1 50 ? 7.13560   -0.86526  14.77639  1.000 30.11980 ? 49  ASP B OD2 1 
ATOM   967  N N   . TRP B 1 51 ? 12.64924  -0.18923  14.16459  1.000 26.23228 ? 50  TRP B N   1 
ATOM   968  C CA  . TRP B 1 51 ? 13.91802  -0.75598  13.73374  1.000 21.89135 ? 50  TRP B CA  1 
ATOM   969  C C   . TRP B 1 51 ? 14.99639  -0.58572  14.79644  1.000 22.88742 ? 50  TRP B C   1 
ATOM   970  O O   . TRP B 1 51 ? 15.99487  -1.31315  14.78132  1.000 24.19645 ? 50  TRP B O   1 
ATOM   971  C CB  . TRP B 1 51 ? 14.34108  -0.13108  12.40636  1.000 21.41624 ? 50  TRP B CB  1 
ATOM   972  C CG  . TRP B 1 51 ? 13.67202  -0.70843  11.17345  1.000 22.97227 ? 50  TRP B CG  1 
ATOM   973  C CD1 . TRP B 1 51 ? 12.93388  -0.03710  10.24049  1.000 22.57113 ? 50  TRP B CD1 1 
ATOM   974  C CD2 . TRP B 1 51 ? 13.71604  -2.07559  10.73738  1.000 21.96811 ? 50  TRP B CD2 1 
ATOM   975  N NE1 . TRP B 1 51 ? 12.51240  -0.89978  9.24812   1.000 22.18506 ? 50  TRP B NE1 1 
ATOM   976  C CE2 . TRP B 1 51 ? 12.98113  -2.15458  9.52973   1.000 22.79004 ? 50  TRP B CE2 1 
ATOM   977  C CE3 . TRP B 1 51 ? 14.30684  -3.24238  11.25162  1.000 20.82182 ? 50  TRP B CE3 1 
ATOM   978  C CZ2 . TRP B 1 51 ? 12.81813  -3.34093  8.82760   1.000 23.33202 ? 50  TRP B CZ2 1 
ATOM   979  C CZ3 . TRP B 1 51 ? 14.13565  -4.42484  10.54431  1.000 20.59925 ? 50  TRP B CZ3 1 
ATOM   980  C CH2 . TRP B 1 51 ? 13.40883  -4.46128  9.34746   1.000 26.10333 ? 50  TRP B CH2 1 
ATOM   981  N N   . LEU B 1 52 ? 14.80786  0.34652   15.73314  1.000 24.98600 ? 51  LEU B N   1 
ATOM   982  C CA  . LEU B 1 52 ? 15.70637  0.44164   16.87093  1.000 24.80590 ? 51  LEU B CA  1 
ATOM   983  C C   . LEU B 1 52 ? 15.70173  -0.84624  17.68036  1.000 25.67465 ? 51  LEU B C   1 
ATOM   984  O O   . LEU B 1 52 ? 16.75168  -1.29536  18.15956  1.000 25.87518 ? 51  LEU B O   1 
ATOM   985  C CB  . LEU B 1 52 ? 15.29278  1.62836   17.74073  1.000 26.72144 ? 51  LEU B CB  1 
ATOM   986  C CG  . LEU B 1 52 ? 16.19257  1.92482   18.93092  1.000 28.13349 ? 51  LEU B CG  1 
ATOM   987  C CD1 . LEU B 1 52 ? 17.58386  2.30231   18.47006  1.000 25.69940 ? 51  LEU B CD1 1 
ATOM   988  C CD2 . LEU B 1 52 ? 15.56424  3.06985   19.68043  1.000 30.09035 ? 51  LEU B CD2 1 
ATOM   989  N N   . ARG B 1 53 ? 14.52353  -1.46362  17.82688  1.000 25.60107 ? 52  ARG B N   1 
ATOM   990  C CA  . ARG B 1 53 ? 14.38538  -2.71564  18.55758  1.000 27.40802 ? 52  ARG B CA  1 
ATOM   991  C C   . ARG B 1 53 ? 14.77069  -3.92387  17.70765  1.000 26.11879 ? 52  ARG B C   1 
ATOM   992  O O   . ARG B 1 53 ? 15.45914  -4.82672  18.20080  1.000 28.19376 ? 52  ARG B O   1 
ATOM   993  C CB  . ARG B 1 53 ? 12.94727  -2.87143  19.05908  1.000 27.47753 ? 52  ARG B CB  1 
ATOM   994  C CG  . ARG B 1 53 ? 12.67176  -4.21024  19.74069  1.000 31.75815 ? 52  ARG B CG  1 
ATOM   995  C CD  . ARG B 1 53 ? 11.29683  -4.23713  20.40165  1.000 39.42360 ? 52  ARG B CD  1 
ATOM   996  N NE  . ARG B 1 53 ? 11.19748  -5.30608  21.39026  1.000 59.22601 ? 52  ARG B NE  1 
ATOM   997  C CZ  . ARG B 1 53 ? 10.05997  -5.85656  21.79631  1.000 64.56268 ? 52  ARG B CZ  1 
ATOM   998  N NH1 . ARG B 1 53 ? 8.89395   -5.49352  21.28565  1.000 64.05951 ? 52  ARG B NH1 1 
ATOM   999  N NH2 . ARG B 1 53 ? 10.09373  -6.79922  22.73551  1.000 67.42604 ? 52  ARG B NH2 1 
ATOM   1000 N N   . TRP B 1 54 ? 14.35094  -3.95437  16.43783  1.000 23.78770 ? 53  TRP B N   1 
ATOM   1001 C CA  . TRP B 1 54 ? 14.39697  -5.17179  15.62769  1.000 20.13128 ? 53  TRP B CA  1 
ATOM   1002 C C   . TRP B 1 54 ? 15.56231  -5.22932  14.65218  1.000 23.23474 ? 53  TRP B C   1 
ATOM   1003 O O   . TRP B 1 54 ? 15.87615  -6.32088  14.15165  1.000 25.02928 ? 53  TRP B O   1 
ATOM   1004 C CB  . TRP B 1 54 ? 13.08120  -5.33494  14.85421  1.000 21.31666 ? 53  TRP B CB  1 
ATOM   1005 C CG  . TRP B 1 54 ? 11.96380  -5.57029  15.78516  1.000 22.70074 ? 53  TRP B CG  1 
ATOM   1006 C CD1 . TRP B 1 54 ? 11.15218  -4.62256  16.35586  1.000 26.51390 ? 53  TRP B CD1 1 
ATOM   1007 C CD2 . TRP B 1 54 ? 11.56285  -6.82539  16.33423  1.000 26.12780 ? 53  TRP B CD2 1 
ATOM   1008 N NE1 . TRP B 1 54 ? 10.25517  -5.22010  17.20802  1.000 27.33892 ? 53  TRP B NE1 1 
ATOM   1009 C CE2 . TRP B 1 54 ? 10.48683  -6.57193  17.21559  1.000 27.72591 ? 53  TRP B CE2 1 
ATOM   1010 C CE3 . TRP B 1 54 ? 11.99370  -8.14603  16.15370  1.000 27.04924 ? 53  TRP B CE3 1 
ATOM   1011 C CZ2 . TRP B 1 54 ? 9.83693   -7.58810  17.90889  1.000 29.88516 ? 53  TRP B CZ2 1 
ATOM   1012 C CZ3 . TRP B 1 54 ? 11.34868  -9.14681  16.83730  1.000 28.57722 ? 53  TRP B CZ3 1 
ATOM   1013 C CH2 . TRP B 1 54 ? 10.27922  -8.86921  17.70588  1.000 29.41996 ? 53  TRP B CH2 1 
ATOM   1014 N N   . GLY B 1 55 ? 16.23050  -4.10621  14.40168  1.000 21.67344 ? 54  GLY B N   1 
ATOM   1015 C CA  . GLY B 1 55 ? 17.25842  -4.07546  13.38238  1.000 20.98473 ? 54  GLY B CA  1 
ATOM   1016 C C   . GLY B 1 55 ? 18.48016  -4.90073  13.72065  1.000 24.51994 ? 54  GLY B C   1 
ATOM   1017 O O   . GLY B 1 55 ? 19.20347  -5.31863  12.81470  1.000 27.93325 ? 54  GLY B O   1 
ATOM   1018 N N   . THR B 1 56 ? 18.73831  -5.13122  15.00873  1.000 26.38306 ? 55  THR B N   1 
ATOM   1019 C CA  . THR B 1 56 ? 19.86440  -5.94887  15.44178  1.000 25.17820 ? 55  THR B CA  1 
ATOM   1020 C C   . THR B 1 56 ? 19.46838  -7.38650  15.73836  1.000 21.97102 ? 55  THR B C   1 
ATOM   1021 O O   . THR B 1 56 ? 20.30091  -8.15763  16.22668  1.000 26.42987 ? 55  THR B O   1 
ATOM   1022 C CB  . THR B 1 56 ? 20.53005  -5.32951  16.66766  1.000 32.04755 ? 55  THR B CB  1 
ATOM   1023 O OG1 . THR B 1 56 ? 19.53600  -5.00965  17.64467  1.000 34.83467 ? 55  THR B OG1 1 
ATOM   1024 C CG2 . THR B 1 56 ? 21.28192  -4.06369  16.26292  1.000 37.15226 ? 55  THR B CG2 1 
ATOM   1025 N N   . ASP B 1 57 ? 18.22591  -7.76279  15.46031  1.000 20.88795 ? 56  ASP B N   1 
ATOM   1026 C CA  . ASP B 1 57 ? 17.82465  -9.15322  15.60808  1.000 22.10695 ? 56  ASP B CA  1 
ATOM   1027 C C   . ASP B 1 57 ? 18.64912  -10.03730 14.68654  1.000 25.07086 ? 56  ASP B C   1 
ATOM   1028 O O   . ASP B 1 57 ? 18.87416  -9.70882  13.51720  1.000 21.97160 ? 56  ASP B O   1 
ATOM   1029 C CB  . ASP B 1 57 ? 16.33946  -9.29599  15.28768  1.000 22.29148 ? 56  ASP B CB  1 
ATOM   1030 C CG  . ASP B 1 57 ? 15.78568  -10.66254 15.63547  1.000 26.73464 ? 56  ASP B CG  1 
ATOM   1031 O OD1 . ASP B 1 57 ? 15.98870  -11.60118 14.83957  1.000 28.52592 ? 56  ASP B OD1 1 
ATOM   1032 O OD2 . ASP B 1 57 ? 15.12506  -10.78942 16.69177  1.000 27.93113 ? 56  ASP B OD2 1 
ATOM   1033 N N   . SER B 1 58 ? 19.08702  -11.18872 15.20636  1.000 22.64951 ? 57  SER B N   1 
ATOM   1034 C CA  A SER B 1 58 ? 19.95540  -12.05620 14.41195  0.485 22.81970 ? 57  SER B CA  1 
ATOM   1035 C CA  B SER B 1 58 ? 19.95861  -12.04357 14.40560  0.515 22.80358 ? 57  SER B CA  1 
ATOM   1036 C C   . SER B 1 58 ? 19.29528  -12.47902 13.10631  1.000 23.00623 ? 57  SER B C   1 
ATOM   1037 O O   . SER B 1 58 ? 19.98734  -12.65948 12.09789  1.000 20.59612 ? 57  SER B O   1 
ATOM   1038 C CB  A SER B 1 58 ? 20.35890  -13.29916 15.21297  0.485 24.64630 ? 57  SER B CB  1 
ATOM   1039 C CB  B SER B 1 58 ? 20.39320  -13.26537 15.21607  0.515 24.64853 ? 57  SER B CB  1 
ATOM   1040 O OG  A SER B 1 58 ? 19.22220  -14.01444 15.66438  0.485 27.99352 ? 57  SER B OG  1 
ATOM   1041 O OG  B SER B 1 58 ? 21.20051  -12.86748 16.30830  0.515 25.19198 ? 57  SER B OG  1 
ATOM   1042 N N   . ARG B 1 59 ? 17.96345  -12.65041 13.10571  1.000 21.03535 ? 58  ARG B N   1 
ATOM   1043 C CA  . ARG B 1 59 ? 17.24542  -13.06103 11.90385  1.000 21.22938 ? 58  ARG B CA  1 
ATOM   1044 C C   . ARG B 1 59 ? 17.22798  -11.95129 10.86092  1.000 19.69896 ? 58  ARG B C   1 
ATOM   1045 O O   . ARG B 1 59 ? 17.32752  -12.22687 9.65812   1.000 21.26046 ? 58  ARG B O   1 
ATOM   1046 C CB  . ARG B 1 59 ? 15.81219  -13.46460 12.25232  1.000 22.41947 ? 58  ARG B CB  1 
ATOM   1047 C CG  . ARG B 1 59 ? 15.74892  -14.69100 13.15468  1.000 19.66611 ? 58  ARG B CG  1 
ATOM   1048 C CD  . ARG B 1 59 ? 14.39734  -14.84711 13.79111  1.000 21.62994 ? 58  ARG B CD  1 
ATOM   1049 N NE  . ARG B 1 59 ? 14.12925  -13.81136 14.77897  1.000 21.08539 ? 58  ARG B NE  1 
ATOM   1050 C CZ  . ARG B 1 59 ? 12.96922  -13.66756 15.41261  1.000 22.97823 ? 58  ARG B CZ  1 
ATOM   1051 N NH1 . ARG B 1 59 ? 11.97455  -14.51824 15.23608  1.000 25.18441 ? 58  ARG B NH1 1 
ATOM   1052 N NH2 . ARG B 1 59 ? 12.80323  -12.63532 16.23997  1.000 22.72964 ? 58  ARG B NH2 1 
ATOM   1053 N N   . VAL B 1 60 ? 17.10688  -10.69458 11.31209  1.000 20.16088 ? 59  VAL B N   1 
ATOM   1054 C CA  . VAL B 1 60 ? 17.16740  -9.55983  10.39570  1.000 20.51687 ? 59  VAL B CA  1 
ATOM   1055 C C   . VAL B 1 60 ? 18.57314  -9.41376  9.83347   1.000 19.92632 ? 59  VAL B C   1 
ATOM   1056 O O   . VAL B 1 60 ? 18.75739  -9.25034  8.62158   1.000 19.92159 ? 59  VAL B O   1 
ATOM   1057 C CB  . VAL B 1 60 ? 16.70807  -8.27229  11.10082  1.000 20.87787 ? 59  VAL B CB  1 
ATOM   1058 C CG1 . VAL B 1 60 ? 16.95085  -7.07243  10.20558  1.000 20.02386 ? 59  VAL B CG1 1 
ATOM   1059 C CG2 . VAL B 1 60 ? 15.22496  -8.36228  11.43918  1.000 21.96542 ? 59  VAL B CG2 1 
ATOM   1060 N N   . LYS B 1 61 ? 19.59177  -9.52263  10.69741  1.000 19.95872 ? 60  LYS B N   1 
ATOM   1061 C CA  . LYS B 1 61 ? 20.96591  -9.45099  10.21076  1.000 19.76479 ? 60  LYS B CA  1 
ATOM   1062 C C   . LYS B 1 61 ? 21.25427  -10.55232 9.19514   1.000 20.07018 ? 60  LYS B C   1 
ATOM   1063 O O   . LYS B 1 61 ? 21.92260  -10.31146 8.18139   1.000 20.42082 ? 60  LYS B O   1 
ATOM   1064 C CB  . LYS B 1 61 ? 21.93691  -9.51192  11.39112  1.000 22.43011 ? 60  LYS B CB  1 
ATOM   1065 C CG  . LYS B 1 61 ? 21.89043  -8.27358  12.24466  1.000 26.51881 ? 60  LYS B CG  1 
ATOM   1066 C CD  . LYS B 1 61 ? 22.80598  -8.39832  13.44349  1.000 34.34433 ? 60  LYS B CD  1 
ATOM   1067 C CE  . LYS B 1 61 ? 23.25698  -7.03143  13.91455  1.000 43.61918 ? 60  LYS B CE  1 
ATOM   1068 N NZ  . LYS B 1 61 ? 24.17544  -7.11041  15.08542  1.000 46.49266 ? 60  LYS B NZ  1 
ATOM   1069 N N   . ALA B 1 62 ? 20.74268  -11.76631 9.43008   1.000 19.77016 ? 61  ALA B N   1 
ATOM   1070 C CA  . ALA B 1 62 ? 20.99205  -12.86604 8.50806   1.000 20.72162 ? 61  ALA B CA  1 
ATOM   1071 C C   . ALA B 1 62 ? 20.31182  -12.62846 7.16673   1.000 20.85739 ? 61  ALA B C   1 
ATOM   1072 O O   . ALA B 1 62 ? 20.92414  -12.81819 6.11042   1.000 21.28720 ? 61  ALA B O   1 
ATOM   1073 C CB  . ALA B 1 62 ? 20.51341  -14.18183 9.12888   1.000 20.52638 ? 61  ALA B CB  1 
ATOM   1074 N N   . ALA B 1 63 ? 19.06167  -12.15934 7.19205   1.000 20.21464 ? 62  ALA B N   1 
ATOM   1075 C CA  . ALA B 1 63 ? 18.34789  -11.87435 5.95507   1.000 20.21731 ? 62  ALA B CA  1 
ATOM   1076 C C   . ALA B 1 63 ? 19.04615  -10.78505 5.14669   1.000 21.49472 ? 62  ALA B C   1 
ATOM   1077 O O   . ALA B 1 63 ? 19.21256  -10.91169 3.92439   1.000 22.36238 ? 62  ALA B O   1 
ATOM   1078 C CB  . ALA B 1 63 ? 16.91635  -11.46495 6.28680   1.000 21.10989 ? 62  ALA B CB  1 
ATOM   1079 N N   . ALA B 1 64 ? 19.50832  -9.73105  5.82225   1.000 20.41682 ? 63  ALA B N   1 
ATOM   1080 C CA  . ALA B 1 64 ? 20.19159  -8.64718  5.13401   1.000 20.09465 ? 63  ALA B CA  1 
ATOM   1081 C C   . ALA B 1 64 ? 21.51225  -9.12244  4.52907   1.000 23.72212 ? 63  ALA B C   1 
ATOM   1082 O O   . ALA B 1 64 ? 21.82413  -8.79709  3.38054   1.000 22.77590 ? 63  ALA B O   1 
ATOM   1083 C CB  . ALA B 1 64 ? 20.39654  -7.49253  6.11219   1.000 21.70209 ? 63  ALA B CB  1 
ATOM   1084 N N   . LEU B 1 65 ? 22.28678  -9.92435  5.27253   1.000 20.60167 ? 64  LEU B N   1 
ATOM   1085 C CA  . LEU B 1 65 ? 23.56482  -10.39694 4.74127   1.000 20.51455 ? 64  LEU B CA  1 
ATOM   1086 C C   . LEU B 1 65 ? 23.36956  -11.25650 3.49435   1.000 22.48975 ? 64  LEU B C   1 
ATOM   1087 O O   . LEU B 1 65 ? 24.15041  -11.16422 2.53725   1.000 24.58316 ? 64  LEU B O   1 
ATOM   1088 C CB  . LEU B 1 65 ? 24.32423  -11.17607 5.81472   1.000 21.11222 ? 64  LEU B CB  1 
ATOM   1089 C CG  . LEU B 1 65 ? 25.74682  -11.56535 5.39175   1.000 30.55122 ? 64  LEU B CG  1 
ATOM   1090 N N   . GLU B 1 66 ? 22.32153  -12.07572 3.46654   1.000 22.29106 ? 65  GLU B N   1 
ATOM   1091 C CA  . GLU B 1 66 ? 22.08243  -12.92203 2.29927   1.000 24.21471 ? 65  GLU B CA  1 
ATOM   1092 C C   . GLU B 1 66 ? 21.83128  -12.08387 1.04863   1.000 24.16515 ? 65  GLU B C   1 
ATOM   1093 O O   . GLU B 1 66 ? 22.38264  -12.36493 -0.01899  1.000 24.70338 ? 65  GLU B O   1 
ATOM   1094 C CB  . GLU B 1 66 ? 20.91276  -13.86206 2.57532   1.000 26.85674 ? 65  GLU B CB  1 
ATOM   1095 C CG  . GLU B 1 66 ? 20.41345  -14.60157 1.32901   1.000 27.18152 ? 65  GLU B CG  1 
ATOM   1096 C CD  . GLU B 1 66 ? 21.33865  -15.71684 0.83350   0.227 30.51547 ? 65  GLU B CD  1 
ATOM   1097 O OE1 . GLU B 1 66 ? 22.06106  -16.32549 1.64558   0.598 33.24653 ? 65  GLU B OE1 1 
ATOM   1098 O OE2 . GLU B 1 66 ? 21.33955  -15.99337 -0.38882  0.685 32.77839 ? 65  GLU B OE2 1 
ATOM   1099 N N   . MET B 1 67 ? 21.04856  -11.01308 1.17836   1.000 20.62951 ? 66  MET B N   1 
ATOM   1100 C CA  . MET B 1 67 ? 20.78479  -10.12276 0.05030   1.000 21.87964 ? 66  MET B CA  1 
ATOM   1101 C C   . MET B 1 67 ? 22.00992  -9.28737  -0.30457  1.000 21.63842 ? 66  MET B C   1 
ATOM   1102 O O   . MET B 1 67 ? 22.28580  -9.05495  -1.48507  1.000 22.59815 ? 66  MET B O   1 
ATOM   1103 C CB  . MET B 1 67 ? 19.57978  -9.26244  0.42161   1.000 21.42812 ? 66  MET B CB  1 
ATOM   1104 C CG  . MET B 1 67 ? 18.30254  -10.11263 0.32556   1.000 22.93404 ? 66  MET B CG  1 
ATOM   1105 S SD  . MET B 1 67 ? 16.78667  -9.17763  0.09915   0.530 25.34809 ? 66  MET B SD  1 
ATOM   1106 C CE  . MET B 1 67 ? 16.94829  -8.46683  1.72460   1.000 22.97198 ? 66  MET B CE  1 
ATOM   1107 N N   . GLU B 1 68 ? 22.77865  -8.87307  0.69508   1.000 20.96028 ? 67  GLU B N   1 
ATOM   1108 C CA  . GLU B 1 68 ? 23.91996  -8.00583  0.45582   1.000 23.58731 ? 67  GLU B CA  1 
ATOM   1109 C C   . GLU B 1 68 ? 25.01529  -8.70268  -0.35680  1.000 25.13835 ? 67  GLU B C   1 
ATOM   1110 O O   . GLU B 1 68 ? 25.81811  -8.01216  -1.00022  1.000 31.13312 ? 67  GLU B O   1 
ATOM   1111 C CB  . GLU B 1 68 ? 24.42512  -7.50310  1.80780   1.000 28.23470 ? 67  GLU B CB  1 
ATOM   1112 C CG  . GLU B 1 68 ? 25.85319  -7.04145  1.87602   1.000 38.41543 ? 67  GLU B CG  1 
ATOM   1113 C CD  . GLU B 1 68 ? 26.33735  -6.95877  3.30234   0.197 31.69689 ? 67  GLU B CD  1 
ATOM   1114 O OE1 . GLU B 1 68 ? 25.54989  -6.50768  4.16088   0.751 34.35456 ? 67  GLU B OE1 1 
ATOM   1115 O OE2 . GLU B 1 68 ? 27.49017  -7.37106  3.56409   0.620 36.30870 ? 67  GLU B OE2 1 
ATOM   1116 N N   . GLN B 1 69 ? 25.04790  -10.04518 -0.36613  1.000 24.46651 ? 68  GLN B N   1 
ATOM   1117 C CA  . GLN B 1 69 ? 25.96582  -10.76696 -1.24920  1.000 25.94807 ? 68  GLN B CA  1 
ATOM   1118 C C   . GLN B 1 69 ? 25.80256  -10.33636 -2.69927  1.000 28.55126 ? 68  GLN B C   1 
ATOM   1119 O O   . GLN B 1 69 ? 26.76262  -10.39809 -3.47700  1.000 31.32975 ? 68  GLN B O   1 
ATOM   1120 C CB  . GLN B 1 69 ? 25.72681  -12.27657 -1.18332  1.000 28.96545 ? 68  GLN B CB  1 
ATOM   1121 C CG  . GLN B 1 69 ? 26.02445  -12.96835 0.11758   1.000 31.33721 ? 68  GLN B CG  1 
ATOM   1122 C CD  . GLN B 1 69 ? 25.53640  -14.39333 0.07676   1.000 32.78809 ? 68  GLN B CD  1 
ATOM   1123 O OE1 . GLN B 1 69 ? 24.33385  -14.65365 0.15371   1.000 33.77200 ? 68  GLN B OE1 1 
ATOM   1124 N NE2 . GLN B 1 69 ? 26.46799  -15.33486 -0.04597  1.000 38.40484 ? 68  GLN B NE2 1 
ATOM   1125 N N   . TYR B 1 70 ? 24.60040  -9.89732  -3.08359  1.000 25.87799 ? 69  TYR B N   1 
ATOM   1126 C CA  . TYR B 1 70 ? 24.24290  -9.70542  -4.47860  1.000 27.00431 ? 69  TYR B CA  1 
ATOM   1127 C C   . TYR B 1 70 ? 23.79284  -8.29750  -4.84228  1.000 27.93521 ? 69  TYR B C   1 
ATOM   1128 O O   . TYR B 1 70 ? 23.80660  -7.96429  -6.03191  1.000 34.68091 ? 69  TYR B O   1 
ATOM   1129 C CB  . TYR B 1 70 ? 23.12401  -10.68402 -4.87710  1.000 25.07331 ? 69  TYR B CB  1 
ATOM   1130 C CG  . TYR B 1 70 ? 23.43725  -12.11780 -4.50758  1.000 24.40012 ? 69  TYR B CG  1 
ATOM   1131 C CD1 . TYR B 1 70 ? 24.46432  -12.80223 -5.14294  1.000 27.62394 ? 69  TYR B CD1 1 
ATOM   1132 C CD2 . TYR B 1 70 ? 22.72250  -12.77946 -3.50748  1.000 24.94859 ? 69  TYR B CD2 1 
ATOM   1133 C CE1 . TYR B 1 70 ? 24.77103  -14.10468 -4.81464  1.000 26.96066 ? 69  TYR B CE1 1 
ATOM   1134 C CE2 . TYR B 1 70 ? 23.02639  -14.10154 -3.17104  1.000 24.92301 ? 69  TYR B CE2 1 
ATOM   1135 C CZ  . TYR B 1 70 ? 24.05561  -14.74988 -3.83097  1.000 26.60220 ? 69  TYR B CZ  1 
ATOM   1136 O OH  . TYR B 1 70 ? 24.38189  -16.04017 -3.50326  1.000 33.27007 ? 69  TYR B OH  1 
ATOM   1137 N N   . ALA B 1 71 ? 23.38051  -7.47251  -3.87871  1.000 26.92473 ? 70  ALA B N   1 
ATOM   1138 C CA  . ALA B 1 71 ? 22.90919  -6.13869  -4.21356  1.000 28.25551 ? 70  ALA B CA  1 
ATOM   1139 C C   . ALA B 1 71 ? 22.96476  -5.25580  -2.97713  1.000 23.68650 ? 70  ALA B C   1 
ATOM   1140 O O   . ALA B 1 71 ? 22.91097  -5.74284  -1.84813  1.000 24.19430 ? 70  ALA B O   1 
ATOM   1141 C CB  . ALA B 1 71 ? 21.48666  -6.16619  -4.77409  1.000 30.80610 ? 70  ALA B CB  1 
ATOM   1142 N N   . TYR B 1 72 ? 23.09000  -3.95117  -3.20782  1.000 25.49325 ? 71  TYR B N   1 
ATOM   1143 C CA  . TYR B 1 72 ? 22.89371  -2.97955  -2.14150  1.000 26.08269 ? 71  TYR B CA  1 
ATOM   1144 C C   . TYR B 1 72 ? 21.57953  -3.26638  -1.42341  1.000 24.04035 ? 71  TYR B C   1 
ATOM   1145 O O   . TYR B 1 72 ? 20.53891  -3.42477  -2.05924  1.000 23.74706 ? 71  TYR B O   1 
ATOM   1146 C CB  . TYR B 1 72 ? 22.88115  -1.56886  -2.72906  1.000 25.84785 ? 71  TYR B CB  1 
ATOM   1147 C CG  . TYR B 1 72 ? 22.49522  -0.51010  -1.74122  1.000 23.29684 ? 71  TYR B CG  1 
ATOM   1148 C CD1 . TYR B 1 72 ? 23.44171  0.04543   -0.88645  1.000 27.81419 ? 71  TYR B CD1 1 
ATOM   1149 C CD2 . TYR B 1 72 ? 21.17748  -0.05124  -1.64730  1.000 24.72688 ? 71  TYR B CD2 1 
ATOM   1150 C CE1 . TYR B 1 72 ? 23.09104  1.01496   0.03692   1.000 22.79863 ? 71  TYR B CE1 1 
ATOM   1151 C CE2 . TYR B 1 72 ? 20.81828  0.93590   -0.71627  1.000 25.54318 ? 71  TYR B CE2 1 
ATOM   1152 C CZ  . TYR B 1 72 ? 21.78939  1.45533   0.12041   1.000 26.89179 ? 71  TYR B CZ  1 
ATOM   1153 O OH  . TYR B 1 72 ? 21.44740  2.41653   1.03681   1.000 25.93682 ? 71  TYR B OH  1 
ATOM   1154 N N   . THR B 1 73 ? 21.62968  -3.31629  -0.09292  1.000 22.08101 ? 72  THR B N   1 
ATOM   1155 C CA  . THR B 1 73 ? 20.47127  -3.66137  0.72871   1.000 20.01722 ? 72  THR B CA  1 
ATOM   1156 C C   . THR B 1 73 ? 20.27042  -2.61525  1.81130   1.000 24.07812 ? 72  THR B C   1 
ATOM   1157 O O   . THR B 1 73 ? 21.23979  -2.11335  2.38855   1.000 24.95114 ? 72  THR B O   1 
ATOM   1158 C CB  . THR B 1 73 ? 20.66143  -5.04756  1.37266   1.000 23.52105 ? 72  THR B CB  1 
ATOM   1159 O OG1 . THR B 1 73 ? 20.89043  -6.00565  0.34571   1.000 24.33196 ? 72  THR B OG1 1 
ATOM   1160 C CG2 . THR B 1 73 ? 19.43756  -5.48217  2.15024   1.000 23.39062 ? 72  THR B CG2 1 
ATOM   1161 N N   . SER B 1 74 ? 19.01341  -2.31594  2.12765   1.000 21.36604 ? 73  SER B N   1 
ATOM   1162 C CA  . SER B 1 74 ? 18.76815  -1.38807  3.21711   1.000 22.59723 ? 73  SER B CA  1 
ATOM   1163 C C   . SER B 1 74 ? 17.46099  -1.70774  3.92607   1.000 22.55842 ? 73  SER B C   1 
ATOM   1164 O O   . SER B 1 74 ? 16.60464  -2.44150  3.42554   1.000 22.00473 ? 73  SER B O   1 
ATOM   1165 C CB  . SER B 1 74 ? 18.74127  0.05834   2.73778   1.000 30.10359 ? 73  SER B CB  1 
ATOM   1166 O OG  . SER B 1 74 ? 17.94139  0.18259   1.58570   1.000 38.57838 ? 73  SER B OG  1 
ATOM   1167 N N   . VAL B 1 75 ? 17.37542  -1.18563  5.13369   1.000 25.14742 ? 74  VAL B N   1 
ATOM   1168 C CA  . VAL B 1 75 ? 16.19712  -1.25214  5.97802   1.000 20.05705 ? 74  VAL B CA  1 
ATOM   1169 C C   . VAL B 1 75 ? 15.26559  -0.12372  5.57970   1.000 26.18538 ? 74  VAL B C   1 
ATOM   1170 O O   . VAL B 1 75 ? 15.71073  1.00461   5.31977   1.000 28.42265 ? 74  VAL B O   1 
ATOM   1171 C CB  . VAL B 1 75 ? 16.63636  -1.12560  7.44912   1.000 30.07485 ? 74  VAL B CB  1 
ATOM   1172 C CG1 . VAL B 1 75 ? 15.57554  -0.49908  8.29337   1.000 33.91321 ? 74  VAL B CG1 1 
ATOM   1173 C CG2 . VAL B 1 75 ? 17.05279  -2.46729  7.99891   1.000 33.19041 ? 74  VAL B CG2 1 
ATOM   1174 N N   . GLY B 1 76 ? 13.96821  -0.40380  5.54556   1.000 21.73303 ? 75  GLY B N   1 
ATOM   1175 C CA  . GLY B 1 76 ? 13.04188  0.66690   5.26954   1.000 24.51349 ? 75  GLY B CA  1 
ATOM   1176 C C   . GLY B 1 76 ? 11.59582  0.31003   5.50880   1.000 24.28496 ? 75  GLY B C   1 
ATOM   1177 O O   . GLY B 1 76 ? 11.25909  -0.47965  6.40070   1.000 21.83286 ? 75  GLY B O   1 
ATOM   1178 N N   . MET B 1 77 ? 10.72798  0.93110   4.71808   1.000 25.18018 ? 76  MET B N   1 
ATOM   1179 C CA  . MET B 1 77 ? 9.29300   0.73997   4.83296   1.000 25.22025 ? 76  MET B CA  1 
ATOM   1180 C C   . MET B 1 77 ? 8.70964   0.67627   3.42919   1.000 26.92315 ? 76  MET B C   1 
ATOM   1181 O O   . MET B 1 77 ? 9.09710   1.45912   2.55509   1.000 28.41789 ? 76  MET B O   1 
ATOM   1182 C CB  . MET B 1 77 ? 8.64785   1.87483   5.65288   1.000 29.18634 ? 76  MET B CB  1 
ATOM   1183 C CG  . MET B 1 77 ? 7.15739   1.99989   5.45147   1.000 36.40343 ? 76  MET B CG  1 
ATOM   1184 S SD  . MET B 1 77 ? 6.36630   0.86874   6.60202   0.509 27.97382 ? 76  MET B SD  1 
ATOM   1185 C CE  . MET B 1 77 ? 4.65876   0.96210   6.07138   0.506 27.76025 ? 76  MET B CE  1 
ATOM   1186 N N   . ALA B 1 78 ? 7.80598   -0.27424  3.20997   1.000 28.38821 ? 77  ALA B N   1 
ATOM   1187 C CA  . ALA B 1 78 ? 7.11102   -0.40674  1.93759   1.000 29.04522 ? 77  ALA B CA  1 
ATOM   1188 C C   . ALA B 1 78 ? 5.71652   0.19102   2.06869   1.000 31.77384 ? 77  ALA B C   1 
ATOM   1189 O O   . ALA B 1 78 ? 5.06045   0.03543   3.10241   1.000 29.62926 ? 77  ALA B O   1 
ATOM   1190 C CB  . ALA B 1 78 ? 7.02276   -1.86727  1.49783   1.000 32.15948 ? 77  ALA B CB  1 
ATOM   1191 N N   . SER B 1 79 ? 5.28804   0.90945   1.03117   1.000 31.76671 ? 78  SER B N   1 
ATOM   1192 C CA  . SER B 1 79 ? 3.97949   1.56750   1.03778   1.000 33.28882 ? 78  SER B CA  1 
ATOM   1193 C C   . SER B 1 79 ? 3.58483   1.85103   -0.40181  1.000 31.17402 ? 78  SER B C   1 
ATOM   1194 O O   . SER B 1 79 ? 4.33360   2.51324   -1.12337  1.000 32.41623 ? 78  SER B O   1 
ATOM   1195 C CB  . SER B 1 79 ? 4.01512   2.86019   1.85527   1.000 35.43575 ? 78  SER B CB  1 
ATOM   1196 O OG  . SER B 1 79 ? 2.82738   3.61119   1.67953   1.000 44.85081 ? 78  SER B OG  1 
ATOM   1197 N N   . CYS B 1 80 ? 2.42464   1.33931   -0.81148  1.000 34.73318 ? 79  CYS B N   1 
ATOM   1198 C CA  A CYS B 1 80 ? 1.90002   1.56975   -2.15638  0.618 35.67709 ? 79  CYS B CA  1 
ATOM   1199 C CA  B CYS B 1 80 ? 1.88141   1.48419   -2.16599  0.382 35.66896 ? 79  CYS B CA  1 
ATOM   1200 C C   . CYS B 1 80 ? 2.96531   1.35712   -3.23262  1.000 36.43313 ? 79  CYS B C   1 
ATOM   1201 O O   . CYS B 1 80 ? 3.20545   2.24256   -4.05687  1.000 35.82115 ? 79  CYS B O   1 
ATOM   1202 C CB  A CYS B 1 80 ? 1.31845   2.98206   -2.27959  0.618 35.95288 ? 79  CYS B CB  1 
ATOM   1203 C CB  B CYS B 1 80 ? 1.11710   2.78833   -2.33860  0.382 35.89749 ? 79  CYS B CB  1 
ATOM   1204 S SG  A CYS B 1 80 ? 0.12827   3.48277   -1.03515  0.618 43.81256 ? 79  CYS B SG  1 
ATOM   1205 S SG  B CYS B 1 80 ? 0.13079   2.72492   -3.84929  0.382 32.61624 ? 79  CYS B SG  1 
ATOM   1206 N N   . TRP B 1 81 ? 3.61297   0.19458   -3.21074  1.000 32.53462 ? 80  TRP B N   1 
ATOM   1207 C CA  . TRP B 1 81 ? 4.56594   -0.22723  -4.23121  1.000 32.20011 ? 80  TRP B CA  1 
ATOM   1208 C C   . TRP B 1 81 ? 5.81019   0.64436   -4.28704  1.000 29.74374 ? 80  TRP B C   1 
ATOM   1209 O O   . TRP B 1 81 ? 6.51405   0.66203   -5.30047  1.000 31.71651 ? 80  TRP B O   1 
ATOM   1210 C CB  . TRP B 1 81 ? 3.89936   -0.28756  -5.60913  1.000 33.60360 ? 80  TRP B CB  1 
ATOM   1211 C CG  . TRP B 1 81 ? 2.81856   -1.28886  -5.62297  1.000 33.60835 ? 80  TRP B CG  1 
ATOM   1212 C CD1 . TRP B 1 81 ? 1.51202   -1.09577  -5.27305  1.000 36.76602 ? 80  TRP B CD1 1 
ATOM   1213 C CD2 . TRP B 1 81 ? 2.95043   -2.67037  -5.94629  1.000 36.54859 ? 80  TRP B CD2 1 
ATOM   1214 N NE1 . TRP B 1 81 ? 0.81548   -2.27470  -5.38743  1.000 36.36588 ? 80  TRP B NE1 1 
ATOM   1215 C CE2 . TRP B 1 81 ? 1.67704   -3.25654  -5.80201  1.000 31.17712 ? 80  TRP B CE2 1 
ATOM   1216 C CE3 . TRP B 1 81 ? 4.02265   -3.46949  -6.35780  1.000 33.21285 ? 80  TRP B CE3 1 
ATOM   1217 C CZ2 . TRP B 1 81 ? 1.44746   -4.60258  -6.04972  1.000 36.89094 ? 80  TRP B CZ2 1 
ATOM   1218 C CZ3 . TRP B 1 81 ? 3.79238   -4.80367  -6.60675  1.000 37.47342 ? 80  TRP B CZ3 1 
ATOM   1219 C CH2 . TRP B 1 81 ? 2.51627   -5.35854  -6.45370  1.000 36.46922 ? 80  TRP B CH2 1 
ATOM   1220 N N   . GLU B 1 82 ? 6.10899   1.35744   -3.21333  1.000 31.16501 ? 81  GLU B N   1 
ATOM   1221 C CA  . GLU B 1 82 ? 7.34900   2.10246   -3.10368  1.000 30.24909 ? 81  GLU B CA  1 
ATOM   1222 C C   . GLU B 1 82 ? 8.07245   1.67650   -1.83483  1.000 31.28903 ? 81  GLU B C   1 
ATOM   1223 O O   . GLU B 1 82 ? 7.44290   1.38268   -0.81183  1.000 32.29777 ? 81  GLU B O   1 
ATOM   1224 C CB  . GLU B 1 82 ? 7.09575   3.61283   -3.08957  1.000 32.42879 ? 81  GLU B CB  1 
ATOM   1225 C CG  . GLU B 1 82 ? 6.29796   4.11107   -4.28679  1.000 39.53712 ? 81  GLU B CG  1 
ATOM   1226 N N   . PHE B 1 83 ? 9.39334   1.64113   -1.91491  1.000 27.99562 ? 82  PHE B N   1 
ATOM   1227 C CA  . PHE B 1 83 ? 10.25219  1.40517   -0.76793  1.000 26.83471 ? 82  PHE B CA  1 
ATOM   1228 C C   . PHE B 1 83 ? 10.93167  2.71766   -0.39905  1.000 27.50336 ? 82  PHE B C   1 
ATOM   1229 O O   . PHE B 1 83 ? 11.57602  3.34382   -1.24637  1.000 31.94871 ? 82  PHE B O   1 
ATOM   1230 C CB  . PHE B 1 83 ? 11.30137  0.33458   -1.09006  1.000 26.30143 ? 82  PHE B CB  1 
ATOM   1231 C CG  . PHE B 1 83 ? 12.33420  0.14178   -0.00355  1.000 24.28762 ? 82  PHE B CG  1 
ATOM   1232 C CD1 . PHE B 1 83 ? 12.03771  -0.58563  1.13937   1.000 25.36889 ? 82  PHE B CD1 1 
ATOM   1233 C CD2 . PHE B 1 83 ? 13.59087  0.72189   -0.12730  1.000 23.85958 ? 82  PHE B CD2 1 
ATOM   1234 C CE1 . PHE B 1 83 ? 12.99428  -0.74501  2.14943   1.000 24.39507 ? 82  PHE B CE1 1 
ATOM   1235 C CE2 . PHE B 1 83 ? 14.53767  0.57039   0.86601   1.000 24.92282 ? 82  PHE B CE2 1 
ATOM   1236 C CZ  . PHE B 1 83 ? 14.22762  -0.16782  2.01156   1.000 22.29268 ? 82  PHE B CZ  1 
ATOM   1237 N N   . VAL B 1 84 ? 10.80350  3.13037   0.85550   1.000 27.25138 ? 83  VAL B N   1 
ATOM   1238 C CA  . VAL B 1 84 ? 11.51352  4.30179   1.35071   1.000 31.66205 ? 83  VAL B CA  1 
ATOM   1239 C C   . VAL B 1 84 ? 12.59630  3.83407   2.31536   1.000 29.96047 ? 83  VAL B C   1 
ATOM   1240 O O   . VAL B 1 84 ? 12.32240  3.06525   3.24179   1.000 26.80117 ? 83  VAL B O   1 
ATOM   1241 C CB  . VAL B 1 84 ? 10.56192  5.32127   2.00413   1.000 37.42581 ? 83  VAL B CB  1 
ATOM   1242 C CG1 . VAL B 1 84 ? 9.83662   4.73062   3.19699   1.000 35.64773 ? 83  VAL B CG1 1 
ATOM   1243 C CG2 . VAL B 1 84 ? 11.33226  6.56016   2.40597   1.000 40.81828 ? 83  VAL B CG2 1 
ATOM   1244 N N   . GLU B 1 85 ? 13.82923  4.28131   2.07739   1.000 28.99400 ? 84  GLU B N   1 
ATOM   1245 C CA  . GLU B 1 85 ? 14.95930  3.91750   2.91881   1.000 26.10925 ? 84  GLU B CA  1 
ATOM   1246 C C   . GLU B 1 85 ? 14.86672  4.60690   4.27421   1.000 36.19709 ? 84  GLU B C   1 
ATOM   1247 O O   . GLU B 1 85 ? 14.59811  5.81020   4.35442   1.000 36.06129 ? 84  GLU B O   1 
ATOM   1248 C CB  . GLU B 1 85 ? 16.26456  4.29748   2.21485   1.000 34.53725 ? 84  GLU B CB  1 
ATOM   1249 C CG  . GLU B 1 85 ? 16.86347  3.19142   1.36235   1.000 37.57192 ? 84  GLU B CG  1 
ATOM   1250 C CD  . GLU B 1 85 ? 18.38189  3.30363   1.16800   1.000 34.33891 ? 84  GLU B CD  1 
ATOM   1251 O OE1 . GLU B 1 85 ? 19.15104  3.19410   2.14232   1.000 43.24384 ? 84  GLU B OE1 1 
ATOM   1252 O OE2 . GLU B 1 85 ? 18.80389  3.48554   0.00721   1.000 45.04892 ? 84  GLU B OE2 1 
ATOM   1253 N N   . LEU B 1 86 ? 15.07931  3.83629   5.33793   1.000 34.83982 ? 85  LEU B N   1 
ATOM   1254 C CA  . LEU B 1 86 ? 15.23079  4.36776   6.68824   1.000 37.64729 ? 85  LEU B CA  1 
ATOM   1255 C C   . LEU B 1 86 ? 16.63664  4.03977   7.17346   0.503 36.10965 ? 85  LEU B C   1 
ATOM   1256 O O   . LEU B 1 86 ? 17.34601  3.23993   6.55126   0.648 38.65346 ? 85  LEU B O   1 
ATOM   1257 C CB  . LEU B 1 86 ? 14.18918  3.77610   7.64348   1.000 32.63431 ? 85  LEU B CB  1 
ATOM   1258 C CG  . LEU B 1 86 ? 12.71924  3.91384   7.23870   1.000 32.89436 ? 85  LEU B CG  1 
ATOM   1259 C CD1 . LEU B 1 86 ? 11.86729  2.88040   7.97213   1.000 34.96699 ? 85  LEU B CD1 1 
ATOM   1260 C CD2 . LEU B 1 86 ? 12.20356  5.32531   7.51385   1.000 39.38457 ? 85  LEU B CD2 1 
ATOM   1261 O OXT . LEU B 1 86 ? 17.09552  4.55170   8.19186   0.670 36.00922 ? 85  LEU B OXT 1 
HETATM 1262 S S   . SO4 C 2 .  ? -0.33311  -0.80945  0.63510   0.860 31.89705 ? 101 SO4 A S   1 
HETATM 1263 O O1  . SO4 C 2 .  ? -0.59297  -1.76512  1.69919   0.860 32.60126 ? 101 SO4 A O1  1 
HETATM 1264 O O2  . SO4 C 2 .  ? 0.16472   -1.49719  -0.54510  0.860 30.98091 ? 101 SO4 A O2  1 
HETATM 1265 O O3  . SO4 C 2 .  ? -1.61322  -0.17155  0.29754   0.860 35.78621 ? 101 SO4 A O3  1 
HETATM 1266 O O4  . SO4 C 2 .  ? 0.60742   0.21492   1.07434   0.860 34.02146 ? 101 SO4 A O4  1 
HETATM 1267 O O   . HOH D 3 .  ? -14.65470 14.21267  0.14097   1.000 43.59625 ? 201 HOH A O   1 
HETATM 1268 O O   . HOH D 3 .  ? -8.96372  16.50336  -3.53107  1.000 39.15845 ? 202 HOH A O   1 
HETATM 1269 O O   . HOH D 3 .  ? -16.94824 10.56002  9.21781   1.000 46.80807 ? 203 HOH A O   1 
HETATM 1270 O O   . HOH D 3 .  ? -2.31698  -3.45336  1.87507   1.000 39.13895 ? 204 HOH A O   1 
HETATM 1271 O O   . HOH D 3 .  ? -29.50573 -1.15989  -5.64885  1.000 37.72889 ? 205 HOH A O   1 
HETATM 1272 O O   . HOH D 3 .  ? -12.12225 3.98342   11.02979  1.000 40.62014 ? 206 HOH A O   1 
HETATM 1273 O O   . HOH D 3 .  ? -9.23314  5.71456   -21.95999 1.000 45.79580 ? 207 HOH A O   1 
HETATM 1274 O O   . HOH D 3 .  ? -12.14991 8.31550   11.00402  1.000 46.03664 ? 208 HOH A O   1 
HETATM 1275 O O   . HOH D 3 .  ? -1.06559  -2.63648  -2.43427  1.000 38.20335 ? 209 HOH A O   1 
HETATM 1276 O O   . HOH D 3 .  ? -3.40182  20.12917  -8.48436  1.000 41.07212 ? 210 HOH A O   1 
HETATM 1277 O O   . HOH D 3 .  ? -23.36093 6.19154   5.47429   1.000 33.07676 ? 211 HOH A O   1 
HETATM 1278 O O   . HOH D 3 .  ? -10.27076 -5.50112  -7.33585  1.000 43.30890 ? 212 HOH A O   1 
HETATM 1279 O O   . HOH D 3 .  ? -7.95903  -4.65976  -10.02558 1.000 34.45871 ? 213 HOH A O   1 
HETATM 1280 O O   . HOH D 3 .  ? -25.46650 -1.68887  -4.40618  1.000 33.38171 ? 214 HOH A O   1 
HETATM 1281 O O   . HOH D 3 .  ? -22.16848 -0.27469  -9.36757  1.000 40.10001 ? 215 HOH A O   1 
HETATM 1282 O O   . HOH D 3 .  ? -13.19150 -2.76727  -7.23362  1.000 26.44347 ? 216 HOH A O   1 
HETATM 1283 O O   . HOH D 3 .  ? -16.03662 12.70094  5.61245   1.000 37.70403 ? 217 HOH A O   1 
HETATM 1284 O O   . HOH D 3 .  ? -13.49767 -4.27895  -14.65035 1.000 35.20140 ? 218 HOH A O   1 
HETATM 1285 O O   . HOH D 3 .  ? -27.00422 10.47388  -4.91897  1.000 38.30971 ? 219 HOH A O   1 
HETATM 1286 O O   . HOH D 3 .  ? -2.58904  15.36941  -13.52712 1.000 47.16212 ? 220 HOH A O   1 
HETATM 1287 O O   . HOH D 3 .  ? -12.52186 6.43449   -21.45969 1.000 46.99683 ? 221 HOH A O   1 
HETATM 1288 O O   . HOH D 3 .  ? -13.31344 -3.95406  -4.80830  1.000 38.53785 ? 222 HOH A O   1 
HETATM 1289 O O   . HOH D 3 .  ? -19.90068 1.85477   -13.40422 1.000 27.59337 ? 223 HOH A O   1 
HETATM 1290 O O   . HOH D 3 .  ? -7.78379  2.04426   -8.83982  1.000 24.63453 ? 224 HOH A O   1 
HETATM 1291 O O   . HOH D 3 .  ? -5.21495  1.57589   -9.26261  1.000 30.91877 ? 225 HOH A O   1 
HETATM 1292 O O   . HOH D 3 .  ? -17.65961 0.03961   -14.92825 1.000 31.21872 ? 226 HOH A O   1 
HETATM 1293 O O   . HOH D 3 .  ? -18.31890 -4.38548  4.65656   1.000 40.87744 ? 227 HOH A O   1 
HETATM 1294 O O   . HOH D 3 .  ? -9.28556  -3.66387  -14.79952 1.000 44.01684 ? 228 HOH A O   1 
HETATM 1295 O O   . HOH D 3 .  ? -12.07030 14.49651  -17.87314 1.000 40.33483 ? 229 HOH A O   1 
HETATM 1296 O O   . HOH D 3 .  ? -1.17280  9.31057   -12.99583 1.000 38.75475 ? 230 HOH A O   1 
HETATM 1297 O O   . HOH D 3 .  ? -2.49519  -2.36845  -5.38928  1.000 35.81316 ? 231 HOH A O   1 
HETATM 1298 O O   . HOH D 3 .  ? -3.96638  4.95589   3.71633   1.000 41.51225 ? 232 HOH A O   1 
HETATM 1299 O O   . HOH D 3 .  ? -28.69345 2.32919   3.92396   1.000 32.34465 ? 233 HOH A O   1 
HETATM 1300 O O   . HOH D 3 .  ? -13.03593 9.22245   -19.33894 1.000 48.78487 ? 234 HOH A O   1 
HETATM 1301 O O   . HOH D 3 .  ? -12.23152 -5.87351  2.38314   1.000 37.39692 ? 235 HOH A O   1 
HETATM 1302 O O   . HOH D 3 .  ? -13.63578 -8.07615  0.53206   1.000 41.51103 ? 236 HOH A O   1 
HETATM 1303 O O   . HOH D 3 .  ? -7.30876  -0.27871  -15.32904 1.000 38.10909 ? 237 HOH A O   1 
HETATM 1304 O O   . HOH D 3 .  ? -22.29466 10.85749  -0.64354  1.000 32.81477 ? 238 HOH A O   1 
HETATM 1305 O O   . HOH D 3 .  ? -22.63431 10.26580  -9.43450  1.000 36.71710 ? 239 HOH A O   1 
HETATM 1306 O O   . HOH D 3 .  ? -22.72276 -0.68700  -4.40465  1.000 38.41707 ? 240 HOH A O   1 
HETATM 1307 O O   . HOH D 3 .  ? -10.84128 -8.42297  2.06102   1.000 42.68741 ? 241 HOH A O   1 
HETATM 1308 O O   . HOH D 3 .  ? -25.90432 3.77022   -10.95172 1.000 37.67726 ? 242 HOH A O   1 
HETATM 1309 O O   . HOH D 3 .  ? -16.52979 -3.99313  -3.29258  1.000 37.57831 ? 243 HOH A O   1 
HETATM 1310 O O   . HOH D 3 .  ? -20.72407 -3.54565  1.66527   1.000 34.87774 ? 244 HOH A O   1 
HETATM 1311 O O   . HOH D 3 .  ? -1.69788  14.52559  -7.68969  1.000 37.02842 ? 245 HOH A O   1 
HETATM 1312 O O   . HOH D 3 .  ? -16.79331 11.61031  -8.85221  1.000 41.51997 ? 246 HOH A O   1 
HETATM 1313 O O   . HOH D 3 .  ? 0.69243   18.14961  -12.91996 1.000 49.76387 ? 247 HOH A O   1 
HETATM 1314 O O   . HOH D 3 .  ? -4.67357  5.89701   1.19486   1.000 37.52061 ? 248 HOH A O   1 
HETATM 1315 O O   . HOH D 3 .  ? -16.05784 12.59780  -3.62911  1.000 36.09472 ? 249 HOH A O   1 
HETATM 1316 O O   . HOH D 3 .  ? -16.28449 -3.27532  -13.80705 1.000 43.66888 ? 250 HOH A O   1 
HETATM 1317 O O   . HOH D 3 .  ? -4.84364  9.24429   -16.37637 1.000 44.59655 ? 251 HOH A O   1 
HETATM 1318 O O   . HOH D 3 .  ? -18.22090 13.03099  -0.83392  1.000 35.72417 ? 252 HOH A O   1 
HETATM 1319 O O   . HOH D 3 .  ? -7.91744  -8.73306  -2.93838  1.000 48.78113 ? 253 HOH A O   1 
HETATM 1320 O O   . HOH D 3 .  ? -19.94112 -3.75789  -6.89458  1.000 42.60724 ? 254 HOH A O   1 
HETATM 1321 O O   . HOH D 3 .  ? -18.31223 13.28438  -10.11120 1.000 46.74994 ? 255 HOH A O   1 
HETATM 1322 O O   . HOH D 3 .  ? -17.73173 9.37035   -19.75116 1.000 34.75138 ? 256 HOH A O   1 
HETATM 1323 O O   . HOH D 3 .  ? -19.26872 7.91401   9.56137   1.000 37.71129 ? 257 HOH A O   1 
HETATM 1324 O O   . HOH D 3 .  ? -16.88990 6.35113   -19.94767 1.000 39.23870 ? 258 HOH A O   1 
HETATM 1325 O O   . HOH D 3 .  ? -7.93111  12.48171  -20.96221 1.000 47.90999 ? 259 HOH A O   1 
HETATM 1326 O O   . HOH D 3 .  ? -22.85103 6.52029   9.50961   1.000 42.24040 ? 260 HOH A O   1 
HETATM 1327 O O   . HOH D 3 .  ? -4.43297  6.66707   -18.24946 1.000 44.20284 ? 261 HOH A O   1 
HETATM 1328 O O   . HOH D 3 .  ? -4.09800  12.56424  -14.97147 1.000 45.63773 ? 262 HOH A O   1 
HETATM 1329 O O   . HOH D 3 .  ? -3.01567  -7.39343  4.01544   1.000 48.72948 ? 263 HOH A O   1 
HETATM 1330 O O   . HOH D 3 .  ? -19.14491 16.34612  -16.04816 1.000 46.90095 ? 264 HOH A O   1 
HETATM 1331 O O   . HOH D 3 .  ? -13.62426 4.39334   -22.53383 1.000 43.78006 ? 265 HOH A O   1 
HETATM 1332 O O   . HOH D 3 .  ? -20.66628 8.33330   7.24055   1.000 39.39775 ? 266 HOH A O   1 
HETATM 1333 O O   . HOH D 3 .  ? -4.65121  -0.11876  -13.88076 1.000 45.44505 ? 267 HOH A O   1 
HETATM 1334 O O   . HOH D 3 .  ? -22.11430 4.23124   -17.10403 1.000 41.26470 ? 268 HOH A O   1 
HETATM 1335 O O   . HOH D 3 .  ? -19.47379 -5.34456  -0.11054  1.000 42.75780 ? 269 HOH A O   1 
HETATM 1336 O O   . HOH D 3 .  ? -27.01177 7.47907   3.39779   1.000 47.69084 ? 270 HOH A O   1 
HETATM 1337 O O   . HOH D 3 .  ? -1.52994  -5.48518  3.67435   1.000 45.17282 ? 271 HOH A O   1 
HETATM 1338 O O   . HOH D 3 .  ? -29.38384 6.25758   3.99092   1.000 51.06926 ? 272 HOH A O   1 
HETATM 1339 O O   . HOH D 3 .  ? -21.06951 13.68104  -0.81073  1.000 41.19056 ? 273 HOH A O   1 
HETATM 1340 O O   . HOH D 3 .  ? -6.72160  9.79627   -21.04266 1.000 49.72907 ? 274 HOH A O   1 
HETATM 1341 O O   . HOH D 3 .  ? -2.64582  16.69846  -6.32674  1.000 39.82373 ? 275 HOH A O   1 
HETATM 1342 O O   . HOH D 3 .  ? -13.59156 -6.36468  -10.52395 1.000 47.70960 ? 276 HOH A O   1 
HETATM 1343 O O   . HOH D 3 .  ? -15.22433 -4.77511  -11.11921 1.000 47.67394 ? 277 HOH A O   1 
HETATM 1344 O O   . HOH D 3 .  ? -30.81059 3.17033   3.08315   1.000 46.81244 ? 278 HOH A O   1 
HETATM 1345 O O   . HOH D 3 .  ? -6.69183  -4.71539  -12.56280 1.000 40.57295 ? 279 HOH A O   1 
HETATM 1346 O O   . HOH D 3 .  ? -4.03159  0.98401   -11.81852 1.000 37.75845 ? 280 HOH A O   1 
HETATM 1347 O O   . HOH D 3 .  ? -15.62119 -8.77248  -2.40886  1.000 51.22249 ? 281 HOH A O   1 
HETATM 1348 O O   . HOH D 3 .  ? -15.64996 -2.60402  -8.52369  1.000 43.96262 ? 282 HOH A O   1 
HETATM 1349 O O   . HOH D 3 .  ? -20.50183 11.52958  -9.34724  1.000 41.98527 ? 283 HOH A O   1 
HETATM 1350 O O   . HOH D 3 .  ? -21.54246 1.97246   -15.74130 1.000 42.29964 ? 284 HOH A O   1 
HETATM 1351 O O   . HOH D 3 .  ? -10.82279 9.40110   -19.67182 1.000 51.23236 ? 285 HOH A O   1 
HETATM 1352 O O   . HOH D 3 .  ? -27.05293 4.01734   -12.97516 0.50  40.59644 ? 286 HOH A O   1 
HETATM 1353 O O   . HOH D 3 .  ? -22.65554 9.95406   7.20952   1.000 39.50474 ? 287 HOH A O   1 
HETATM 1354 O O   . HOH D 3 .  ? -3.63105  12.40537  3.93675   1.000 47.54324 ? 288 HOH A O   1 
HETATM 1355 O O   . HOH D 3 .  ? -4.33160  15.30583  -2.65388  1.000 48.47883 ? 289 HOH A O   1 
HETATM 1356 O O   . HOH D 3 .  ? -2.33579  9.78898   3.27355   1.000 51.10050 ? 290 HOH A O   1 
HETATM 1357 O O   . HOH E 3 .  ? 20.09109  4.83641   -1.22473  1.000 36.24380 ? 101 HOH B O   1 
HETATM 1358 O O   . HOH E 3 .  ? 12.94252  9.81920   0.86311   1.000 52.13609 ? 102 HOH B O   1 
HETATM 1359 O O   . HOH E 3 .  ? 13.35486  8.58798   17.25789  1.000 41.14993 ? 103 HOH B O   1 
HETATM 1360 O O   . HOH E 3 .  ? 22.84709  -17.32147 -1.93757  1.000 40.30196 ? 104 HOH B O   1 
HETATM 1361 O O   . HOH E 3 .  ? 12.67021  -11.92036 19.47628  1.000 43.85807 ? 105 HOH B O   1 
HETATM 1362 O O   . HOH E 3 .  ? 16.03677  6.06508   9.95684   1.000 43.04909 ? 106 HOH B O   1 
HETATM 1363 O O   . HOH E 3 .  ? 2.12886   -4.12602  11.87684  1.000 46.81594 ? 107 HOH B O   1 
HETATM 1364 O O   . HOH E 3 .  ? 12.53832  3.90794   -8.48973  1.000 36.66765 ? 108 HOH B O   1 
HETATM 1365 O O   . HOH E 3 .  ? 9.88357   -7.20260  -9.72899  1.000 41.39910 ? 109 HOH B O   1 
HETATM 1366 O O   . HOH E 3 .  ? 19.58045  -15.03403 -2.06285  1.000 34.99976 ? 110 HOH B O   1 
HETATM 1367 O O   . HOH E 3 .  ? 12.52036  -8.54061  -8.87191  1.000 40.02735 ? 111 HOH B O   1 
HETATM 1368 O O   . HOH E 3 .  ? 4.42173   -5.36738  9.12922   1.000 28.96497 ? 112 HOH B O   1 
HETATM 1369 O O   . HOH E 3 .  ? 9.62706   -11.40208 21.08015  1.000 45.63534 ? 113 HOH B O   1 
HETATM 1370 O O   . HOH E 3 .  ? 16.33556  -3.02584  -11.53139 1.000 46.30831 ? 114 HOH B O   1 
HETATM 1371 O O   . HOH E 3 .  ? 19.51837  5.31840   8.97059   1.000 44.70070 ? 115 HOH B O   1 
HETATM 1372 O O   . HOH E 3 .  ? 17.72210  -13.14961 -0.73857  1.000 35.62936 ? 116 HOH B O   1 
HETATM 1373 O O   . HOH E 3 .  ? 8.33540   -10.69935 0.59441   1.000 34.77748 ? 117 HOH B O   1 
HETATM 1374 O O   . HOH E 3 .  ? 10.88328  -11.85028 -0.94242  1.000 39.70947 ? 118 HOH B O   1 
HETATM 1375 O O   . HOH E 3 .  ? 22.77476  -3.39890  -6.23553  1.000 31.55052 ? 119 HOH B O   1 
HETATM 1376 O O   . HOH E 3 .  ? 3.16318   -11.50312 5.98320   1.000 34.45548 ? 120 HOH B O   1 
HETATM 1377 O O   . HOH E 3 .  ? 16.59494  -14.69776 8.76681   1.000 30.28988 ? 121 HOH B O   1 
HETATM 1378 O O   . HOH E 3 .  ? 7.73387   -16.35632 8.66025   1.000 34.35385 ? 122 HOH B O   1 
HETATM 1379 O O   . HOH E 3 .  ? 16.89156  8.18064   2.45730   1.000 48.93032 ? 123 HOH B O   1 
HETATM 1380 O O   . HOH E 3 .  ? 19.67128  5.64671   -6.20042  1.000 43.00946 ? 124 HOH B O   1 
HETATM 1381 O O   . HOH E 3 .  ? 24.81559  -9.51012  -8.07954  1.000 31.61990 ? 125 HOH B O   1 
HETATM 1382 O O   . HOH E 3 .  ? 8.78019   -11.25871 3.25635   1.000 26.51097 ? 126 HOH B O   1 
HETATM 1383 O O   . HOH E 3 .  ? 6.86444   -6.11236  8.31956   1.000 23.45651 ? 127 HOH B O   1 
HETATM 1384 O O   . HOH E 3 .  ? 13.86443  -15.61007 9.94315   1.000 31.33512 ? 128 HOH B O   1 
HETATM 1385 O O   . HOH E 3 .  ? 12.03924  0.71693   19.12929  1.000 40.77265 ? 129 HOH B O   1 
HETATM 1386 O O   . HOH E 3 .  ? 7.08186   3.32204   2.01795   1.000 40.33100 ? 130 HOH B O   1 
HETATM 1387 O O   . HOH E 3 .  ? 16.80747  -4.38757  20.63732  1.000 40.85049 ? 131 HOH B O   1 
HETATM 1388 O O   . HOH E 3 .  ? 6.43591   -7.69990  -5.95161  1.000 32.71090 ? 132 HOH B O   1 
HETATM 1389 O O   . HOH E 3 .  ? 22.49044  -1.45450  -9.79253  1.000 45.57332 ? 133 HOH B O   1 
HETATM 1390 O O   . HOH E 3 .  ? 0.52970   -5.39567  4.55679   1.000 36.36481 ? 134 HOH B O   1 
HETATM 1391 O O   . HOH E 3 .  ? 3.34260   -8.23083  12.77088  1.000 41.02647 ? 135 HOH B O   1 
HETATM 1392 O O   . HOH E 3 .  ? 3.38606   -13.79507 12.89309  1.000 42.43160 ? 136 HOH B O   1 
HETATM 1393 O O   . HOH E 3 .  ? 23.66868  -8.02979  8.30154   1.000 38.19953 ? 137 HOH B O   1 
HETATM 1394 O O   . HOH E 3 .  ? 20.25821  2.43900   4.69322   1.000 40.77631 ? 138 HOH B O   1 
HETATM 1395 O O   . HOH E 3 .  ? 4.31714   5.30198   -1.90579  1.000 45.54072 ? 139 HOH B O   1 
HETATM 1396 O O   . HOH E 3 .  ? 22.08954  0.46917   3.43861   1.000 35.91682 ? 140 HOH B O   1 
HETATM 1397 O O   . HOH E 3 .  ? 19.83709  -0.19911  6.35748   1.000 35.96104 ? 141 HOH B O   1 
HETATM 1398 O O   . HOH E 3 .  ? 22.77284  -15.06233 5.83272   1.000 35.16141 ? 142 HOH B O   1 
HETATM 1399 O O   . HOH E 3 .  ? -0.93438  -8.22980  -0.20149  1.000 44.52253 ? 143 HOH B O   1 
HETATM 1400 O O   . HOH E 3 .  ? 6.26311   -11.08949 -5.96266  1.000 41.54533 ? 144 HOH B O   1 
HETATM 1401 O O   . HOH E 3 .  ? 18.66738  -11.49478 18.10095  1.000 33.64553 ? 145 HOH B O   1 
HETATM 1402 O O   . HOH E 3 .  ? 17.63697  -12.95962 2.50010   1.000 35.42807 ? 146 HOH B O   1 
HETATM 1403 O O   . HOH E 3 .  ? 5.13681   -0.11255  16.96489  1.000 41.24750 ? 147 HOH B O   1 
HETATM 1404 O O   . HOH E 3 .  ? 8.72518   6.02455   14.41372  1.000 35.22720 ? 148 HOH B O   1 
HETATM 1405 O O   . HOH E 3 .  ? 4.99139   -10.77453 12.69831  1.000 35.06732 ? 149 HOH B O   1 
HETATM 1406 O O   . HOH E 3 .  ? 16.22395  -13.40412 17.58250  1.000 37.55584 ? 150 HOH B O   1 
HETATM 1407 O O   . HOH E 3 .  ? 10.93491  -16.46290 7.81634   1.000 40.81236 ? 151 HOH B O   1 
HETATM 1408 O O   . HOH E 3 .  ? 3.30392   -11.41785 16.37126  1.000 44.72646 ? 152 HOH B O   1 
HETATM 1409 O O   . HOH E 3 .  ? 13.55552  9.56315   -4.08638  1.000 48.58871 ? 153 HOH B O   1 
HETATM 1410 O O   . HOH E 3 .  ? 24.38220  -2.99032  1.22638   1.000 30.96688 ? 154 HOH B O   1 
HETATM 1411 O O   . HOH E 3 .  ? 19.91018  -4.10422  10.06759  1.000 45.40298 ? 155 HOH B O   1 
HETATM 1412 O O   . HOH E 3 .  ? 20.46799  1.98361   -7.69909  1.000 36.64570 ? 156 HOH B O   1 
HETATM 1413 O O   . HOH E 3 .  ? 18.64484  -7.42941  19.35332  1.000 43.94096 ? 157 HOH B O   1 
HETATM 1414 O O   . HOH E 3 .  ? 12.34810  -14.64808 19.11712  1.000 46.81226 ? 158 HOH B O   1 
HETATM 1415 O O   . HOH E 3 .  ? 15.29205  -10.68690 -6.81812  1.000 38.32497 ? 159 HOH B O   1 
HETATM 1416 O O   . HOH E 3 .  ? 1.59816   -12.84959 4.19511   1.000 51.41745 ? 160 HOH B O   1 
HETATM 1417 O O   . HOH E 3 .  ? 3.92371   -9.20684  -5.42488  1.000 44.73245 ? 161 HOH B O   1 
HETATM 1418 O O   . HOH E 3 .  ? 21.76040  0.38243   -5.78722  1.000 36.27872 ? 162 HOH B O   1 
HETATM 1419 O O   . HOH E 3 .  ? 9.53161   -0.46247  19.49171  1.000 44.57560 ? 163 HOH B O   1 
HETATM 1420 O O   . HOH E 3 .  ? 9.20555   2.58889   19.02557  1.000 49.77767 ? 164 HOH B O   1 
HETATM 1421 O O   . HOH E 3 .  ? 23.33982  -4.77544  6.26675   1.000 53.02538 ? 165 HOH B O   1 
HETATM 1422 O O   . HOH E 3 .  ? 0.46237   -7.46457  -2.65421  1.000 40.71238 ? 166 HOH B O   1 
HETATM 1423 O O   . HOH E 3 .  ? 27.06773  -6.80405  -5.14261  1.000 48.66380 ? 167 HOH B O   1 
HETATM 1424 O O   . HOH E 3 .  ? 12.76471  -12.46602 -5.72051  1.000 44.08144 ? 168 HOH B O   1 
HETATM 1425 O O   . HOH E 3 .  ? 12.88186  9.34355   3.37016   1.000 47.78991 ? 169 HOH B O   1 
HETATM 1426 O O   . HOH E 3 .  ? 26.40176  -4.64342  -4.44205  1.000 43.36722 ? 170 HOH B O   1 
HETATM 1427 O O   . HOH E 3 .  ? 14.48856  -8.19667  19.20273  1.000 42.62905 ? 171 HOH B O   1 
HETATM 1428 O O   . HOH E 3 .  ? -0.05579  -7.48553  6.42852   1.000 43.78964 ? 172 HOH B O   1 
HETATM 1429 O O   . HOH E 3 .  ? 24.85680  -15.09587 3.93944   1.000 38.46336 ? 173 HOH B O   1 
HETATM 1430 O O   . HOH E 3 .  ? 24.62209  -0.40646  3.04281   1.000 37.23081 ? 174 HOH B O   1 
HETATM 1431 O O   . HOH E 3 .  ? 13.39124  11.02575  -2.12456  1.000 52.50836 ? 175 HOH B O   1 
HETATM 1432 O O   . HOH E 3 .  ? 2.03336   -12.05056 8.47616   1.000 47.36217 ? 176 HOH B O   1 
HETATM 1433 O O   . HOH E 3 .  ? 11.05210  7.82301   13.99653  1.000 36.11211 ? 177 HOH B O   1 
HETATM 1434 O O   . HOH E 3 .  ? 27.02407  -10.84303 -7.66120  1.000 43.13614 ? 178 HOH B O   1 
HETATM 1435 O O   . HOH E 3 .  ? 2.96363   -6.61525  11.11535  1.000 38.87801 ? 179 HOH B O   1 
HETATM 1436 O O   . HOH E 3 .  ? 20.71929  -2.99626  7.02445   1.000 49.08590 ? 180 HOH B O   1 
HETATM 1437 O O   . HOH E 3 .  ? -2.21076  -5.56336  0.16165   1.000 39.23989 ? 181 HOH B O   1 
HETATM 1438 O O   . HOH E 3 .  ? -1.00422  -5.14041  -2.61526  1.000 44.42230 ? 182 HOH B O   1 
HETATM 1439 O O   . HOH E 3 .  ? 11.14441  -12.97841 3.91529   1.000 41.13600 ? 183 HOH B O   1 
HETATM 1440 O O   . HOH E 3 .  ? -3.01369  -10.00271 -0.52324  1.000 50.47751 ? 184 HOH B O   1 
HETATM 1441 O O   . HOH E 3 .  ? 18.00758  -15.55634 3.96253   1.000 41.00437 ? 185 HOH B O   1 
HETATM 1442 O O   . HOH E 3 .  ? 13.85292  -3.53034  -11.65209 1.000 49.93632 ? 186 HOH B O   1 
HETATM 1443 O O   . HOH E 3 .  ? 14.41299  -14.66497 6.68763   1.000 42.65876 ? 187 HOH B O   1 
HETATM 1444 O O   . HOH E 3 .  ? 23.78192  -16.46298 7.47711   0.50  40.42661 ? 188 HOH B O   1 
# 
